data_2JLJ
# 
_entry.id   2JLJ 
# 
_audit_conform.dict_name       mmcif_pdbx.dic 
_audit_conform.dict_version    5.391 
_audit_conform.dict_location   http://mmcif.pdb.org/dictionaries/ascii/mmcif_pdbx.dic 
# 
loop_
_database_2.database_id 
_database_2.database_code 
_database_2.pdbx_database_accession 
_database_2.pdbx_DOI 
PDB   2JLJ         pdb_00002jlj 10.2210/pdb2jlj/pdb 
PDBE  EBI-37203    ?            ?                   
WWPDB D_1290037203 ?            ?                   
# 
loop_
_pdbx_audit_revision_history.ordinal 
_pdbx_audit_revision_history.data_content_type 
_pdbx_audit_revision_history.major_revision 
_pdbx_audit_revision_history.minor_revision 
_pdbx_audit_revision_history.revision_date 
1 'Structure model' 1 0 2009-02-03 
2 'Structure model' 1 1 2011-07-13 
3 'Structure model' 1 2 2024-05-08 
# 
_pdbx_audit_revision_details.ordinal             1 
_pdbx_audit_revision_details.revision_ordinal    1 
_pdbx_audit_revision_details.data_content_type   'Structure model' 
_pdbx_audit_revision_details.provider            repository 
_pdbx_audit_revision_details.type                'Initial release' 
_pdbx_audit_revision_details.description         ? 
_pdbx_audit_revision_details.details             ? 
# 
loop_
_pdbx_audit_revision_group.ordinal 
_pdbx_audit_revision_group.revision_ordinal 
_pdbx_audit_revision_group.data_content_type 
_pdbx_audit_revision_group.group 
1 2 'Structure model' Advisory                    
2 2 'Structure model' 'Version format compliance' 
3 3 'Structure model' 'Data collection'           
4 3 'Structure model' 'Database references'       
5 3 'Structure model' 'Derived calculations'      
6 3 'Structure model' Other                       
# 
loop_
_pdbx_audit_revision_category.ordinal 
_pdbx_audit_revision_category.revision_ordinal 
_pdbx_audit_revision_category.data_content_type 
_pdbx_audit_revision_category.category 
1 3 'Structure model' chem_comp_atom               
2 3 'Structure model' chem_comp_bond               
3 3 'Structure model' database_2                   
4 3 'Structure model' pdbx_database_status         
5 3 'Structure model' pdbx_struct_special_symmetry 
# 
loop_
_pdbx_audit_revision_item.ordinal 
_pdbx_audit_revision_item.revision_ordinal 
_pdbx_audit_revision_item.data_content_type 
_pdbx_audit_revision_item.item 
1 3 'Structure model' '_database_2.pdbx_DOI'                 
2 3 'Structure model' '_database_2.pdbx_database_accession'  
3 3 'Structure model' '_pdbx_database_status.status_code_sf' 
# 
_pdbx_database_status.status_code                     REL 
_pdbx_database_status.entry_id                        2JLJ 
_pdbx_database_status.deposit_site                    PDBE 
_pdbx_database_status.process_site                    PDBE 
_pdbx_database_status.SG_entry                        . 
_pdbx_database_status.recvd_initial_deposition_date   2008-09-09 
_pdbx_database_status.pdb_format_compatible           Y 
_pdbx_database_status.status_code_sf                  REL 
_pdbx_database_status.status_code_mr                  ? 
_pdbx_database_status.status_code_cs                  ? 
_pdbx_database_status.methods_development_category    ? 
_pdbx_database_status.status_code_nmr_data            ? 
# 
loop_
_pdbx_database_related.db_name 
_pdbx_database_related.db_id 
_pdbx_database_related.content_type 
_pdbx_database_related.details 
PDB 2JLI unspecified 
'ATOMIC RESOLUTION STRUCTURE OF THE CYTOPLASMIC DOMAIN OF YERSINIA PESTIS YSCU, A REGULATORY SWITCH INVOLVED IN TYPE III SECRETION' 
PDB 2JLH unspecified 'CRYSTAL STRUCTURE OF THE CYTOPLASMIC DOMAIN OF YERSINIA PESTIS YSCU N263A MUTANT' 
# 
loop_
_audit_author.name 
_audit_author.pdbx_ordinal 
'Lountos, G.T.'   1 
'Austin, B.P.'    2 
'Nallamsetty, S.' 3 
'Waugh, D.S.'     4 
# 
_citation.id                        primary 
_citation.title                     
'Atomic Resolution Structure of the Cytoplasmic Domain of Yersinia Pestis Yscu, a Regulatory Switch Involved in Type III Secretion.' 
_citation.journal_abbrev            'Protein Sci.' 
_citation.journal_volume            18 
_citation.page_first                467 
_citation.page_last                 ? 
_citation.year                      2009 
_citation.journal_id_ASTM           PRCIEI 
_citation.country                   US 
_citation.journal_id_ISSN           0961-8368 
_citation.journal_id_CSD            0795 
_citation.book_publisher            ? 
_citation.pdbx_database_id_PubMed   19165725 
_citation.pdbx_database_id_DOI      10.1002/PRO.56 
# 
loop_
_citation_author.citation_id 
_citation_author.name 
_citation_author.ordinal 
_citation_author.identifier_ORCID 
primary 'Lountos, G.T.'   1 ? 
primary 'Austin, B.P.'    2 ? 
primary 'Nallamsetty, S.' 3 ? 
primary 'Waugh, D.S.'     4 ? 
# 
loop_
_entity.id 
_entity.type 
_entity.src_method 
_entity.pdbx_description 
_entity.formula_weight 
_entity.pdbx_number_of_molecules 
_entity.pdbx_ec 
_entity.pdbx_mutation 
_entity.pdbx_fragment 
_entity.details 
1 polymer man 'YOP PROTEINS TRANSLOCATION PROTEIN U' 16881.467 1   ? YES 'CYTOPLASMIC DOMAIN, RESIDUES 211-354' ? 
2 water   nat water                                  18.015    172 ? ?   ?                                      ? 
# 
_entity_name_com.entity_id   1 
_entity_name_com.name        YSCU 
# 
_entity_poly.entity_id                      1 
_entity_poly.type                           'polypeptide(L)' 
_entity_poly.nstd_linkage                   no 
_entity_poly.nstd_monomer                   no 
_entity_poly.pdbx_seq_one_letter_code       
;IKELKMSKDEIKREYKEMEGSPEIKSKRRQFHQEIQSRNMRENVKRSSVVVAAATHIAIGILYKRGETPLPLVTFKYTDA
QVQTVRKIAEEEGVPILQRIPLARALYWDALVDHYIPAEQIEATAEVLRWLERQNIEKQHSEML
;
_entity_poly.pdbx_seq_one_letter_code_can   
;IKELKMSKDEIKREYKEMEGSPEIKSKRRQFHQEIQSRNMRENVKRSSVVVAAATHIAIGILYKRGETPLPLVTFKYTDA
QVQTVRKIAEEEGVPILQRIPLARALYWDALVDHYIPAEQIEATAEVLRWLERQNIEKQHSEML
;
_entity_poly.pdbx_strand_id                 A 
_entity_poly.pdbx_target_identifier         ? 
# 
_pdbx_entity_nonpoly.entity_id   2 
_pdbx_entity_nonpoly.name        water 
_pdbx_entity_nonpoly.comp_id     HOH 
# 
loop_
_entity_poly_seq.entity_id 
_entity_poly_seq.num 
_entity_poly_seq.mon_id 
_entity_poly_seq.hetero 
1 1   ILE n 
1 2   LYS n 
1 3   GLU n 
1 4   LEU n 
1 5   LYS n 
1 6   MET n 
1 7   SER n 
1 8   LYS n 
1 9   ASP n 
1 10  GLU n 
1 11  ILE n 
1 12  LYS n 
1 13  ARG n 
1 14  GLU n 
1 15  TYR n 
1 16  LYS n 
1 17  GLU n 
1 18  MET n 
1 19  GLU n 
1 20  GLY n 
1 21  SER n 
1 22  PRO n 
1 23  GLU n 
1 24  ILE n 
1 25  LYS n 
1 26  SER n 
1 27  LYS n 
1 28  ARG n 
1 29  ARG n 
1 30  GLN n 
1 31  PHE n 
1 32  HIS n 
1 33  GLN n 
1 34  GLU n 
1 35  ILE n 
1 36  GLN n 
1 37  SER n 
1 38  ARG n 
1 39  ASN n 
1 40  MET n 
1 41  ARG n 
1 42  GLU n 
1 43  ASN n 
1 44  VAL n 
1 45  LYS n 
1 46  ARG n 
1 47  SER n 
1 48  SER n 
1 49  VAL n 
1 50  VAL n 
1 51  VAL n 
1 52  ALA n 
1 53  ALA n 
1 54  ALA n 
1 55  THR n 
1 56  HIS n 
1 57  ILE n 
1 58  ALA n 
1 59  ILE n 
1 60  GLY n 
1 61  ILE n 
1 62  LEU n 
1 63  TYR n 
1 64  LYS n 
1 65  ARG n 
1 66  GLY n 
1 67  GLU n 
1 68  THR n 
1 69  PRO n 
1 70  LEU n 
1 71  PRO n 
1 72  LEU n 
1 73  VAL n 
1 74  THR n 
1 75  PHE n 
1 76  LYS n 
1 77  TYR n 
1 78  THR n 
1 79  ASP n 
1 80  ALA n 
1 81  GLN n 
1 82  VAL n 
1 83  GLN n 
1 84  THR n 
1 85  VAL n 
1 86  ARG n 
1 87  LYS n 
1 88  ILE n 
1 89  ALA n 
1 90  GLU n 
1 91  GLU n 
1 92  GLU n 
1 93  GLY n 
1 94  VAL n 
1 95  PRO n 
1 96  ILE n 
1 97  LEU n 
1 98  GLN n 
1 99  ARG n 
1 100 ILE n 
1 101 PRO n 
1 102 LEU n 
1 103 ALA n 
1 104 ARG n 
1 105 ALA n 
1 106 LEU n 
1 107 TYR n 
1 108 TRP n 
1 109 ASP n 
1 110 ALA n 
1 111 LEU n 
1 112 VAL n 
1 113 ASP n 
1 114 HIS n 
1 115 TYR n 
1 116 ILE n 
1 117 PRO n 
1 118 ALA n 
1 119 GLU n 
1 120 GLN n 
1 121 ILE n 
1 122 GLU n 
1 123 ALA n 
1 124 THR n 
1 125 ALA n 
1 126 GLU n 
1 127 VAL n 
1 128 LEU n 
1 129 ARG n 
1 130 TRP n 
1 131 LEU n 
1 132 GLU n 
1 133 ARG n 
1 134 GLN n 
1 135 ASN n 
1 136 ILE n 
1 137 GLU n 
1 138 LYS n 
1 139 GLN n 
1 140 HIS n 
1 141 SER n 
1 142 GLU n 
1 143 MET n 
1 144 LEU n 
# 
_entity_src_gen.entity_id                          1 
_entity_src_gen.pdbx_src_id                        1 
_entity_src_gen.pdbx_alt_source_flag               sample 
_entity_src_gen.pdbx_seq_type                      ? 
_entity_src_gen.pdbx_beg_seq_num                   ? 
_entity_src_gen.pdbx_end_seq_num                   ? 
_entity_src_gen.gene_src_common_name               ? 
_entity_src_gen.gene_src_genus                     ? 
_entity_src_gen.pdbx_gene_src_gene                 ? 
_entity_src_gen.gene_src_species                   ? 
_entity_src_gen.gene_src_strain                    ? 
_entity_src_gen.gene_src_tissue                    ? 
_entity_src_gen.gene_src_tissue_fraction           ? 
_entity_src_gen.gene_src_details                   ? 
_entity_src_gen.pdbx_gene_src_fragment             ? 
_entity_src_gen.pdbx_gene_src_scientific_name      'YERSINIA PESTIS' 
_entity_src_gen.pdbx_gene_src_ncbi_taxonomy_id     632 
_entity_src_gen.pdbx_gene_src_variant              ? 
_entity_src_gen.pdbx_gene_src_cell_line            ? 
_entity_src_gen.pdbx_gene_src_atcc                 ? 
_entity_src_gen.pdbx_gene_src_organ                ? 
_entity_src_gen.pdbx_gene_src_organelle            ? 
_entity_src_gen.pdbx_gene_src_cell                 ? 
_entity_src_gen.pdbx_gene_src_cellular_location    ? 
_entity_src_gen.host_org_common_name               ? 
_entity_src_gen.pdbx_host_org_scientific_name      'ESCHERICHIA COLI' 
_entity_src_gen.pdbx_host_org_ncbi_taxonomy_id     469008 
_entity_src_gen.host_org_genus                     ? 
_entity_src_gen.pdbx_host_org_gene                 ? 
_entity_src_gen.pdbx_host_org_organ                ? 
_entity_src_gen.host_org_species                   ? 
_entity_src_gen.pdbx_host_org_tissue               ? 
_entity_src_gen.pdbx_host_org_tissue_fraction      ? 
_entity_src_gen.pdbx_host_org_strain               'BL21(DE3)' 
_entity_src_gen.pdbx_host_org_variant              ? 
_entity_src_gen.pdbx_host_org_cell_line            ? 
_entity_src_gen.pdbx_host_org_atcc                 ? 
_entity_src_gen.pdbx_host_org_culture_collection   ? 
_entity_src_gen.pdbx_host_org_cell                 ? 
_entity_src_gen.pdbx_host_org_organelle            ? 
_entity_src_gen.pdbx_host_org_cellular_location    ? 
_entity_src_gen.pdbx_host_org_vector_type          ? 
_entity_src_gen.pdbx_host_org_vector               ? 
_entity_src_gen.host_org_details                   ? 
_entity_src_gen.expression_system_id               ? 
_entity_src_gen.plasmid_name                       PSN2006 
_entity_src_gen.plasmid_details                    ? 
_entity_src_gen.pdbx_description                   ? 
# 
loop_
_chem_comp.id 
_chem_comp.type 
_chem_comp.mon_nstd_flag 
_chem_comp.name 
_chem_comp.pdbx_synonyms 
_chem_comp.formula 
_chem_comp.formula_weight 
ALA 'L-peptide linking' y ALANINE         ? 'C3 H7 N O2'     89.093  
ARG 'L-peptide linking' y ARGININE        ? 'C6 H15 N4 O2 1' 175.209 
ASN 'L-peptide linking' y ASPARAGINE      ? 'C4 H8 N2 O3'    132.118 
ASP 'L-peptide linking' y 'ASPARTIC ACID' ? 'C4 H7 N O4'     133.103 
GLN 'L-peptide linking' y GLUTAMINE       ? 'C5 H10 N2 O3'   146.144 
GLU 'L-peptide linking' y 'GLUTAMIC ACID' ? 'C5 H9 N O4'     147.129 
GLY 'peptide linking'   y GLYCINE         ? 'C2 H5 N O2'     75.067  
HIS 'L-peptide linking' y HISTIDINE       ? 'C6 H10 N3 O2 1' 156.162 
HOH non-polymer         . WATER           ? 'H2 O'           18.015  
ILE 'L-peptide linking' y ISOLEUCINE      ? 'C6 H13 N O2'    131.173 
LEU 'L-peptide linking' y LEUCINE         ? 'C6 H13 N O2'    131.173 
LYS 'L-peptide linking' y LYSINE          ? 'C6 H15 N2 O2 1' 147.195 
MET 'L-peptide linking' y METHIONINE      ? 'C5 H11 N O2 S'  149.211 
PHE 'L-peptide linking' y PHENYLALANINE   ? 'C9 H11 N O2'    165.189 
PRO 'L-peptide linking' y PROLINE         ? 'C5 H9 N O2'     115.130 
SER 'L-peptide linking' y SERINE          ? 'C3 H7 N O3'     105.093 
THR 'L-peptide linking' y THREONINE       ? 'C4 H9 N O3'     119.119 
TRP 'L-peptide linking' y TRYPTOPHAN      ? 'C11 H12 N2 O2'  204.225 
TYR 'L-peptide linking' y TYROSINE        ? 'C9 H11 N O3'    181.189 
VAL 'L-peptide linking' y VALINE          ? 'C5 H11 N O2'    117.146 
# 
loop_
_pdbx_poly_seq_scheme.asym_id 
_pdbx_poly_seq_scheme.entity_id 
_pdbx_poly_seq_scheme.seq_id 
_pdbx_poly_seq_scheme.mon_id 
_pdbx_poly_seq_scheme.ndb_seq_num 
_pdbx_poly_seq_scheme.pdb_seq_num 
_pdbx_poly_seq_scheme.auth_seq_num 
_pdbx_poly_seq_scheme.pdb_mon_id 
_pdbx_poly_seq_scheme.auth_mon_id 
_pdbx_poly_seq_scheme.pdb_strand_id 
_pdbx_poly_seq_scheme.pdb_ins_code 
_pdbx_poly_seq_scheme.hetero 
A 1 1   ILE 1   211 ?   ?   ?   A . n 
A 1 2   LYS 2   212 ?   ?   ?   A . n 
A 1 3   GLU 3   213 ?   ?   ?   A . n 
A 1 4   LEU 4   214 ?   ?   ?   A . n 
A 1 5   LYS 5   215 ?   ?   ?   A . n 
A 1 6   MET 6   216 ?   ?   ?   A . n 
A 1 7   SER 7   217 ?   ?   ?   A . n 
A 1 8   LYS 8   218 ?   ?   ?   A . n 
A 1 9   ASP 9   219 ?   ?   ?   A . n 
A 1 10  GLU 10  220 ?   ?   ?   A . n 
A 1 11  ILE 11  221 ?   ?   ?   A . n 
A 1 12  LYS 12  222 ?   ?   ?   A . n 
A 1 13  ARG 13  223 ?   ?   ?   A . n 
A 1 14  GLU 14  224 ?   ?   ?   A . n 
A 1 15  TYR 15  225 ?   ?   ?   A . n 
A 1 16  LYS 16  226 ?   ?   ?   A . n 
A 1 17  GLU 17  227 ?   ?   ?   A . n 
A 1 18  MET 18  228 ?   ?   ?   A . n 
A 1 19  GLU 19  229 ?   ?   ?   A . n 
A 1 20  GLY 20  230 230 GLY GLY A . n 
A 1 21  SER 21  231 231 SER SER A . n 
A 1 22  PRO 22  232 232 PRO PRO A . n 
A 1 23  GLU 23  233 233 GLU GLU A . n 
A 1 24  ILE 24  234 234 ILE ILE A . n 
A 1 25  LYS 25  235 235 LYS LYS A . n 
A 1 26  SER 26  236 236 SER SER A . n 
A 1 27  LYS 27  237 237 LYS LYS A . n 
A 1 28  ARG 28  238 238 ARG ARG A . n 
A 1 29  ARG 29  239 239 ARG ARG A . n 
A 1 30  GLN 30  240 240 GLN GLN A . n 
A 1 31  PHE 31  241 241 PHE PHE A . n 
A 1 32  HIS 32  242 242 HIS HIS A . n 
A 1 33  GLN 33  243 243 GLN GLN A . n 
A 1 34  GLU 34  244 244 GLU GLU A . n 
A 1 35  ILE 35  245 245 ILE ILE A . n 
A 1 36  GLN 36  246 246 GLN GLN A . n 
A 1 37  SER 37  247 247 SER SER A . n 
A 1 38  ARG 38  248 248 ARG ARG A . n 
A 1 39  ASN 39  249 249 ASN ASN A . n 
A 1 40  MET 40  250 250 MET MET A . n 
A 1 41  ARG 41  251 251 ARG ARG A . n 
A 1 42  GLU 42  252 252 GLU GLU A . n 
A 1 43  ASN 43  253 253 ASN ASN A . n 
A 1 44  VAL 44  254 254 VAL VAL A . n 
A 1 45  LYS 45  255 255 LYS LYS A . n 
A 1 46  ARG 46  256 256 ARG ARG A . n 
A 1 47  SER 47  257 257 SER SER A . n 
A 1 48  SER 48  258 258 SER SER A . n 
A 1 49  VAL 49  259 259 VAL VAL A . n 
A 1 50  VAL 50  260 260 VAL VAL A . n 
A 1 51  VAL 51  261 261 VAL VAL A . n 
A 1 52  ALA 52  262 262 ALA ALA A . n 
A 1 53  ALA 53  263 263 ALA ALA A . n 
A 1 54  ALA 54  264 264 ALA ALA A . n 
A 1 55  THR 55  265 265 THR THR A . n 
A 1 56  HIS 56  266 266 HIS HIS A . n 
A 1 57  ILE 57  267 267 ILE ILE A . n 
A 1 58  ALA 58  268 268 ALA ALA A . n 
A 1 59  ILE 59  269 269 ILE ILE A . n 
A 1 60  GLY 60  270 270 GLY GLY A . n 
A 1 61  ILE 61  271 271 ILE ILE A . n 
A 1 62  LEU 62  272 272 LEU LEU A . n 
A 1 63  TYR 63  273 273 TYR TYR A . n 
A 1 64  LYS 64  274 274 LYS LYS A . n 
A 1 65  ARG 65  275 275 ARG ARG A . n 
A 1 66  GLY 66  276 276 GLY GLY A . n 
A 1 67  GLU 67  277 277 GLU GLU A . n 
A 1 68  THR 68  278 278 THR THR A . n 
A 1 69  PRO 69  279 279 PRO PRO A . n 
A 1 70  LEU 70  280 280 LEU LEU A . n 
A 1 71  PRO 71  281 281 PRO PRO A . n 
A 1 72  LEU 72  282 282 LEU LEU A . n 
A 1 73  VAL 73  283 283 VAL VAL A . n 
A 1 74  THR 74  284 284 THR THR A . n 
A 1 75  PHE 75  285 285 PHE PHE A . n 
A 1 76  LYS 76  286 286 LYS LYS A . n 
A 1 77  TYR 77  287 287 TYR TYR A . n 
A 1 78  THR 78  288 288 THR THR A . n 
A 1 79  ASP 79  289 289 ASP ASP A . n 
A 1 80  ALA 80  290 290 ALA ALA A . n 
A 1 81  GLN 81  291 291 GLN GLN A . n 
A 1 82  VAL 82  292 292 VAL VAL A . n 
A 1 83  GLN 83  293 293 GLN GLN A . n 
A 1 84  THR 84  294 294 THR THR A . n 
A 1 85  VAL 85  295 295 VAL VAL A . n 
A 1 86  ARG 86  296 296 ARG ARG A . n 
A 1 87  LYS 87  297 297 LYS LYS A . n 
A 1 88  ILE 88  298 298 ILE ILE A . n 
A 1 89  ALA 89  299 299 ALA ALA A . n 
A 1 90  GLU 90  300 300 GLU GLU A . n 
A 1 91  GLU 91  301 301 GLU GLU A . n 
A 1 92  GLU 92  302 302 GLU GLU A . n 
A 1 93  GLY 93  303 303 GLY GLY A . n 
A 1 94  VAL 94  304 304 VAL VAL A . n 
A 1 95  PRO 95  305 305 PRO PRO A . n 
A 1 96  ILE 96  306 306 ILE ILE A . n 
A 1 97  LEU 97  307 307 LEU LEU A . n 
A 1 98  GLN 98  308 308 GLN GLN A . n 
A 1 99  ARG 99  309 309 ARG ARG A . n 
A 1 100 ILE 100 310 310 ILE ILE A . n 
A 1 101 PRO 101 311 311 PRO PRO A . n 
A 1 102 LEU 102 312 312 LEU LEU A . n 
A 1 103 ALA 103 313 313 ALA ALA A . n 
A 1 104 ARG 104 314 314 ARG ARG A . n 
A 1 105 ALA 105 315 315 ALA ALA A . n 
A 1 106 LEU 106 316 316 LEU LEU A . n 
A 1 107 TYR 107 317 317 TYR TYR A . n 
A 1 108 TRP 108 318 318 TRP TRP A . n 
A 1 109 ASP 109 319 319 ASP ASP A . n 
A 1 110 ALA 110 320 320 ALA ALA A . n 
A 1 111 LEU 111 321 321 LEU LEU A . n 
A 1 112 VAL 112 322 322 VAL VAL A . n 
A 1 113 ASP 113 323 323 ASP ASP A . n 
A 1 114 HIS 114 324 324 HIS HIS A . n 
A 1 115 TYR 115 325 325 TYR TYR A . n 
A 1 116 ILE 116 326 326 ILE ILE A . n 
A 1 117 PRO 117 327 327 PRO PRO A . n 
A 1 118 ALA 118 328 328 ALA ALA A . n 
A 1 119 GLU 119 329 329 GLU GLU A . n 
A 1 120 GLN 120 330 330 GLN GLN A . n 
A 1 121 ILE 121 331 331 ILE ILE A . n 
A 1 122 GLU 122 332 332 GLU GLU A . n 
A 1 123 ALA 123 333 333 ALA ALA A . n 
A 1 124 THR 124 334 334 THR THR A . n 
A 1 125 ALA 125 335 335 ALA ALA A . n 
A 1 126 GLU 126 336 336 GLU GLU A . n 
A 1 127 VAL 127 337 337 VAL VAL A . n 
A 1 128 LEU 128 338 338 LEU LEU A . n 
A 1 129 ARG 129 339 339 ARG ARG A . n 
A 1 130 TRP 130 340 340 TRP TRP A . n 
A 1 131 LEU 131 341 341 LEU LEU A . n 
A 1 132 GLU 132 342 342 GLU GLU A . n 
A 1 133 ARG 133 343 343 ARG ARG A . n 
A 1 134 GLN 134 344 344 GLN GLN A . n 
A 1 135 ASN 135 345 ?   ?   ?   A . n 
A 1 136 ILE 136 346 ?   ?   ?   A . n 
A 1 137 GLU 137 347 ?   ?   ?   A . n 
A 1 138 LYS 138 348 ?   ?   ?   A . n 
A 1 139 GLN 139 349 ?   ?   ?   A . n 
A 1 140 HIS 140 350 ?   ?   ?   A . n 
A 1 141 SER 141 351 ?   ?   ?   A . n 
A 1 142 GLU 142 352 ?   ?   ?   A . n 
A 1 143 MET 143 353 ?   ?   ?   A . n 
A 1 144 LEU 144 354 ?   ?   ?   A . n 
# 
loop_
_pdbx_nonpoly_scheme.asym_id 
_pdbx_nonpoly_scheme.entity_id 
_pdbx_nonpoly_scheme.mon_id 
_pdbx_nonpoly_scheme.ndb_seq_num 
_pdbx_nonpoly_scheme.pdb_seq_num 
_pdbx_nonpoly_scheme.auth_seq_num 
_pdbx_nonpoly_scheme.pdb_mon_id 
_pdbx_nonpoly_scheme.auth_mon_id 
_pdbx_nonpoly_scheme.pdb_strand_id 
_pdbx_nonpoly_scheme.pdb_ins_code 
B 2 HOH 1   2001 2001 HOH HOH A . 
B 2 HOH 2   2002 2002 HOH HOH A . 
B 2 HOH 3   2003 2003 HOH HOH A . 
B 2 HOH 4   2004 2004 HOH HOH A . 
B 2 HOH 5   2005 2005 HOH HOH A . 
B 2 HOH 6   2006 2006 HOH HOH A . 
B 2 HOH 7   2007 2007 HOH HOH A . 
B 2 HOH 8   2008 2008 HOH HOH A . 
B 2 HOH 9   2009 2009 HOH HOH A . 
B 2 HOH 10  2010 2010 HOH HOH A . 
B 2 HOH 11  2011 2011 HOH HOH A . 
B 2 HOH 12  2012 2012 HOH HOH A . 
B 2 HOH 13  2013 2013 HOH HOH A . 
B 2 HOH 14  2014 2014 HOH HOH A . 
B 2 HOH 15  2015 2015 HOH HOH A . 
B 2 HOH 16  2016 2016 HOH HOH A . 
B 2 HOH 17  2017 2017 HOH HOH A . 
B 2 HOH 18  2018 2018 HOH HOH A . 
B 2 HOH 19  2019 2019 HOH HOH A . 
B 2 HOH 20  2020 2020 HOH HOH A . 
B 2 HOH 21  2021 2021 HOH HOH A . 
B 2 HOH 22  2022 2022 HOH HOH A . 
B 2 HOH 23  2023 2023 HOH HOH A . 
B 2 HOH 24  2024 2024 HOH HOH A . 
B 2 HOH 25  2025 2025 HOH HOH A . 
B 2 HOH 26  2026 2026 HOH HOH A . 
B 2 HOH 27  2027 2027 HOH HOH A . 
B 2 HOH 28  2028 2028 HOH HOH A . 
B 2 HOH 29  2029 2029 HOH HOH A . 
B 2 HOH 30  2030 2030 HOH HOH A . 
B 2 HOH 31  2031 2031 HOH HOH A . 
B 2 HOH 32  2032 2032 HOH HOH A . 
B 2 HOH 33  2033 2033 HOH HOH A . 
B 2 HOH 34  2034 2034 HOH HOH A . 
B 2 HOH 35  2035 2035 HOH HOH A . 
B 2 HOH 36  2036 2036 HOH HOH A . 
B 2 HOH 37  2037 2037 HOH HOH A . 
B 2 HOH 38  2038 2038 HOH HOH A . 
B 2 HOH 39  2039 2039 HOH HOH A . 
B 2 HOH 40  2040 2040 HOH HOH A . 
B 2 HOH 41  2041 2041 HOH HOH A . 
B 2 HOH 42  2042 2042 HOH HOH A . 
B 2 HOH 43  2043 2043 HOH HOH A . 
B 2 HOH 44  2044 2044 HOH HOH A . 
B 2 HOH 45  2045 2045 HOH HOH A . 
B 2 HOH 46  2046 2046 HOH HOH A . 
B 2 HOH 47  2047 2047 HOH HOH A . 
B 2 HOH 48  2048 2048 HOH HOH A . 
B 2 HOH 49  2049 2049 HOH HOH A . 
B 2 HOH 50  2050 2050 HOH HOH A . 
B 2 HOH 51  2051 2051 HOH HOH A . 
B 2 HOH 52  2052 2052 HOH HOH A . 
B 2 HOH 53  2053 2053 HOH HOH A . 
B 2 HOH 54  2054 2054 HOH HOH A . 
B 2 HOH 55  2055 2055 HOH HOH A . 
B 2 HOH 56  2056 2056 HOH HOH A . 
B 2 HOH 57  2057 2057 HOH HOH A . 
B 2 HOH 58  2058 2058 HOH HOH A . 
B 2 HOH 59  2059 2059 HOH HOH A . 
B 2 HOH 60  2060 2060 HOH HOH A . 
B 2 HOH 61  2061 2061 HOH HOH A . 
B 2 HOH 62  2062 2062 HOH HOH A . 
B 2 HOH 63  2063 2063 HOH HOH A . 
B 2 HOH 64  2064 2064 HOH HOH A . 
B 2 HOH 65  2065 2065 HOH HOH A . 
B 2 HOH 66  2066 2066 HOH HOH A . 
B 2 HOH 67  2067 2067 HOH HOH A . 
B 2 HOH 68  2068 2068 HOH HOH A . 
B 2 HOH 69  2069 2069 HOH HOH A . 
B 2 HOH 70  2070 2070 HOH HOH A . 
B 2 HOH 71  2071 2071 HOH HOH A . 
B 2 HOH 72  2072 2072 HOH HOH A . 
B 2 HOH 73  2073 2073 HOH HOH A . 
B 2 HOH 74  2074 2074 HOH HOH A . 
B 2 HOH 75  2075 2075 HOH HOH A . 
B 2 HOH 76  2076 2076 HOH HOH A . 
B 2 HOH 77  2077 2077 HOH HOH A . 
B 2 HOH 78  2078 2078 HOH HOH A . 
B 2 HOH 79  2079 2079 HOH HOH A . 
B 2 HOH 80  2080 2080 HOH HOH A . 
B 2 HOH 81  2081 2081 HOH HOH A . 
B 2 HOH 82  2082 2082 HOH HOH A . 
B 2 HOH 83  2083 2083 HOH HOH A . 
B 2 HOH 84  2084 2084 HOH HOH A . 
B 2 HOH 85  2085 2085 HOH HOH A . 
B 2 HOH 86  2086 2086 HOH HOH A . 
B 2 HOH 87  2087 2087 HOH HOH A . 
B 2 HOH 88  2088 2088 HOH HOH A . 
B 2 HOH 89  2089 2089 HOH HOH A . 
B 2 HOH 90  2090 2090 HOH HOH A . 
B 2 HOH 91  2091 2091 HOH HOH A . 
B 2 HOH 92  2092 2092 HOH HOH A . 
B 2 HOH 93  2093 2093 HOH HOH A . 
B 2 HOH 94  2094 2094 HOH HOH A . 
B 2 HOH 95  2095 2095 HOH HOH A . 
B 2 HOH 96  2096 2096 HOH HOH A . 
B 2 HOH 97  2097 2097 HOH HOH A . 
B 2 HOH 98  2098 2098 HOH HOH A . 
B 2 HOH 99  2099 2099 HOH HOH A . 
B 2 HOH 100 2100 2100 HOH HOH A . 
B 2 HOH 101 2101 2101 HOH HOH A . 
B 2 HOH 102 2102 2102 HOH HOH A . 
B 2 HOH 103 2103 2103 HOH HOH A . 
B 2 HOH 104 2104 2104 HOH HOH A . 
B 2 HOH 105 2105 2105 HOH HOH A . 
B 2 HOH 106 2106 2106 HOH HOH A . 
B 2 HOH 107 2107 2107 HOH HOH A . 
B 2 HOH 108 2108 2108 HOH HOH A . 
B 2 HOH 109 2109 2109 HOH HOH A . 
B 2 HOH 110 2110 2110 HOH HOH A . 
B 2 HOH 111 2111 2111 HOH HOH A . 
B 2 HOH 112 2112 2112 HOH HOH A . 
B 2 HOH 113 2113 2113 HOH HOH A . 
B 2 HOH 114 2114 2114 HOH HOH A . 
B 2 HOH 115 2115 2115 HOH HOH A . 
B 2 HOH 116 2116 2116 HOH HOH A . 
B 2 HOH 117 2117 2117 HOH HOH A . 
B 2 HOH 118 2118 2118 HOH HOH A . 
B 2 HOH 119 2119 2119 HOH HOH A . 
B 2 HOH 120 2120 2120 HOH HOH A . 
B 2 HOH 121 2121 2121 HOH HOH A . 
B 2 HOH 122 2122 2122 HOH HOH A . 
B 2 HOH 123 2123 2123 HOH HOH A . 
B 2 HOH 124 2124 2124 HOH HOH A . 
B 2 HOH 125 2125 2125 HOH HOH A . 
B 2 HOH 126 2126 2126 HOH HOH A . 
B 2 HOH 127 2127 2127 HOH HOH A . 
B 2 HOH 128 2128 2128 HOH HOH A . 
B 2 HOH 129 2129 2129 HOH HOH A . 
B 2 HOH 130 2130 2130 HOH HOH A . 
B 2 HOH 131 2131 2131 HOH HOH A . 
B 2 HOH 132 2132 2132 HOH HOH A . 
B 2 HOH 133 2133 2133 HOH HOH A . 
B 2 HOH 134 2134 2134 HOH HOH A . 
B 2 HOH 135 2135 2135 HOH HOH A . 
B 2 HOH 136 2136 2136 HOH HOH A . 
B 2 HOH 137 2137 2137 HOH HOH A . 
B 2 HOH 138 2138 2138 HOH HOH A . 
B 2 HOH 139 2139 2139 HOH HOH A . 
B 2 HOH 140 2140 2140 HOH HOH A . 
B 2 HOH 141 2141 2141 HOH HOH A . 
B 2 HOH 142 2142 2142 HOH HOH A . 
B 2 HOH 143 2143 2143 HOH HOH A . 
B 2 HOH 144 2144 2144 HOH HOH A . 
B 2 HOH 145 2145 2145 HOH HOH A . 
B 2 HOH 146 2146 2146 HOH HOH A . 
B 2 HOH 147 2147 2147 HOH HOH A . 
B 2 HOH 148 2148 2148 HOH HOH A . 
B 2 HOH 149 2149 2149 HOH HOH A . 
B 2 HOH 150 2150 2150 HOH HOH A . 
B 2 HOH 151 2151 2151 HOH HOH A . 
B 2 HOH 152 2152 2152 HOH HOH A . 
B 2 HOH 153 2153 2153 HOH HOH A . 
B 2 HOH 154 2154 2154 HOH HOH A . 
B 2 HOH 155 2155 2155 HOH HOH A . 
B 2 HOH 156 2156 2156 HOH HOH A . 
B 2 HOH 157 2157 2157 HOH HOH A . 
B 2 HOH 158 2158 2158 HOH HOH A . 
B 2 HOH 159 2159 2159 HOH HOH A . 
B 2 HOH 160 2160 2160 HOH HOH A . 
B 2 HOH 161 2161 2161 HOH HOH A . 
B 2 HOH 162 2162 2162 HOH HOH A . 
B 2 HOH 163 2163 2163 HOH HOH A . 
B 2 HOH 164 2164 2164 HOH HOH A . 
B 2 HOH 165 2165 2165 HOH HOH A . 
B 2 HOH 166 2166 2166 HOH HOH A . 
B 2 HOH 167 2167 2167 HOH HOH A . 
B 2 HOH 168 2168 2168 HOH HOH A . 
B 2 HOH 169 2169 2169 HOH HOH A . 
B 2 HOH 170 2170 2170 HOH HOH A . 
B 2 HOH 171 2171 2171 HOH HOH A . 
B 2 HOH 172 2172 2172 HOH HOH A . 
# 
loop_
_pdbx_unobs_or_zero_occ_atoms.id 
_pdbx_unobs_or_zero_occ_atoms.PDB_model_num 
_pdbx_unobs_or_zero_occ_atoms.polymer_flag 
_pdbx_unobs_or_zero_occ_atoms.occupancy_flag 
_pdbx_unobs_or_zero_occ_atoms.auth_asym_id 
_pdbx_unobs_or_zero_occ_atoms.auth_comp_id 
_pdbx_unobs_or_zero_occ_atoms.auth_seq_id 
_pdbx_unobs_or_zero_occ_atoms.PDB_ins_code 
_pdbx_unobs_or_zero_occ_atoms.auth_atom_id 
_pdbx_unobs_or_zero_occ_atoms.label_alt_id 
_pdbx_unobs_or_zero_occ_atoms.label_asym_id 
_pdbx_unobs_or_zero_occ_atoms.label_comp_id 
_pdbx_unobs_or_zero_occ_atoms.label_seq_id 
_pdbx_unobs_or_zero_occ_atoms.label_atom_id 
1  1 Y 1 A ARG 275 ? CG  ? A ARG 65  CG  
2  1 Y 1 A ARG 275 ? CD  ? A ARG 65  CD  
3  1 Y 1 A ARG 275 ? NE  ? A ARG 65  NE  
4  1 Y 1 A ARG 275 ? CZ  ? A ARG 65  CZ  
5  1 Y 1 A ARG 275 ? NH1 ? A ARG 65  NH1 
6  1 Y 1 A ARG 275 ? NH2 ? A ARG 65  NH2 
7  1 Y 1 A GLU 277 ? CG  ? A GLU 67  CG  
8  1 Y 1 A GLU 277 ? CD  ? A GLU 67  CD  
9  1 Y 1 A GLU 277 ? OE1 ? A GLU 67  OE1 
10 1 Y 1 A GLU 277 ? OE2 ? A GLU 67  OE2 
11 1 Y 1 A GLU 300 ? CG  ? A GLU 90  CG  
12 1 Y 1 A GLU 300 ? CD  ? A GLU 90  CD  
13 1 Y 1 A GLU 300 ? OE1 ? A GLU 90  OE1 
14 1 Y 1 A GLU 300 ? OE2 ? A GLU 90  OE2 
15 1 Y 1 A GLU 342 ? CG  ? A GLU 132 CG  
16 1 Y 1 A GLU 342 ? CD  ? A GLU 132 CD  
17 1 Y 1 A GLU 342 ? OE1 ? A GLU 132 OE1 
18 1 Y 1 A GLU 342 ? OE2 ? A GLU 132 OE2 
# 
loop_
_software.name 
_software.classification 
_software.version 
_software.citation_id 
_software.pdbx_ordinal 
REFMAC    refinement       5.4.0057 ? 1 
HKL-3000  'data reduction' .        ? 2 
SCALEPACK 'data scaling'   .        ? 3 
SOLVE     phasing          .        ? 4 
# 
_cell.entry_id           2JLJ 
_cell.length_a           66.041 
_cell.length_b           66.041 
_cell.length_c           70.730 
_cell.angle_alpha        90.00 
_cell.angle_beta         90.00 
_cell.angle_gamma        90.00 
_cell.Z_PDB              8 
_cell.pdbx_unique_axis   ? 
# 
_symmetry.entry_id                         2JLJ 
_symmetry.space_group_name_H-M             'P 43 21 2' 
_symmetry.pdbx_full_space_group_name_H-M   ? 
_symmetry.cell_setting                     ? 
_symmetry.Int_Tables_number                96 
# 
_exptl.entry_id          2JLJ 
_exptl.method            'X-RAY DIFFRACTION' 
_exptl.crystals_number   1 
# 
_exptl_crystal.id                    1 
_exptl_crystal.density_meas          ? 
_exptl_crystal.density_Matthews      2.5 
_exptl_crystal.density_percent_sol   49.8 
_exptl_crystal.description           NONE 
# 
_exptl_crystal_grow.crystal_id      1 
_exptl_crystal_grow.method          ? 
_exptl_crystal_grow.temp            ? 
_exptl_crystal_grow.temp_details    ? 
_exptl_crystal_grow.pH              7.0 
_exptl_crystal_grow.pdbx_pH_range   ? 
_exptl_crystal_grow.pdbx_details    '100 MM HEPES PH 7, 1 M SODIUM MALONATE PH 7, 0.75 M SODIUM CHLORIDE' 
# 
_diffrn.id                     1 
_diffrn.ambient_temp           100 
_diffrn.ambient_temp_details   ? 
_diffrn.crystal_id             1 
# 
_diffrn_detector.diffrn_id              1 
_diffrn_detector.detector               CCD 
_diffrn_detector.type                   MARRESEARCH 
_diffrn_detector.pdbx_collection_date   2008-02-05 
_diffrn_detector.details                ? 
# 
_diffrn_radiation.diffrn_id                        1 
_diffrn_radiation.wavelength_id                    1 
_diffrn_radiation.pdbx_monochromatic_or_laue_m_l   M 
_diffrn_radiation.monochromator                    ? 
_diffrn_radiation.pdbx_diffrn_protocol             'SINGLE WAVELENGTH' 
_diffrn_radiation.pdbx_scattering_type             x-ray 
# 
_diffrn_radiation_wavelength.id           1 
_diffrn_radiation_wavelength.wavelength   1.0 
_diffrn_radiation_wavelength.wt           1.0 
# 
_diffrn_source.diffrn_id                   1 
_diffrn_source.source                      SYNCHROTRON 
_diffrn_source.type                        'APS BEAMLINE 22-ID' 
_diffrn_source.pdbx_synchrotron_site       APS 
_diffrn_source.pdbx_synchrotron_beamline   22-ID 
_diffrn_source.pdbx_wavelength             1.0 
_diffrn_source.pdbx_wavelength_list        ? 
# 
_reflns.pdbx_diffrn_id               1 
_reflns.pdbx_ordinal                 1 
_reflns.entry_id                     2JLJ 
_reflns.observed_criterion_sigma_I   2.0 
_reflns.observed_criterion_sigma_F   ? 
_reflns.d_resolution_low             50.00 
_reflns.d_resolution_high            1.30 
_reflns.number_obs                   37461 
_reflns.number_all                   ? 
_reflns.percent_possible_obs         95.5 
_reflns.pdbx_Rmerge_I_obs            0.08 
_reflns.pdbx_Rsym_value              ? 
_reflns.pdbx_netI_over_sigmaI        19.20 
_reflns.B_iso_Wilson_estimate        ? 
_reflns.pdbx_redundancy              8.1 
# 
_reflns_shell.pdbx_diffrn_id         1 
_reflns_shell.pdbx_ordinal           1 
_reflns_shell.d_res_high             1.30 
_reflns_shell.d_res_low              1.34 
_reflns_shell.percent_possible_all   66.5 
_reflns_shell.Rmerge_I_obs           0.59 
_reflns_shell.pdbx_Rsym_value        ? 
_reflns_shell.meanI_over_sigI_obs    1.60 
_reflns_shell.pdbx_redundancy        3.1 
# 
_refine.pdbx_refine_id                           'X-RAY DIFFRACTION' 
_refine.entry_id                                 2JLJ 
_refine.pdbx_diffrn_id                           1 
_refine.pdbx_TLS_residual_ADP_flag               'LIKELY RESIDUAL' 
_refine.ls_number_reflns_obs                     35584 
_refine.ls_number_reflns_all                     ? 
_refine.pdbx_ls_sigma_I                          ? 
_refine.pdbx_ls_sigma_F                          ? 
_refine.pdbx_data_cutoff_high_absF               ? 
_refine.pdbx_data_cutoff_low_absF                ? 
_refine.pdbx_data_cutoff_high_rms_absF           ? 
_refine.ls_d_res_low                             48.28 
_refine.ls_d_res_high                            1.30 
_refine.ls_percent_reflns_obs                    96.5 
_refine.ls_R_factor_obs                          0.220 
_refine.ls_R_factor_all                          ? 
_refine.ls_R_factor_R_work                       0.219 
_refine.ls_R_factor_R_free                       0.248 
_refine.ls_R_factor_R_free_error                 ? 
_refine.ls_R_factor_R_free_error_details         ? 
_refine.ls_percent_reflns_R_free                 5.000 
_refine.ls_number_reflns_R_free                  1877 
_refine.ls_number_parameters                     ? 
_refine.ls_number_restraints                     ? 
_refine.occupancy_min                            ? 
_refine.occupancy_max                            ? 
_refine.correlation_coeff_Fo_to_Fc               0.948 
_refine.correlation_coeff_Fo_to_Fc_free          0.932 
_refine.B_iso_mean                               17.99 
_refine.aniso_B[1][1]                            0.44000 
_refine.aniso_B[2][2]                            0.44000 
_refine.aniso_B[3][3]                            -0.88000 
_refine.aniso_B[1][2]                            0.00000 
_refine.aniso_B[1][3]                            0.00000 
_refine.aniso_B[2][3]                            0.00000 
_refine.solvent_model_details                    MASK 
_refine.solvent_model_param_ksol                 ? 
_refine.solvent_model_param_bsol                 ? 
_refine.pdbx_solvent_vdw_probe_radii             1.20 
_refine.pdbx_solvent_ion_probe_radii             0.80 
_refine.pdbx_solvent_shrinkage_radii             0.80 
_refine.pdbx_ls_cross_valid_method               THROUGHOUT 
_refine.details                                  'HYDROGENS HAVE BEEN ADDED IN THE RIDING POSITIONS.' 
_refine.pdbx_starting_model                      NONE 
_refine.pdbx_method_to_determine_struct          SAD 
_refine.pdbx_isotropic_thermal_model             ? 
_refine.pdbx_stereochemistry_target_values       'MAXIMUM LIKELIHOOD' 
_refine.pdbx_stereochem_target_val_spec_case     ? 
_refine.pdbx_R_Free_selection_details            RANDOM 
_refine.pdbx_overall_ESU_R                       0.056 
_refine.pdbx_overall_ESU_R_Free                  0.059 
_refine.overall_SU_ML                            0.036 
_refine.pdbx_overall_phase_error                 ? 
_refine.overall_SU_B                             1.844 
_refine.overall_SU_R_Cruickshank_DPI             ? 
_refine.pdbx_overall_SU_R_free_Cruickshank_DPI   ? 
_refine.pdbx_overall_SU_R_Blow_DPI               ? 
_refine.pdbx_overall_SU_R_free_Blow_DPI          ? 
# 
_refine_hist.pdbx_refine_id                   'X-RAY DIFFRACTION' 
_refine_hist.cycle_id                         LAST 
_refine_hist.pdbx_number_atoms_protein        916 
_refine_hist.pdbx_number_atoms_nucleic_acid   0 
_refine_hist.pdbx_number_atoms_ligand         0 
_refine_hist.number_atoms_solvent             172 
_refine_hist.number_atoms_total               1088 
_refine_hist.d_res_high                       1.30 
_refine_hist.d_res_low                        48.28 
# 
loop_
_refine_ls_restr.type 
_refine_ls_restr.dev_ideal 
_refine_ls_restr.dev_ideal_target 
_refine_ls_restr.weight 
_refine_ls_restr.number 
_refine_ls_restr.pdbx_refine_id 
_refine_ls_restr.pdbx_restraint_function 
r_bond_refined_d             0.017  0.022  ? 967  'X-RAY DIFFRACTION' ? 
r_bond_other_d               0.002  0.020  ? 670  'X-RAY DIFFRACTION' ? 
r_angle_refined_deg          1.701  1.955  ? 1323 'X-RAY DIFFRACTION' ? 
r_angle_other_deg            1.061  3.000  ? 1637 'X-RAY DIFFRACTION' ? 
r_dihedral_angle_1_deg       5.414  5.000  ? 126  'X-RAY DIFFRACTION' ? 
r_dihedral_angle_2_deg       32.445 22.955 ? 44   'X-RAY DIFFRACTION' ? 
r_dihedral_angle_3_deg       12.140 15.000 ? 173  'X-RAY DIFFRACTION' ? 
r_dihedral_angle_4_deg       10.381 15.000 ? 10   'X-RAY DIFFRACTION' ? 
r_chiral_restr               0.117  0.200  ? 154  'X-RAY DIFFRACTION' ? 
r_gen_planes_refined         0.009  0.021  ? 1072 'X-RAY DIFFRACTION' ? 
r_gen_planes_other           0.001  0.020  ? 196  'X-RAY DIFFRACTION' ? 
r_nbd_refined                ?      ?      ? ?    'X-RAY DIFFRACTION' ? 
r_nbd_other                  ?      ?      ? ?    'X-RAY DIFFRACTION' ? 
r_nbtor_refined              ?      ?      ? ?    'X-RAY DIFFRACTION' ? 
r_nbtor_other                ?      ?      ? ?    'X-RAY DIFFRACTION' ? 
r_xyhbond_nbd_refined        ?      ?      ? ?    'X-RAY DIFFRACTION' ? 
r_xyhbond_nbd_other          ?      ?      ? ?    'X-RAY DIFFRACTION' ? 
r_metal_ion_refined          ?      ?      ? ?    'X-RAY DIFFRACTION' ? 
r_metal_ion_other            ?      ?      ? ?    'X-RAY DIFFRACTION' ? 
r_symmetry_vdw_refined       ?      ?      ? ?    'X-RAY DIFFRACTION' ? 
r_symmetry_vdw_other         ?      ?      ? ?    'X-RAY DIFFRACTION' ? 
r_symmetry_hbond_refined     ?      ?      ? ?    'X-RAY DIFFRACTION' ? 
r_symmetry_hbond_other       ?      ?      ? ?    'X-RAY DIFFRACTION' ? 
r_symmetry_metal_ion_refined ?      ?      ? ?    'X-RAY DIFFRACTION' ? 
r_symmetry_metal_ion_other   ?      ?      ? ?    'X-RAY DIFFRACTION' ? 
r_mcbond_it                  1.004  1.500  ? 594  'X-RAY DIFFRACTION' ? 
r_mcbond_other               ?      ?      ? ?    'X-RAY DIFFRACTION' ? 
r_mcangle_it                 1.784  2.000  ? 971  'X-RAY DIFFRACTION' ? 
r_mcangle_other              ?      ?      ? ?    'X-RAY DIFFRACTION' ? 
r_scbond_it                  2.696  3.000  ? 373  'X-RAY DIFFRACTION' ? 
r_scbond_other               ?      ?      ? ?    'X-RAY DIFFRACTION' ? 
r_scangle_it                 4.267  4.500  ? 346  'X-RAY DIFFRACTION' ? 
r_scangle_other              ?      ?      ? ?    'X-RAY DIFFRACTION' ? 
r_long_range_B_refined       ?      ?      ? ?    'X-RAY DIFFRACTION' ? 
r_long_range_B_other         ?      ?      ? ?    'X-RAY DIFFRACTION' ? 
r_rigid_bond_restr           ?      ?      ? ?    'X-RAY DIFFRACTION' ? 
r_sphericity_free            ?      ?      ? ?    'X-RAY DIFFRACTION' ? 
r_sphericity_bonded          ?      ?      ? ?    'X-RAY DIFFRACTION' ? 
# 
_refine_ls_shell.pdbx_refine_id                   'X-RAY DIFFRACTION' 
_refine_ls_shell.pdbx_total_number_of_bins_used   20 
_refine_ls_shell.d_res_high                       1.30 
_refine_ls_shell.d_res_low                        1.34 
_refine_ls_shell.number_reflns_R_work             1885 
_refine_ls_shell.R_factor_R_work                  0.4170 
_refine_ls_shell.percent_reflns_obs               ? 
_refine_ls_shell.R_factor_R_free                  0.3900 
_refine_ls_shell.R_factor_R_free_error            ? 
_refine_ls_shell.percent_reflns_R_free            ? 
_refine_ls_shell.number_reflns_R_free             88 
_refine_ls_shell.number_reflns_all                ? 
_refine_ls_shell.R_factor_all                     ? 
# 
_struct.entry_id                  2JLJ 
_struct.title                     'Crystal Structure of the cytoplasmic domain of Yersinia pestis YscU N263A P264A mutant' 
_struct.pdbx_model_details        ? 
_struct.pdbx_CASP_flag            ? 
_struct.pdbx_model_type_details   ? 
# 
_struct_keywords.entry_id        2JLJ 
_struct_keywords.pdbx_keywords   'PROTEIN TRANSPORT' 
_struct_keywords.text            
'CELL MEMBRANE, TRANSMEMBRANE, YERSINIA PESITS, PROTEIN TRANSPORT, TYPE III SECRETION SYSTEM, MEMBRANE, VIRULENCE, TRANSPORT' 
# 
loop_
_struct_asym.id 
_struct_asym.pdbx_blank_PDB_chainid_flag 
_struct_asym.pdbx_modified 
_struct_asym.entity_id 
_struct_asym.details 
A N N 1 ? 
B N N 2 ? 
# 
_struct_ref.id                         1 
_struct_ref.db_name                    UNP 
_struct_ref.db_code                    YSCU_YERPE 
_struct_ref.entity_id                  1 
_struct_ref.pdbx_seq_one_letter_code   ? 
_struct_ref.pdbx_align_begin           ? 
_struct_ref.pdbx_db_accession          P69986 
_struct_ref.pdbx_db_isoform            ? 
# 
_struct_ref_seq.align_id                      1 
_struct_ref_seq.ref_id                        1 
_struct_ref_seq.pdbx_PDB_id_code              2JLJ 
_struct_ref_seq.pdbx_strand_id                A 
_struct_ref_seq.seq_align_beg                 1 
_struct_ref_seq.pdbx_seq_align_beg_ins_code   ? 
_struct_ref_seq.seq_align_end                 144 
_struct_ref_seq.pdbx_seq_align_end_ins_code   ? 
_struct_ref_seq.pdbx_db_accession             P69986 
_struct_ref_seq.db_align_beg                  211 
_struct_ref_seq.pdbx_db_align_beg_ins_code    ? 
_struct_ref_seq.db_align_end                  354 
_struct_ref_seq.pdbx_db_align_end_ins_code    ? 
_struct_ref_seq.pdbx_auth_seq_align_beg       211 
_struct_ref_seq.pdbx_auth_seq_align_end       354 
# 
loop_
_struct_ref_seq_dif.align_id 
_struct_ref_seq_dif.pdbx_pdb_id_code 
_struct_ref_seq_dif.mon_id 
_struct_ref_seq_dif.pdbx_pdb_strand_id 
_struct_ref_seq_dif.seq_num 
_struct_ref_seq_dif.pdbx_pdb_ins_code 
_struct_ref_seq_dif.pdbx_seq_db_name 
_struct_ref_seq_dif.pdbx_seq_db_accession_code 
_struct_ref_seq_dif.db_mon_id 
_struct_ref_seq_dif.pdbx_seq_db_seq_num 
_struct_ref_seq_dif.details 
_struct_ref_seq_dif.pdbx_auth_seq_num 
_struct_ref_seq_dif.pdbx_ordinal 
1 2JLJ ALA A 53 ? UNP P69986 ASN 263 'engineered mutation' 263 1 
1 2JLJ ALA A 54 ? UNP P69986 PRO 264 'engineered mutation' 264 2 
# 
_pdbx_struct_assembly.id                   1 
_pdbx_struct_assembly.details              author_and_software_defined_assembly 
_pdbx_struct_assembly.method_details       PQS 
_pdbx_struct_assembly.oligomeric_details   dimeric 
_pdbx_struct_assembly.oligomeric_count     2 
# 
loop_
_pdbx_struct_assembly_prop.biol_id 
_pdbx_struct_assembly_prop.type 
_pdbx_struct_assembly_prop.value 
_pdbx_struct_assembly_prop.details 
1 'ABSA (A^2)' 1960  ? 
1 MORE         -11.4 ? 
1 'SSA (A^2)'  14120 ? 
# 
_pdbx_struct_assembly_gen.assembly_id       1 
_pdbx_struct_assembly_gen.oper_expression   1,2 
_pdbx_struct_assembly_gen.asym_id_list      A,B 
# 
loop_
_pdbx_struct_oper_list.id 
_pdbx_struct_oper_list.type 
_pdbx_struct_oper_list.name 
_pdbx_struct_oper_list.symmetry_operation 
_pdbx_struct_oper_list.matrix[1][1] 
_pdbx_struct_oper_list.matrix[1][2] 
_pdbx_struct_oper_list.matrix[1][3] 
_pdbx_struct_oper_list.vector[1] 
_pdbx_struct_oper_list.matrix[2][1] 
_pdbx_struct_oper_list.matrix[2][2] 
_pdbx_struct_oper_list.matrix[2][3] 
_pdbx_struct_oper_list.vector[2] 
_pdbx_struct_oper_list.matrix[3][1] 
_pdbx_struct_oper_list.matrix[3][2] 
_pdbx_struct_oper_list.matrix[3][3] 
_pdbx_struct_oper_list.vector[3] 
1 'identity operation'         1_555 x,y,z        1.0000000000  0.0000000000  0.0000000000 0.0000000000   0.0000000000  1.0000000000  0.0000000000  0.0000000000  0.0000000000 0.0000000000  1.0000000000 0.0000000000 
2 'crystal symmetry operation' 8_554 -y,-x,-z-1/2 -0.8863646741 -0.0409627711 0.4611721109 -25.8404439589 -0.0409627711 -0.9852339173 -0.1662413293 -2.2918183421 0.4611721109 -0.1662413293 0.8715985914 6.1636598859 
# 
_struct_biol.id   1 
# 
loop_
_struct_conf.conf_type_id 
_struct_conf.id 
_struct_conf.pdbx_PDB_helix_id 
_struct_conf.beg_label_comp_id 
_struct_conf.beg_label_asym_id 
_struct_conf.beg_label_seq_id 
_struct_conf.pdbx_beg_PDB_ins_code 
_struct_conf.end_label_comp_id 
_struct_conf.end_label_asym_id 
_struct_conf.end_label_seq_id 
_struct_conf.pdbx_end_PDB_ins_code 
_struct_conf.beg_auth_comp_id 
_struct_conf.beg_auth_asym_id 
_struct_conf.beg_auth_seq_id 
_struct_conf.end_auth_comp_id 
_struct_conf.end_auth_asym_id 
_struct_conf.end_auth_seq_id 
_struct_conf.pdbx_PDB_helix_class 
_struct_conf.details 
_struct_conf.pdbx_PDB_helix_length 
HELX_P HELX_P1 1 SER A 21  ? GLN A 36  ? SER A 231 GLN A 246 1 ? 16 
HELX_P HELX_P2 2 ASN A 39  ? ARG A 46  ? ASN A 249 ARG A 256 1 ? 8  
HELX_P HELX_P3 3 ASP A 79  ? GLY A 93  ? ASP A 289 GLY A 303 1 ? 15 
HELX_P HELX_P4 4 ARG A 99  ? ALA A 110 ? ARG A 309 ALA A 320 1 ? 12 
HELX_P HELX_P5 5 PRO A 117 ? GLU A 119 ? PRO A 327 GLU A 329 5 ? 3  
HELX_P HELX_P6 6 GLN A 120 ? GLN A 134 ? GLN A 330 GLN A 344 1 ? 15 
# 
_struct_conf_type.id          HELX_P 
_struct_conf_type.criteria    ? 
_struct_conf_type.reference   ? 
# 
_struct_sheet.id               AA 
_struct_sheet.type             ? 
_struct_sheet.number_strands   4 
_struct_sheet.details          ? 
# 
loop_
_struct_sheet_order.sheet_id 
_struct_sheet_order.range_id_1 
_struct_sheet_order.range_id_2 
_struct_sheet_order.offset 
_struct_sheet_order.sense 
AA 1 2 ? anti-parallel 
AA 2 3 ? anti-parallel 
AA 3 4 ? parallel      
# 
loop_
_struct_sheet_range.sheet_id 
_struct_sheet_range.id 
_struct_sheet_range.beg_label_comp_id 
_struct_sheet_range.beg_label_asym_id 
_struct_sheet_range.beg_label_seq_id 
_struct_sheet_range.pdbx_beg_PDB_ins_code 
_struct_sheet_range.end_label_comp_id 
_struct_sheet_range.end_label_asym_id 
_struct_sheet_range.end_label_seq_id 
_struct_sheet_range.pdbx_end_PDB_ins_code 
_struct_sheet_range.beg_auth_comp_id 
_struct_sheet_range.beg_auth_asym_id 
_struct_sheet_range.beg_auth_seq_id 
_struct_sheet_range.end_auth_comp_id 
_struct_sheet_range.end_auth_asym_id 
_struct_sheet_range.end_auth_seq_id 
AA 1 LEU A 72 ? THR A 78 ? LEU A 282 THR A 288 
AA 2 ILE A 57 ? LEU A 62 ? ILE A 267 LEU A 272 
AA 3 VAL A 49 ? ALA A 53 ? VAL A 259 ALA A 263 
AA 4 ILE A 96 ? GLN A 98 ? ILE A 306 GLN A 308 
# 
loop_
_pdbx_struct_sheet_hbond.sheet_id 
_pdbx_struct_sheet_hbond.range_id_1 
_pdbx_struct_sheet_hbond.range_id_2 
_pdbx_struct_sheet_hbond.range_1_label_atom_id 
_pdbx_struct_sheet_hbond.range_1_label_comp_id 
_pdbx_struct_sheet_hbond.range_1_label_asym_id 
_pdbx_struct_sheet_hbond.range_1_label_seq_id 
_pdbx_struct_sheet_hbond.range_1_PDB_ins_code 
_pdbx_struct_sheet_hbond.range_1_auth_atom_id 
_pdbx_struct_sheet_hbond.range_1_auth_comp_id 
_pdbx_struct_sheet_hbond.range_1_auth_asym_id 
_pdbx_struct_sheet_hbond.range_1_auth_seq_id 
_pdbx_struct_sheet_hbond.range_2_label_atom_id 
_pdbx_struct_sheet_hbond.range_2_label_comp_id 
_pdbx_struct_sheet_hbond.range_2_label_asym_id 
_pdbx_struct_sheet_hbond.range_2_label_seq_id 
_pdbx_struct_sheet_hbond.range_2_PDB_ins_code 
_pdbx_struct_sheet_hbond.range_2_auth_atom_id 
_pdbx_struct_sheet_hbond.range_2_auth_comp_id 
_pdbx_struct_sheet_hbond.range_2_auth_asym_id 
_pdbx_struct_sheet_hbond.range_2_auth_seq_id 
AA 1 2 N TYR A 77 ? N TYR A 287 O ALA A 58 ? O ALA A 268 
AA 2 3 N ILE A 61 ? N ILE A 271 O VAL A 49 ? O VAL A 259 
AA 3 4 N ALA A 52 ? N ALA A 262 O LEU A 97 ? O LEU A 307 
# 
loop_
_pdbx_validate_close_contact.id 
_pdbx_validate_close_contact.PDB_model_num 
_pdbx_validate_close_contact.auth_atom_id_1 
_pdbx_validate_close_contact.auth_asym_id_1 
_pdbx_validate_close_contact.auth_comp_id_1 
_pdbx_validate_close_contact.auth_seq_id_1 
_pdbx_validate_close_contact.PDB_ins_code_1 
_pdbx_validate_close_contact.label_alt_id_1 
_pdbx_validate_close_contact.auth_atom_id_2 
_pdbx_validate_close_contact.auth_asym_id_2 
_pdbx_validate_close_contact.auth_comp_id_2 
_pdbx_validate_close_contact.auth_seq_id_2 
_pdbx_validate_close_contact.PDB_ins_code_2 
_pdbx_validate_close_contact.label_alt_id_2 
_pdbx_validate_close_contact.dist 
1 1 OE1 A GLN 240  ? ? O A HOH 2020 ? ? 1.72 
2 1 O   A HOH 2162 ? ? O A HOH 2166 ? ? 1.97 
3 1 CD  A GLN 240  ? ? O A HOH 2020 ? ? 2.09 
# 
_pdbx_validate_symm_contact.id                1 
_pdbx_validate_symm_contact.PDB_model_num     1 
_pdbx_validate_symm_contact.auth_atom_id_1    O 
_pdbx_validate_symm_contact.auth_asym_id_1    A 
_pdbx_validate_symm_contact.auth_comp_id_1    HOH 
_pdbx_validate_symm_contact.auth_seq_id_1     2082 
_pdbx_validate_symm_contact.PDB_ins_code_1    ? 
_pdbx_validate_symm_contact.label_alt_id_1    ? 
_pdbx_validate_symm_contact.site_symmetry_1   1_555 
_pdbx_validate_symm_contact.auth_atom_id_2    O 
_pdbx_validate_symm_contact.auth_asym_id_2    A 
_pdbx_validate_symm_contact.auth_comp_id_2    HOH 
_pdbx_validate_symm_contact.auth_seq_id_2     2134 
_pdbx_validate_symm_contact.PDB_ins_code_2    ? 
_pdbx_validate_symm_contact.label_alt_id_2    ? 
_pdbx_validate_symm_contact.site_symmetry_2   5_544 
_pdbx_validate_symm_contact.dist              2.01 
# 
loop_
_pdbx_validate_torsion.id 
_pdbx_validate_torsion.PDB_model_num 
_pdbx_validate_torsion.auth_comp_id 
_pdbx_validate_torsion.auth_asym_id 
_pdbx_validate_torsion.auth_seq_id 
_pdbx_validate_torsion.PDB_ins_code 
_pdbx_validate_torsion.label_alt_id 
_pdbx_validate_torsion.phi 
_pdbx_validate_torsion.psi 
1 1 THR A 265 ? ? 66.95 -4.87   
2 1 ASP A 289 ? ? 52.45 -133.07 
# 
_pdbx_struct_special_symmetry.id              1 
_pdbx_struct_special_symmetry.PDB_model_num   1 
_pdbx_struct_special_symmetry.auth_asym_id    A 
_pdbx_struct_special_symmetry.auth_comp_id    HOH 
_pdbx_struct_special_symmetry.auth_seq_id     2115 
_pdbx_struct_special_symmetry.PDB_ins_code    ? 
_pdbx_struct_special_symmetry.label_asym_id   B 
_pdbx_struct_special_symmetry.label_comp_id   HOH 
_pdbx_struct_special_symmetry.label_seq_id    . 
# 
_pdbx_refine_tls.pdbx_refine_id   'X-RAY DIFFRACTION' 
_pdbx_refine_tls.id               1 
_pdbx_refine_tls.details          ? 
_pdbx_refine_tls.method           refined 
_pdbx_refine_tls.origin_x         0.0612 
_pdbx_refine_tls.origin_y         -0.6480 
_pdbx_refine_tls.origin_z         -0.0130 
_pdbx_refine_tls.T[1][1]          -0.0405 
_pdbx_refine_tls.T[2][2]          -0.0977 
_pdbx_refine_tls.T[3][3]          -0.0988 
_pdbx_refine_tls.T[1][2]          0.0203 
_pdbx_refine_tls.T[1][3]          -0.0084 
_pdbx_refine_tls.T[2][3]          -0.0196 
_pdbx_refine_tls.L[1][1]          1.2747 
_pdbx_refine_tls.L[2][2]          1.0370 
_pdbx_refine_tls.L[3][3]          1.1746 
_pdbx_refine_tls.L[1][2]          -0.2365 
_pdbx_refine_tls.L[1][3]          -0.0300 
_pdbx_refine_tls.L[2][3]          0.2092 
_pdbx_refine_tls.S[1][1]          -0.0029 
_pdbx_refine_tls.S[1][2]          0.0426 
_pdbx_refine_tls.S[1][3]          0.1403 
_pdbx_refine_tls.S[2][1]          -0.0067 
_pdbx_refine_tls.S[2][2]          0.0668 
_pdbx_refine_tls.S[2][3]          -0.1078 
_pdbx_refine_tls.S[3][1]          -0.0994 
_pdbx_refine_tls.S[3][2]          0.1146 
_pdbx_refine_tls.S[3][3]          -0.0639 
# 
_pdbx_refine_tls_group.pdbx_refine_id      'X-RAY DIFFRACTION' 
_pdbx_refine_tls_group.id                  1 
_pdbx_refine_tls_group.refine_tls_id       1 
_pdbx_refine_tls_group.beg_auth_asym_id    A 
_pdbx_refine_tls_group.beg_auth_seq_id     230 
_pdbx_refine_tls_group.beg_label_asym_id   ? 
_pdbx_refine_tls_group.beg_label_seq_id    ? 
_pdbx_refine_tls_group.end_auth_asym_id    A 
_pdbx_refine_tls_group.end_auth_seq_id     344 
_pdbx_refine_tls_group.end_label_asym_id   ? 
_pdbx_refine_tls_group.end_label_seq_id    ? 
_pdbx_refine_tls_group.selection           ? 
_pdbx_refine_tls_group.selection_details   ? 
# 
_pdbx_entry_details.entry_id                 2JLJ 
_pdbx_entry_details.compound_details         
;ENGINEERED RESIDUE IN CHAIN A, ASN 263 TO ALA
ENGINEERED RESIDUE IN CHAIN A, PRO 264 TO ALA
;
_pdbx_entry_details.source_details           ? 
_pdbx_entry_details.nonpolymer_details       ? 
_pdbx_entry_details.sequence_details         ? 
_pdbx_entry_details.has_ligand_of_interest   ? 
# 
loop_
_pdbx_distant_solvent_atoms.id 
_pdbx_distant_solvent_atoms.PDB_model_num 
_pdbx_distant_solvent_atoms.auth_atom_id 
_pdbx_distant_solvent_atoms.label_alt_id 
_pdbx_distant_solvent_atoms.auth_asym_id 
_pdbx_distant_solvent_atoms.auth_comp_id 
_pdbx_distant_solvent_atoms.auth_seq_id 
_pdbx_distant_solvent_atoms.PDB_ins_code 
_pdbx_distant_solvent_atoms.neighbor_macromolecule_distance 
_pdbx_distant_solvent_atoms.neighbor_ligand_distance 
1 1 O ? A HOH 2002 ? 7.26 . 
2 1 O ? A HOH 2003 ? 6.38 . 
3 1 O ? A HOH 2004 ? 7.49 . 
4 1 O ? A HOH 2005 ? 8.39 . 
5 1 O ? A HOH 2006 ? 6.54 . 
6 1 O ? A HOH 2154 ? 6.73 . 
7 1 O ? A HOH 2164 ? 6.54 . 
# 
loop_
_pdbx_unobs_or_zero_occ_residues.id 
_pdbx_unobs_or_zero_occ_residues.PDB_model_num 
_pdbx_unobs_or_zero_occ_residues.polymer_flag 
_pdbx_unobs_or_zero_occ_residues.occupancy_flag 
_pdbx_unobs_or_zero_occ_residues.auth_asym_id 
_pdbx_unobs_or_zero_occ_residues.auth_comp_id 
_pdbx_unobs_or_zero_occ_residues.auth_seq_id 
_pdbx_unobs_or_zero_occ_residues.PDB_ins_code 
_pdbx_unobs_or_zero_occ_residues.label_asym_id 
_pdbx_unobs_or_zero_occ_residues.label_comp_id 
_pdbx_unobs_or_zero_occ_residues.label_seq_id 
1  1 Y 1 A ILE 211 ? A ILE 1   
2  1 Y 1 A LYS 212 ? A LYS 2   
3  1 Y 1 A GLU 213 ? A GLU 3   
4  1 Y 1 A LEU 214 ? A LEU 4   
5  1 Y 1 A LYS 215 ? A LYS 5   
6  1 Y 1 A MET 216 ? A MET 6   
7  1 Y 1 A SER 217 ? A SER 7   
8  1 Y 1 A LYS 218 ? A LYS 8   
9  1 Y 1 A ASP 219 ? A ASP 9   
10 1 Y 1 A GLU 220 ? A GLU 10  
11 1 Y 1 A ILE 221 ? A ILE 11  
12 1 Y 1 A LYS 222 ? A LYS 12  
13 1 Y 1 A ARG 223 ? A ARG 13  
14 1 Y 1 A GLU 224 ? A GLU 14  
15 1 Y 1 A TYR 225 ? A TYR 15  
16 1 Y 1 A LYS 226 ? A LYS 16  
17 1 Y 1 A GLU 227 ? A GLU 17  
18 1 Y 1 A MET 228 ? A MET 18  
19 1 Y 1 A GLU 229 ? A GLU 19  
20 1 Y 1 A ASN 345 ? A ASN 135 
21 1 Y 1 A ILE 346 ? A ILE 136 
22 1 Y 1 A GLU 347 ? A GLU 137 
23 1 Y 1 A LYS 348 ? A LYS 138 
24 1 Y 1 A GLN 349 ? A GLN 139 
25 1 Y 1 A HIS 350 ? A HIS 140 
26 1 Y 1 A SER 351 ? A SER 141 
27 1 Y 1 A GLU 352 ? A GLU 142 
28 1 Y 1 A MET 353 ? A MET 143 
29 1 Y 1 A LEU 354 ? A LEU 144 
# 
loop_
_chem_comp_atom.comp_id 
_chem_comp_atom.atom_id 
_chem_comp_atom.type_symbol 
_chem_comp_atom.pdbx_aromatic_flag 
_chem_comp_atom.pdbx_stereo_config 
_chem_comp_atom.pdbx_ordinal 
ALA N    N N N 1   
ALA CA   C N S 2   
ALA C    C N N 3   
ALA O    O N N 4   
ALA CB   C N N 5   
ALA OXT  O N N 6   
ALA H    H N N 7   
ALA H2   H N N 8   
ALA HA   H N N 9   
ALA HB1  H N N 10  
ALA HB2  H N N 11  
ALA HB3  H N N 12  
ALA HXT  H N N 13  
ARG N    N N N 14  
ARG CA   C N S 15  
ARG C    C N N 16  
ARG O    O N N 17  
ARG CB   C N N 18  
ARG CG   C N N 19  
ARG CD   C N N 20  
ARG NE   N N N 21  
ARG CZ   C N N 22  
ARG NH1  N N N 23  
ARG NH2  N N N 24  
ARG OXT  O N N 25  
ARG H    H N N 26  
ARG H2   H N N 27  
ARG HA   H N N 28  
ARG HB2  H N N 29  
ARG HB3  H N N 30  
ARG HG2  H N N 31  
ARG HG3  H N N 32  
ARG HD2  H N N 33  
ARG HD3  H N N 34  
ARG HE   H N N 35  
ARG HH11 H N N 36  
ARG HH12 H N N 37  
ARG HH21 H N N 38  
ARG HH22 H N N 39  
ARG HXT  H N N 40  
ASN N    N N N 41  
ASN CA   C N S 42  
ASN C    C N N 43  
ASN O    O N N 44  
ASN CB   C N N 45  
ASN CG   C N N 46  
ASN OD1  O N N 47  
ASN ND2  N N N 48  
ASN OXT  O N N 49  
ASN H    H N N 50  
ASN H2   H N N 51  
ASN HA   H N N 52  
ASN HB2  H N N 53  
ASN HB3  H N N 54  
ASN HD21 H N N 55  
ASN HD22 H N N 56  
ASN HXT  H N N 57  
ASP N    N N N 58  
ASP CA   C N S 59  
ASP C    C N N 60  
ASP O    O N N 61  
ASP CB   C N N 62  
ASP CG   C N N 63  
ASP OD1  O N N 64  
ASP OD2  O N N 65  
ASP OXT  O N N 66  
ASP H    H N N 67  
ASP H2   H N N 68  
ASP HA   H N N 69  
ASP HB2  H N N 70  
ASP HB3  H N N 71  
ASP HD2  H N N 72  
ASP HXT  H N N 73  
GLN N    N N N 74  
GLN CA   C N S 75  
GLN C    C N N 76  
GLN O    O N N 77  
GLN CB   C N N 78  
GLN CG   C N N 79  
GLN CD   C N N 80  
GLN OE1  O N N 81  
GLN NE2  N N N 82  
GLN OXT  O N N 83  
GLN H    H N N 84  
GLN H2   H N N 85  
GLN HA   H N N 86  
GLN HB2  H N N 87  
GLN HB3  H N N 88  
GLN HG2  H N N 89  
GLN HG3  H N N 90  
GLN HE21 H N N 91  
GLN HE22 H N N 92  
GLN HXT  H N N 93  
GLU N    N N N 94  
GLU CA   C N S 95  
GLU C    C N N 96  
GLU O    O N N 97  
GLU CB   C N N 98  
GLU CG   C N N 99  
GLU CD   C N N 100 
GLU OE1  O N N 101 
GLU OE2  O N N 102 
GLU OXT  O N N 103 
GLU H    H N N 104 
GLU H2   H N N 105 
GLU HA   H N N 106 
GLU HB2  H N N 107 
GLU HB3  H N N 108 
GLU HG2  H N N 109 
GLU HG3  H N N 110 
GLU HE2  H N N 111 
GLU HXT  H N N 112 
GLY N    N N N 113 
GLY CA   C N N 114 
GLY C    C N N 115 
GLY O    O N N 116 
GLY OXT  O N N 117 
GLY H    H N N 118 
GLY H2   H N N 119 
GLY HA2  H N N 120 
GLY HA3  H N N 121 
GLY HXT  H N N 122 
HIS N    N N N 123 
HIS CA   C N S 124 
HIS C    C N N 125 
HIS O    O N N 126 
HIS CB   C N N 127 
HIS CG   C Y N 128 
HIS ND1  N Y N 129 
HIS CD2  C Y N 130 
HIS CE1  C Y N 131 
HIS NE2  N Y N 132 
HIS OXT  O N N 133 
HIS H    H N N 134 
HIS H2   H N N 135 
HIS HA   H N N 136 
HIS HB2  H N N 137 
HIS HB3  H N N 138 
HIS HD1  H N N 139 
HIS HD2  H N N 140 
HIS HE1  H N N 141 
HIS HE2  H N N 142 
HIS HXT  H N N 143 
HOH O    O N N 144 
HOH H1   H N N 145 
HOH H2   H N N 146 
ILE N    N N N 147 
ILE CA   C N S 148 
ILE C    C N N 149 
ILE O    O N N 150 
ILE CB   C N S 151 
ILE CG1  C N N 152 
ILE CG2  C N N 153 
ILE CD1  C N N 154 
ILE OXT  O N N 155 
ILE H    H N N 156 
ILE H2   H N N 157 
ILE HA   H N N 158 
ILE HB   H N N 159 
ILE HG12 H N N 160 
ILE HG13 H N N 161 
ILE HG21 H N N 162 
ILE HG22 H N N 163 
ILE HG23 H N N 164 
ILE HD11 H N N 165 
ILE HD12 H N N 166 
ILE HD13 H N N 167 
ILE HXT  H N N 168 
LEU N    N N N 169 
LEU CA   C N S 170 
LEU C    C N N 171 
LEU O    O N N 172 
LEU CB   C N N 173 
LEU CG   C N N 174 
LEU CD1  C N N 175 
LEU CD2  C N N 176 
LEU OXT  O N N 177 
LEU H    H N N 178 
LEU H2   H N N 179 
LEU HA   H N N 180 
LEU HB2  H N N 181 
LEU HB3  H N N 182 
LEU HG   H N N 183 
LEU HD11 H N N 184 
LEU HD12 H N N 185 
LEU HD13 H N N 186 
LEU HD21 H N N 187 
LEU HD22 H N N 188 
LEU HD23 H N N 189 
LEU HXT  H N N 190 
LYS N    N N N 191 
LYS CA   C N S 192 
LYS C    C N N 193 
LYS O    O N N 194 
LYS CB   C N N 195 
LYS CG   C N N 196 
LYS CD   C N N 197 
LYS CE   C N N 198 
LYS NZ   N N N 199 
LYS OXT  O N N 200 
LYS H    H N N 201 
LYS H2   H N N 202 
LYS HA   H N N 203 
LYS HB2  H N N 204 
LYS HB3  H N N 205 
LYS HG2  H N N 206 
LYS HG3  H N N 207 
LYS HD2  H N N 208 
LYS HD3  H N N 209 
LYS HE2  H N N 210 
LYS HE3  H N N 211 
LYS HZ1  H N N 212 
LYS HZ2  H N N 213 
LYS HZ3  H N N 214 
LYS HXT  H N N 215 
MET N    N N N 216 
MET CA   C N S 217 
MET C    C N N 218 
MET O    O N N 219 
MET CB   C N N 220 
MET CG   C N N 221 
MET SD   S N N 222 
MET CE   C N N 223 
MET OXT  O N N 224 
MET H    H N N 225 
MET H2   H N N 226 
MET HA   H N N 227 
MET HB2  H N N 228 
MET HB3  H N N 229 
MET HG2  H N N 230 
MET HG3  H N N 231 
MET HE1  H N N 232 
MET HE2  H N N 233 
MET HE3  H N N 234 
MET HXT  H N N 235 
PHE N    N N N 236 
PHE CA   C N S 237 
PHE C    C N N 238 
PHE O    O N N 239 
PHE CB   C N N 240 
PHE CG   C Y N 241 
PHE CD1  C Y N 242 
PHE CD2  C Y N 243 
PHE CE1  C Y N 244 
PHE CE2  C Y N 245 
PHE CZ   C Y N 246 
PHE OXT  O N N 247 
PHE H    H N N 248 
PHE H2   H N N 249 
PHE HA   H N N 250 
PHE HB2  H N N 251 
PHE HB3  H N N 252 
PHE HD1  H N N 253 
PHE HD2  H N N 254 
PHE HE1  H N N 255 
PHE HE2  H N N 256 
PHE HZ   H N N 257 
PHE HXT  H N N 258 
PRO N    N N N 259 
PRO CA   C N S 260 
PRO C    C N N 261 
PRO O    O N N 262 
PRO CB   C N N 263 
PRO CG   C N N 264 
PRO CD   C N N 265 
PRO OXT  O N N 266 
PRO H    H N N 267 
PRO HA   H N N 268 
PRO HB2  H N N 269 
PRO HB3  H N N 270 
PRO HG2  H N N 271 
PRO HG3  H N N 272 
PRO HD2  H N N 273 
PRO HD3  H N N 274 
PRO HXT  H N N 275 
SER N    N N N 276 
SER CA   C N S 277 
SER C    C N N 278 
SER O    O N N 279 
SER CB   C N N 280 
SER OG   O N N 281 
SER OXT  O N N 282 
SER H    H N N 283 
SER H2   H N N 284 
SER HA   H N N 285 
SER HB2  H N N 286 
SER HB3  H N N 287 
SER HG   H N N 288 
SER HXT  H N N 289 
THR N    N N N 290 
THR CA   C N S 291 
THR C    C N N 292 
THR O    O N N 293 
THR CB   C N R 294 
THR OG1  O N N 295 
THR CG2  C N N 296 
THR OXT  O N N 297 
THR H    H N N 298 
THR H2   H N N 299 
THR HA   H N N 300 
THR HB   H N N 301 
THR HG1  H N N 302 
THR HG21 H N N 303 
THR HG22 H N N 304 
THR HG23 H N N 305 
THR HXT  H N N 306 
TRP N    N N N 307 
TRP CA   C N S 308 
TRP C    C N N 309 
TRP O    O N N 310 
TRP CB   C N N 311 
TRP CG   C Y N 312 
TRP CD1  C Y N 313 
TRP CD2  C Y N 314 
TRP NE1  N Y N 315 
TRP CE2  C Y N 316 
TRP CE3  C Y N 317 
TRP CZ2  C Y N 318 
TRP CZ3  C Y N 319 
TRP CH2  C Y N 320 
TRP OXT  O N N 321 
TRP H    H N N 322 
TRP H2   H N N 323 
TRP HA   H N N 324 
TRP HB2  H N N 325 
TRP HB3  H N N 326 
TRP HD1  H N N 327 
TRP HE1  H N N 328 
TRP HE3  H N N 329 
TRP HZ2  H N N 330 
TRP HZ3  H N N 331 
TRP HH2  H N N 332 
TRP HXT  H N N 333 
TYR N    N N N 334 
TYR CA   C N S 335 
TYR C    C N N 336 
TYR O    O N N 337 
TYR CB   C N N 338 
TYR CG   C Y N 339 
TYR CD1  C Y N 340 
TYR CD2  C Y N 341 
TYR CE1  C Y N 342 
TYR CE2  C Y N 343 
TYR CZ   C Y N 344 
TYR OH   O N N 345 
TYR OXT  O N N 346 
TYR H    H N N 347 
TYR H2   H N N 348 
TYR HA   H N N 349 
TYR HB2  H N N 350 
TYR HB3  H N N 351 
TYR HD1  H N N 352 
TYR HD2  H N N 353 
TYR HE1  H N N 354 
TYR HE2  H N N 355 
TYR HH   H N N 356 
TYR HXT  H N N 357 
VAL N    N N N 358 
VAL CA   C N S 359 
VAL C    C N N 360 
VAL O    O N N 361 
VAL CB   C N N 362 
VAL CG1  C N N 363 
VAL CG2  C N N 364 
VAL OXT  O N N 365 
VAL H    H N N 366 
VAL H2   H N N 367 
VAL HA   H N N 368 
VAL HB   H N N 369 
VAL HG11 H N N 370 
VAL HG12 H N N 371 
VAL HG13 H N N 372 
VAL HG21 H N N 373 
VAL HG22 H N N 374 
VAL HG23 H N N 375 
VAL HXT  H N N 376 
# 
loop_
_chem_comp_bond.comp_id 
_chem_comp_bond.atom_id_1 
_chem_comp_bond.atom_id_2 
_chem_comp_bond.value_order 
_chem_comp_bond.pdbx_aromatic_flag 
_chem_comp_bond.pdbx_stereo_config 
_chem_comp_bond.pdbx_ordinal 
ALA N   CA   sing N N 1   
ALA N   H    sing N N 2   
ALA N   H2   sing N N 3   
ALA CA  C    sing N N 4   
ALA CA  CB   sing N N 5   
ALA CA  HA   sing N N 6   
ALA C   O    doub N N 7   
ALA C   OXT  sing N N 8   
ALA CB  HB1  sing N N 9   
ALA CB  HB2  sing N N 10  
ALA CB  HB3  sing N N 11  
ALA OXT HXT  sing N N 12  
ARG N   CA   sing N N 13  
ARG N   H    sing N N 14  
ARG N   H2   sing N N 15  
ARG CA  C    sing N N 16  
ARG CA  CB   sing N N 17  
ARG CA  HA   sing N N 18  
ARG C   O    doub N N 19  
ARG C   OXT  sing N N 20  
ARG CB  CG   sing N N 21  
ARG CB  HB2  sing N N 22  
ARG CB  HB3  sing N N 23  
ARG CG  CD   sing N N 24  
ARG CG  HG2  sing N N 25  
ARG CG  HG3  sing N N 26  
ARG CD  NE   sing N N 27  
ARG CD  HD2  sing N N 28  
ARG CD  HD3  sing N N 29  
ARG NE  CZ   sing N N 30  
ARG NE  HE   sing N N 31  
ARG CZ  NH1  sing N N 32  
ARG CZ  NH2  doub N N 33  
ARG NH1 HH11 sing N N 34  
ARG NH1 HH12 sing N N 35  
ARG NH2 HH21 sing N N 36  
ARG NH2 HH22 sing N N 37  
ARG OXT HXT  sing N N 38  
ASN N   CA   sing N N 39  
ASN N   H    sing N N 40  
ASN N   H2   sing N N 41  
ASN CA  C    sing N N 42  
ASN CA  CB   sing N N 43  
ASN CA  HA   sing N N 44  
ASN C   O    doub N N 45  
ASN C   OXT  sing N N 46  
ASN CB  CG   sing N N 47  
ASN CB  HB2  sing N N 48  
ASN CB  HB3  sing N N 49  
ASN CG  OD1  doub N N 50  
ASN CG  ND2  sing N N 51  
ASN ND2 HD21 sing N N 52  
ASN ND2 HD22 sing N N 53  
ASN OXT HXT  sing N N 54  
ASP N   CA   sing N N 55  
ASP N   H    sing N N 56  
ASP N   H2   sing N N 57  
ASP CA  C    sing N N 58  
ASP CA  CB   sing N N 59  
ASP CA  HA   sing N N 60  
ASP C   O    doub N N 61  
ASP C   OXT  sing N N 62  
ASP CB  CG   sing N N 63  
ASP CB  HB2  sing N N 64  
ASP CB  HB3  sing N N 65  
ASP CG  OD1  doub N N 66  
ASP CG  OD2  sing N N 67  
ASP OD2 HD2  sing N N 68  
ASP OXT HXT  sing N N 69  
GLN N   CA   sing N N 70  
GLN N   H    sing N N 71  
GLN N   H2   sing N N 72  
GLN CA  C    sing N N 73  
GLN CA  CB   sing N N 74  
GLN CA  HA   sing N N 75  
GLN C   O    doub N N 76  
GLN C   OXT  sing N N 77  
GLN CB  CG   sing N N 78  
GLN CB  HB2  sing N N 79  
GLN CB  HB3  sing N N 80  
GLN CG  CD   sing N N 81  
GLN CG  HG2  sing N N 82  
GLN CG  HG3  sing N N 83  
GLN CD  OE1  doub N N 84  
GLN CD  NE2  sing N N 85  
GLN NE2 HE21 sing N N 86  
GLN NE2 HE22 sing N N 87  
GLN OXT HXT  sing N N 88  
GLU N   CA   sing N N 89  
GLU N   H    sing N N 90  
GLU N   H2   sing N N 91  
GLU CA  C    sing N N 92  
GLU CA  CB   sing N N 93  
GLU CA  HA   sing N N 94  
GLU C   O    doub N N 95  
GLU C   OXT  sing N N 96  
GLU CB  CG   sing N N 97  
GLU CB  HB2  sing N N 98  
GLU CB  HB3  sing N N 99  
GLU CG  CD   sing N N 100 
GLU CG  HG2  sing N N 101 
GLU CG  HG3  sing N N 102 
GLU CD  OE1  doub N N 103 
GLU CD  OE2  sing N N 104 
GLU OE2 HE2  sing N N 105 
GLU OXT HXT  sing N N 106 
GLY N   CA   sing N N 107 
GLY N   H    sing N N 108 
GLY N   H2   sing N N 109 
GLY CA  C    sing N N 110 
GLY CA  HA2  sing N N 111 
GLY CA  HA3  sing N N 112 
GLY C   O    doub N N 113 
GLY C   OXT  sing N N 114 
GLY OXT HXT  sing N N 115 
HIS N   CA   sing N N 116 
HIS N   H    sing N N 117 
HIS N   H2   sing N N 118 
HIS CA  C    sing N N 119 
HIS CA  CB   sing N N 120 
HIS CA  HA   sing N N 121 
HIS C   O    doub N N 122 
HIS C   OXT  sing N N 123 
HIS CB  CG   sing N N 124 
HIS CB  HB2  sing N N 125 
HIS CB  HB3  sing N N 126 
HIS CG  ND1  sing Y N 127 
HIS CG  CD2  doub Y N 128 
HIS ND1 CE1  doub Y N 129 
HIS ND1 HD1  sing N N 130 
HIS CD2 NE2  sing Y N 131 
HIS CD2 HD2  sing N N 132 
HIS CE1 NE2  sing Y N 133 
HIS CE1 HE1  sing N N 134 
HIS NE2 HE2  sing N N 135 
HIS OXT HXT  sing N N 136 
HOH O   H1   sing N N 137 
HOH O   H2   sing N N 138 
ILE N   CA   sing N N 139 
ILE N   H    sing N N 140 
ILE N   H2   sing N N 141 
ILE CA  C    sing N N 142 
ILE CA  CB   sing N N 143 
ILE CA  HA   sing N N 144 
ILE C   O    doub N N 145 
ILE C   OXT  sing N N 146 
ILE CB  CG1  sing N N 147 
ILE CB  CG2  sing N N 148 
ILE CB  HB   sing N N 149 
ILE CG1 CD1  sing N N 150 
ILE CG1 HG12 sing N N 151 
ILE CG1 HG13 sing N N 152 
ILE CG2 HG21 sing N N 153 
ILE CG2 HG22 sing N N 154 
ILE CG2 HG23 sing N N 155 
ILE CD1 HD11 sing N N 156 
ILE CD1 HD12 sing N N 157 
ILE CD1 HD13 sing N N 158 
ILE OXT HXT  sing N N 159 
LEU N   CA   sing N N 160 
LEU N   H    sing N N 161 
LEU N   H2   sing N N 162 
LEU CA  C    sing N N 163 
LEU CA  CB   sing N N 164 
LEU CA  HA   sing N N 165 
LEU C   O    doub N N 166 
LEU C   OXT  sing N N 167 
LEU CB  CG   sing N N 168 
LEU CB  HB2  sing N N 169 
LEU CB  HB3  sing N N 170 
LEU CG  CD1  sing N N 171 
LEU CG  CD2  sing N N 172 
LEU CG  HG   sing N N 173 
LEU CD1 HD11 sing N N 174 
LEU CD1 HD12 sing N N 175 
LEU CD1 HD13 sing N N 176 
LEU CD2 HD21 sing N N 177 
LEU CD2 HD22 sing N N 178 
LEU CD2 HD23 sing N N 179 
LEU OXT HXT  sing N N 180 
LYS N   CA   sing N N 181 
LYS N   H    sing N N 182 
LYS N   H2   sing N N 183 
LYS CA  C    sing N N 184 
LYS CA  CB   sing N N 185 
LYS CA  HA   sing N N 186 
LYS C   O    doub N N 187 
LYS C   OXT  sing N N 188 
LYS CB  CG   sing N N 189 
LYS CB  HB2  sing N N 190 
LYS CB  HB3  sing N N 191 
LYS CG  CD   sing N N 192 
LYS CG  HG2  sing N N 193 
LYS CG  HG3  sing N N 194 
LYS CD  CE   sing N N 195 
LYS CD  HD2  sing N N 196 
LYS CD  HD3  sing N N 197 
LYS CE  NZ   sing N N 198 
LYS CE  HE2  sing N N 199 
LYS CE  HE3  sing N N 200 
LYS NZ  HZ1  sing N N 201 
LYS NZ  HZ2  sing N N 202 
LYS NZ  HZ3  sing N N 203 
LYS OXT HXT  sing N N 204 
MET N   CA   sing N N 205 
MET N   H    sing N N 206 
MET N   H2   sing N N 207 
MET CA  C    sing N N 208 
MET CA  CB   sing N N 209 
MET CA  HA   sing N N 210 
MET C   O    doub N N 211 
MET C   OXT  sing N N 212 
MET CB  CG   sing N N 213 
MET CB  HB2  sing N N 214 
MET CB  HB3  sing N N 215 
MET CG  SD   sing N N 216 
MET CG  HG2  sing N N 217 
MET CG  HG3  sing N N 218 
MET SD  CE   sing N N 219 
MET CE  HE1  sing N N 220 
MET CE  HE2  sing N N 221 
MET CE  HE3  sing N N 222 
MET OXT HXT  sing N N 223 
PHE N   CA   sing N N 224 
PHE N   H    sing N N 225 
PHE N   H2   sing N N 226 
PHE CA  C    sing N N 227 
PHE CA  CB   sing N N 228 
PHE CA  HA   sing N N 229 
PHE C   O    doub N N 230 
PHE C   OXT  sing N N 231 
PHE CB  CG   sing N N 232 
PHE CB  HB2  sing N N 233 
PHE CB  HB3  sing N N 234 
PHE CG  CD1  doub Y N 235 
PHE CG  CD2  sing Y N 236 
PHE CD1 CE1  sing Y N 237 
PHE CD1 HD1  sing N N 238 
PHE CD2 CE2  doub Y N 239 
PHE CD2 HD2  sing N N 240 
PHE CE1 CZ   doub Y N 241 
PHE CE1 HE1  sing N N 242 
PHE CE2 CZ   sing Y N 243 
PHE CE2 HE2  sing N N 244 
PHE CZ  HZ   sing N N 245 
PHE OXT HXT  sing N N 246 
PRO N   CA   sing N N 247 
PRO N   CD   sing N N 248 
PRO N   H    sing N N 249 
PRO CA  C    sing N N 250 
PRO CA  CB   sing N N 251 
PRO CA  HA   sing N N 252 
PRO C   O    doub N N 253 
PRO C   OXT  sing N N 254 
PRO CB  CG   sing N N 255 
PRO CB  HB2  sing N N 256 
PRO CB  HB3  sing N N 257 
PRO CG  CD   sing N N 258 
PRO CG  HG2  sing N N 259 
PRO CG  HG3  sing N N 260 
PRO CD  HD2  sing N N 261 
PRO CD  HD3  sing N N 262 
PRO OXT HXT  sing N N 263 
SER N   CA   sing N N 264 
SER N   H    sing N N 265 
SER N   H2   sing N N 266 
SER CA  C    sing N N 267 
SER CA  CB   sing N N 268 
SER CA  HA   sing N N 269 
SER C   O    doub N N 270 
SER C   OXT  sing N N 271 
SER CB  OG   sing N N 272 
SER CB  HB2  sing N N 273 
SER CB  HB3  sing N N 274 
SER OG  HG   sing N N 275 
SER OXT HXT  sing N N 276 
THR N   CA   sing N N 277 
THR N   H    sing N N 278 
THR N   H2   sing N N 279 
THR CA  C    sing N N 280 
THR CA  CB   sing N N 281 
THR CA  HA   sing N N 282 
THR C   O    doub N N 283 
THR C   OXT  sing N N 284 
THR CB  OG1  sing N N 285 
THR CB  CG2  sing N N 286 
THR CB  HB   sing N N 287 
THR OG1 HG1  sing N N 288 
THR CG2 HG21 sing N N 289 
THR CG2 HG22 sing N N 290 
THR CG2 HG23 sing N N 291 
THR OXT HXT  sing N N 292 
TRP N   CA   sing N N 293 
TRP N   H    sing N N 294 
TRP N   H2   sing N N 295 
TRP CA  C    sing N N 296 
TRP CA  CB   sing N N 297 
TRP CA  HA   sing N N 298 
TRP C   O    doub N N 299 
TRP C   OXT  sing N N 300 
TRP CB  CG   sing N N 301 
TRP CB  HB2  sing N N 302 
TRP CB  HB3  sing N N 303 
TRP CG  CD1  doub Y N 304 
TRP CG  CD2  sing Y N 305 
TRP CD1 NE1  sing Y N 306 
TRP CD1 HD1  sing N N 307 
TRP CD2 CE2  doub Y N 308 
TRP CD2 CE3  sing Y N 309 
TRP NE1 CE2  sing Y N 310 
TRP NE1 HE1  sing N N 311 
TRP CE2 CZ2  sing Y N 312 
TRP CE3 CZ3  doub Y N 313 
TRP CE3 HE3  sing N N 314 
TRP CZ2 CH2  doub Y N 315 
TRP CZ2 HZ2  sing N N 316 
TRP CZ3 CH2  sing Y N 317 
TRP CZ3 HZ3  sing N N 318 
TRP CH2 HH2  sing N N 319 
TRP OXT HXT  sing N N 320 
TYR N   CA   sing N N 321 
TYR N   H    sing N N 322 
TYR N   H2   sing N N 323 
TYR CA  C    sing N N 324 
TYR CA  CB   sing N N 325 
TYR CA  HA   sing N N 326 
TYR C   O    doub N N 327 
TYR C   OXT  sing N N 328 
TYR CB  CG   sing N N 329 
TYR CB  HB2  sing N N 330 
TYR CB  HB3  sing N N 331 
TYR CG  CD1  doub Y N 332 
TYR CG  CD2  sing Y N 333 
TYR CD1 CE1  sing Y N 334 
TYR CD1 HD1  sing N N 335 
TYR CD2 CE2  doub Y N 336 
TYR CD2 HD2  sing N N 337 
TYR CE1 CZ   doub Y N 338 
TYR CE1 HE1  sing N N 339 
TYR CE2 CZ   sing Y N 340 
TYR CE2 HE2  sing N N 341 
TYR CZ  OH   sing N N 342 
TYR OH  HH   sing N N 343 
TYR OXT HXT  sing N N 344 
VAL N   CA   sing N N 345 
VAL N   H    sing N N 346 
VAL N   H2   sing N N 347 
VAL CA  C    sing N N 348 
VAL CA  CB   sing N N 349 
VAL CA  HA   sing N N 350 
VAL C   O    doub N N 351 
VAL C   OXT  sing N N 352 
VAL CB  CG1  sing N N 353 
VAL CB  CG2  sing N N 354 
VAL CB  HB   sing N N 355 
VAL CG1 HG11 sing N N 356 
VAL CG1 HG12 sing N N 357 
VAL CG1 HG13 sing N N 358 
VAL CG2 HG21 sing N N 359 
VAL CG2 HG22 sing N N 360 
VAL CG2 HG23 sing N N 361 
VAL OXT HXT  sing N N 362 
# 
_atom_sites.entry_id                    2JLJ 
_atom_sites.fract_transf_matrix[1][1]   0.00646960 
_atom_sites.fract_transf_matrix[1][2]   -0.01071417 
_atom_sites.fract_transf_matrix[1][3]   0.00852239 
_atom_sites.fract_transf_matrix[2][1]   0.00136526 
_atom_sites.fract_transf_matrix[2][2]   -0.00887417 
_atom_sites.fract_transf_matrix[2][3]   -0.01219284 
_atom_sites.fract_transf_matrix[3][1]   0.01271884 
_atom_sites.fract_transf_matrix[3][2]   0.00558158 
_atom_sites.fract_transf_matrix[3][3]   -0.00263822 
_atom_sites.fract_transf_vector[1]      0.284877 
_atom_sites.fract_transf_vector[2]      -0.194783 
_atom_sites.fract_transf_vector[3]      -0.071138 
# 
loop_
_atom_type.symbol 
C 
N 
O 
S 
# 
loop_
_atom_site.group_PDB 
_atom_site.id 
_atom_site.type_symbol 
_atom_site.label_atom_id 
_atom_site.label_alt_id 
_atom_site.label_comp_id 
_atom_site.label_asym_id 
_atom_site.label_entity_id 
_atom_site.label_seq_id 
_atom_site.pdbx_PDB_ins_code 
_atom_site.Cartn_x 
_atom_site.Cartn_y 
_atom_site.Cartn_z 
_atom_site.occupancy 
_atom_site.B_iso_or_equiv 
_atom_site.pdbx_formal_charge 
_atom_site.auth_seq_id 
_atom_site.auth_comp_id 
_atom_site.auth_asym_id 
_atom_site.auth_atom_id 
_atom_site.pdbx_PDB_model_num 
ATOM   1    N N   . GLY A 1 20  ? -5.788  -21.696 -2.843  1.00 34.28 ? 230  GLY A N   1 
ATOM   2    C CA  . GLY A 1 20  ? -6.731  -20.901 -1.982  1.00 32.69 ? 230  GLY A CA  1 
ATOM   3    C C   . GLY A 1 20  ? -8.035  -20.392 -2.590  1.00 31.17 ? 230  GLY A C   1 
ATOM   4    O O   . GLY A 1 20  ? -8.051  -19.675 -3.604  1.00 33.16 ? 230  GLY A O   1 
ATOM   5    N N   . SER A 1 21  ? -9.127  -20.797 -1.956  1.00 27.77 ? 231  SER A N   1 
ATOM   6    C CA  . SER A 1 21  ? -10.454 -20.303 -2.224  1.00 25.09 ? 231  SER A CA  1 
ATOM   7    C C   . SER A 1 21  ? -10.567 -18.801 -1.899  1.00 24.70 ? 231  SER A C   1 
ATOM   8    O O   . SER A 1 21  ? -9.721  -18.264 -1.186  1.00 23.77 ? 231  SER A O   1 
ATOM   9    C CB  . SER A 1 21  ? -11.419 -21.077 -1.351  1.00 25.60 ? 231  SER A CB  1 
ATOM   10   O OG  . SER A 1 21  ? -11.139 -20.761 0.019   1.00 24.76 ? 231  SER A OG  1 
ATOM   11   N N   . PRO A 1 22  ? -11.628 -18.154 -2.408  1.00 23.80 ? 232  PRO A N   1 
ATOM   12   C CA  . PRO A 1 22  ? -11.805 -16.766 -2.033  1.00 24.40 ? 232  PRO A CA  1 
ATOM   13   C C   . PRO A 1 22  ? -11.976 -16.651 -0.523  1.00 23.09 ? 232  PRO A C   1 
ATOM   14   O O   . PRO A 1 22  ? -11.551 -15.666 0.088   1.00 21.85 ? 232  PRO A O   1 
ATOM   15   C CB  . PRO A 1 22  ? -13.092 -16.389 -2.758  1.00 25.06 ? 232  PRO A CB  1 
ATOM   16   C CG  . PRO A 1 22  ? -13.103 -17.310 -3.930  1.00 27.41 ? 232  PRO A CG  1 
ATOM   17   C CD  . PRO A 1 22  ? -12.579 -18.583 -3.460  1.00 24.86 ? 232  PRO A CD  1 
ATOM   18   N N   . GLU A 1 23  ? -12.558 -17.668 0.091   1.00 22.37 ? 233  GLU A N   1 
ATOM   19   C CA  . GLU A 1 23  ? -12.778 -17.631 1.536   1.00 21.77 ? 233  GLU A CA  1 
ATOM   20   C C   . GLU A 1 23  ? -11.465 -17.661 2.294   1.00 21.47 ? 233  GLU A C   1 
ATOM   21   O O   . GLU A 1 23  ? -11.267 -16.855 3.244   1.00 20.87 ? 233  GLU A O   1 
ATOM   22   C CB  . GLU A 1 23  ? -13.679 -18.786 1.938   1.00 22.75 ? 233  GLU A CB  1 
ATOM   23   C CG  . GLU A 1 23  ? -15.155 -18.641 1.487   1.00 26.31 ? 233  GLU A CG  1 
ATOM   24   C CD  . GLU A 1 23  ? -15.424 -18.934 0.000   1.00 30.66 ? 233  GLU A CD  1 
ATOM   25   O OE1 . GLU A 1 23  ? -14.562 -19.564 -0.678  1.00 31.51 ? 233  GLU A OE1 1 
ATOM   26   O OE2 . GLU A 1 23  ? -16.521 -18.532 -0.459  1.00 35.55 ? 233  GLU A OE2 1 
ATOM   27   N N   . ILE A 1 24  ? -10.541 -18.547 1.963   1.00 20.18 ? 234  ILE A N   1 
ATOM   28   C CA  . ILE A 1 24  ? -9.274  -18.554 2.646   1.00 20.05 ? 234  ILE A CA  1 
ATOM   29   C C   . ILE A 1 24  ? -8.471  -17.318 2.375   1.00 20.24 ? 234  ILE A C   1 
ATOM   30   O O   . ILE A 1 24  ? -7.781  -16.787 3.242   1.00 20.15 ? 234  ILE A O   1 
ATOM   31   C CB  . ILE A 1 24  ? -8.451  -19.864 2.426   1.00 20.89 ? 234  ILE A CB  1 
ATOM   32   C CG1 . ILE A 1 24  ? -7.461  -20.071 3.600   1.00 23.16 ? 234  ILE A CG1 1 
ATOM   33   C CG2 . ILE A 1 24  ? -7.813  -19.934 1.044   1.00 22.20 ? 234  ILE A CG2 1 
ATOM   34   C CD1 . ILE A 1 24  ? -6.657  -21.366 3.537   1.00 23.99 ? 234  ILE A CD1 1 
ATOM   35   N N   . LYS A 1 25  ? -8.595  -16.754 1.165   1.00 20.35 ? 235  LYS A N   1 
ATOM   36   C CA  . LYS A 1 25  ? -7.938  -15.471 0.908   1.00 21.85 ? 235  LYS A CA  1 
ATOM   37   C C   . LYS A 1 25  ? -8.402  -14.379 1.842   1.00 19.96 ? 235  LYS A C   1 
ATOM   38   O O   . LYS A 1 25  ? -7.611  -13.566 2.301   1.00 19.97 ? 235  LYS A O   1 
ATOM   39   C CB  . LYS A 1 25  ? -8.113  -15.034 -0.540  1.00 22.67 ? 235  LYS A CB  1 
ATOM   40   C CG  . LYS A 1 25  ? -7.437  -15.917 -1.538  1.00 26.54 ? 235  LYS A CG  1 
ATOM   41   C CD  . LYS A 1 25  ? -7.899  -15.510 -2.922  1.00 31.26 ? 235  LYS A CD  1 
ATOM   42   C CE  . LYS A 1 25  ? -6.988  -16.013 -4.016  1.00 35.70 ? 235  LYS A CE  1 
ATOM   43   N NZ  . LYS A 1 25  ? -7.580  -15.597 -5.347  1.00 39.28 ? 235  LYS A NZ  1 
ATOM   44   N N   . SER A 1 26  ? -9.704  -14.344 2.084   1.00 19.16 ? 236  SER A N   1 
ATOM   45   C CA  A SER A 1 26  ? -10.243 -13.353 2.996   0.50 19.15 ? 236  SER A CA  1 
ATOM   46   C CA  B SER A 1 26  ? -10.264 -13.378 2.997   0.50 19.82 ? 236  SER A CA  1 
ATOM   47   C C   . SER A 1 26  ? -9.767  -13.550 4.427   1.00 18.38 ? 236  SER A C   1 
ATOM   48   O O   . SER A 1 26  ? -9.527  -12.576 5.138   1.00 18.88 ? 236  SER A O   1 
ATOM   49   C CB  A SER A 1 26  ? -11.766 -13.295 2.972   0.50 19.86 ? 236  SER A CB  1 
ATOM   50   C CB  B SER A 1 26  ? -11.775 -13.458 2.964   0.50 20.10 ? 236  SER A CB  1 
ATOM   51   O OG  A SER A 1 26  ? -12.407 -14.404 3.554   0.50 20.00 ? 236  SER A OG  1 
ATOM   52   O OG  B SER A 1 26  ? -12.221 -12.748 1.814   0.50 26.22 ? 236  SER A OG  1 
ATOM   53   N N   . LYS A 1 27  ? -9.589  -14.812 4.854   1.00 18.33 ? 237  LYS A N   1 
ATOM   54   C CA  . LYS A 1 27  ? -9.041  -15.099 6.173   1.00 17.62 ? 237  LYS A CA  1 
ATOM   55   C C   . LYS A 1 27  ? -7.595  -14.646 6.217   1.00 18.16 ? 237  LYS A C   1 
ATOM   56   O O   . LYS A 1 27  ? -7.150  -14.067 7.213   1.00 18.59 ? 237  LYS A O   1 
ATOM   57   C CB  . LYS A 1 27  ? -9.176  -16.604 6.491   1.00 18.26 ? 237  LYS A CB  1 
ATOM   58   C CG  . LYS A 1 27  ? -10.596 -17.088 6.701   1.00 18.30 ? 237  LYS A CG  1 
ATOM   59   C CD  . LYS A 1 27  ? -10.798 -18.558 6.840   1.00 18.98 ? 237  LYS A CD  1 
ATOM   60   C CE  . LYS A 1 27  ? -10.356 -19.042 8.198   1.00 19.66 ? 237  LYS A CE  1 
ATOM   61   N NZ  . LYS A 1 27  ? -10.712 -20.500 8.455   1.00 16.89 ? 237  LYS A NZ  1 
ATOM   62   N N   . ARG A 1 28  ? -6.835  -14.926 5.160   1.00 18.99 ? 238  ARG A N   1 
ATOM   63   C CA  . ARG A 1 28  ? -5.425  -14.474 5.143   1.00 19.61 ? 238  ARG A CA  1 
ATOM   64   C C   . ARG A 1 28  ? -5.312  -12.977 5.180   1.00 20.57 ? 238  ARG A C   1 
ATOM   65   O O   . ARG A 1 28  ? -4.483  -12.419 5.877   1.00 21.17 ? 238  ARG A O   1 
ATOM   66   C CB  . ARG A 1 28  ? -4.741  -15.023 3.898   1.00 21.06 ? 238  ARG A CB  1 
ATOM   67   C CG  . ARG A 1 28  ? -4.427  -16.495 3.977   1.00 23.66 ? 238  ARG A CG  1 
ATOM   68   C CD  . ARG A 1 28  ? -3.652  -16.893 2.686   1.00 26.03 ? 238  ARG A CD  1 
ATOM   69   N NE  . ARG A 1 28  ? -2.267  -16.388 2.607   1.00 27.63 ? 238  ARG A NE  1 
ATOM   70   C CZ  . ARG A 1 28  ? -1.601  -16.272 1.440   1.00 36.46 ? 238  ARG A CZ  1 
ATOM   71   N NH1 . ARG A 1 28  ? -2.183  -16.626 0.314   1.00 33.87 ? 238  ARG A NH1 1 
ATOM   72   N NH2 . ARG A 1 28  ? -0.373  -15.782 1.382   1.00 38.98 ? 238  ARG A NH2 1 
ATOM   73   N N   . ARG A 1 29  ? -6.156  -12.279 4.429   1.00 20.63 ? 239  ARG A N   1 
ATOM   74   C CA  . ARG A 1 29  ? -6.106  -10.814 4.480   1.00 21.89 ? 239  ARG A CA  1 
ATOM   75   C C   . ARG A 1 29  ? -6.372  -10.297 5.855   1.00 21.11 ? 239  ARG A C   1 
ATOM   76   O O   . ARG A 1 29  ? -5.604  -9.494  6.389   1.00 22.14 ? 239  ARG A O   1 
ATOM   77   C CB  . ARG A 1 29  ? -7.123  -10.213 3.513   1.00 22.69 ? 239  ARG A CB  1 
ATOM   78   C CG  . ARG A 1 29  ? -6.689  -10.279 2.068   1.00 24.37 ? 239  ARG A CG  1 
ATOM   79   C CD  . ARG A 1 29  ? -7.625  -9.476  1.130   1.00 24.32 ? 239  ARG A CD  1 
ATOM   80   N NE  . ARG A 1 29  ? -9.016  -9.866  1.187   1.00 24.10 ? 239  ARG A NE  1 
ATOM   81   C CZ  . ARG A 1 29  ? -9.595  -10.761 0.378   1.00 24.31 ? 239  ARG A CZ  1 
ATOM   82   N NH1 . ARG A 1 29  ? -8.934  -11.345 -0.557  1.00 31.29 ? 239  ARG A NH1 1 
ATOM   83   N NH2 . ARG A 1 29  ? -10.879 -10.986 0.509   1.00 30.90 ? 239  ARG A NH2 1 
ATOM   84   N N   . GLN A 1 30  ? -7.425  -10.780 6.517   1.00 20.05 ? 240  GLN A N   1 
ATOM   85   C CA  . GLN A 1 30  ? -7.763  -10.285 7.809   1.00 19.78 ? 240  GLN A CA  1 
ATOM   86   C C   . GLN A 1 30  ? -6.667  -10.642 8.814   1.00 20.52 ? 240  GLN A C   1 
ATOM   87   O O   . GLN A 1 30  ? -6.274  -9.833  9.646   1.00 19.75 ? 240  GLN A O   1 
ATOM   88   C CB  . GLN A 1 30  ? -9.102  -10.824 8.267   1.00 21.07 ? 240  GLN A CB  1 
ATOM   89   C CG  . GLN A 1 30  ? -9.533  -10.156 9.570   1.00 22.17 ? 240  GLN A CG  1 
ATOM   90   C CD  . GLN A 1 30  ? -10.780 -10.706 10.209  1.00 25.66 ? 240  GLN A CD  1 
ATOM   91   O OE1 . GLN A 1 30  ? -11.464 -11.521 9.657   1.00 30.51 ? 240  GLN A OE1 1 
ATOM   92   N NE2 . GLN A 1 30  ? -11.097 -10.193 11.392  1.00 29.36 ? 240  GLN A NE2 1 
ATOM   93   N N   . PHE A 1 31  ? -6.158  -11.883 8.773   1.00 19.72 ? 241  PHE A N   1 
ATOM   94   C CA  . PHE A 1 31  ? -5.145  -12.257 9.705   1.00 19.49 ? 241  PHE A CA  1 
ATOM   95   C C   . PHE A 1 31  ? -3.881  -11.413 9.586   1.00 19.69 ? 241  PHE A C   1 
ATOM   96   O O   . PHE A 1 31  ? -3.340  -10.970 10.593  1.00 18.88 ? 241  PHE A O   1 
ATOM   97   C CB  . PHE A 1 31  ? -4.837  -13.767 9.565   1.00 19.18 ? 241  PHE A CB  1 
ATOM   98   C CG  . PHE A 1 31  ? -3.690  -14.194 10.397  1.00 18.99 ? 241  PHE A CG  1 
ATOM   99   C CD1 . PHE A 1 31  ? -3.848  -14.408 11.745  1.00 19.87 ? 241  PHE A CD1 1 
ATOM   100  C CD2 . PHE A 1 31  ? -2.439  -14.369 9.817   1.00 21.80 ? 241  PHE A CD2 1 
ATOM   101  C CE1 . PHE A 1 31  ? -2.738  -14.725 12.526  1.00 20.56 ? 241  PHE A CE1 1 
ATOM   102  C CE2 . PHE A 1 31  ? -1.342  -14.714 10.618  1.00 23.40 ? 241  PHE A CE2 1 
ATOM   103  C CZ  . PHE A 1 31  ? -1.519  -14.937 11.931  1.00 21.56 ? 241  PHE A CZ  1 
ATOM   104  N N   . HIS A 1 32  ? -3.387  -11.225 8.375   1.00 20.61 ? 242  HIS A N   1 
ATOM   105  C CA  . HIS A 1 32  ? -2.149  -10.469 8.219   1.00 21.60 ? 242  HIS A CA  1 
ATOM   106  C C   . HIS A 1 32  ? -2.295  -8.997  8.518   1.00 21.66 ? 242  HIS A C   1 
ATOM   107  O O   . HIS A 1 32  ? -1.367  -8.370  9.033   1.00 22.64 ? 242  HIS A O   1 
ATOM   108  C CB  . HIS A 1 32  ? -1.576  -10.744 6.828   1.00 22.38 ? 242  HIS A CB  1 
ATOM   109  C CG  . HIS A 1 32  ? -0.938  -12.088 6.763   1.00 23.36 ? 242  HIS A CG  1 
ATOM   110  N ND1 . HIS A 1 32  ? 0.269   -12.369 7.373   1.00 24.92 ? 242  HIS A ND1 1 
ATOM   111  C CD2 . HIS A 1 32  ? -1.405  -13.268 6.292   1.00 25.54 ? 242  HIS A CD2 1 
ATOM   112  C CE1 . HIS A 1 32  ? 0.534   -13.651 7.241   1.00 26.82 ? 242  HIS A CE1 1 
ATOM   113  N NE2 . HIS A 1 32  ? -0.451  -14.219 6.579   1.00 26.63 ? 242  HIS A NE2 1 
ATOM   114  N N   . GLN A 1 33  ? -3.511  -8.457  8.390   1.00 21.64 ? 243  GLN A N   1 
ATOM   115  C CA  . GLN A 1 33  ? -3.828  -7.134  8.912   1.00 23.34 ? 243  GLN A CA  1 
ATOM   116  C C   . GLN A 1 33  ? -3.746  -7.118  10.430  1.00 23.30 ? 243  GLN A C   1 
ATOM   117  O O   . GLN A 1 33  ? -3.108  -6.256  11.052  1.00 24.19 ? 243  GLN A O   1 
ATOM   118  C CB  . GLN A 1 33  ? -5.235  -6.772  8.425   1.00 25.15 ? 243  GLN A CB  1 
ATOM   119  C CG  . GLN A 1 33  ? -5.688  -5.329  8.561   1.00 28.21 ? 243  GLN A CG  1 
ATOM   120  C CD  . GLN A 1 33  ? -4.943  -4.426  7.609   1.00 27.27 ? 243  GLN A CD  1 
ATOM   121  O OE1 . GLN A 1 33  ? -5.197  -4.372  6.362   1.00 31.37 ? 243  GLN A OE1 1 
ATOM   122  N NE2 . GLN A 1 33  ? -3.991  -3.715  8.187   1.00 25.90 ? 243  GLN A NE2 1 
ATOM   123  N N   . GLU A 1 34  ? -4.336  -8.098  11.100  1.00 22.09 ? 244  GLU A N   1 
ATOM   124  C CA  . GLU A 1 34  ? -4.440  -8.087  12.546  1.00 22.57 ? 244  GLU A CA  1 
ATOM   125  C C   . GLU A 1 34  ? -3.101  -8.362  13.205  1.00 22.17 ? 244  GLU A C   1 
ATOM   126  O O   . GLU A 1 34  ? -2.815  -7.827  14.277  1.00 22.42 ? 244  GLU A O   1 
ATOM   127  C CB  . GLU A 1 34  ? -5.466  -9.127  13.022  1.00 23.88 ? 244  GLU A CB  1 
ATOM   128  C CG  . GLU A 1 34  ? -6.870  -8.739  12.757  1.00 26.24 ? 244  GLU A CG  1 
ATOM   129  C CD  . GLU A 1 34  ? -7.326  -7.581  13.609  1.00 31.39 ? 244  GLU A CD  1 
ATOM   130  O OE1 . GLU A 1 34  ? -6.981  -7.549  14.788  1.00 29.55 ? 244  GLU A OE1 1 
ATOM   131  O OE2 . GLU A 1 34  ? -8.021  -6.684  13.064  1.00 36.98 ? 244  GLU A OE2 1 
ATOM   132  N N   . ILE A 1 35  ? -2.240  -9.185  12.587  1.00 21.77 ? 245  ILE A N   1 
ATOM   133  C CA  . ILE A 1 35  ? -0.966  -9.530  13.190  1.00 22.57 ? 245  ILE A CA  1 
ATOM   134  C C   . ILE A 1 35  ? 0.052   -8.402  13.052  1.00 22.73 ? 245  ILE A C   1 
ATOM   135  O O   . ILE A 1 35  ? 1.047   -8.376  13.767  1.00 23.44 ? 245  ILE A O   1 
ATOM   136  C CB  . ILE A 1 35  ? -0.431  -10.879 12.638  1.00 23.63 ? 245  ILE A CB  1 
ATOM   137  C CG1 . ILE A 1 35  ? 0.592   -11.483 13.584  1.00 27.07 ? 245  ILE A CG1 1 
ATOM   138  C CG2 . ILE A 1 35  ? 0.169   -10.719 11.276  1.00 23.13 ? 245  ILE A CG2 1 
ATOM   139  C CD1 . ILE A 1 35  ? 0.000   -12.136 14.719  1.00 31.07 ? 245  ILE A CD1 1 
ATOM   140  N N   . GLN A 1 36  ? -0.174  -7.448  12.147  1.00 22.83 ? 246  GLN A N   1 
ATOM   141  C CA  . GLN A 1 36  ? 0.767   -6.346  11.985  1.00 23.63 ? 246  GLN A CA  1 
ATOM   142  C C   . GLN A 1 36  ? 0.833   -5.537  13.268  1.00 24.58 ? 246  GLN A C   1 
ATOM   143  O O   . GLN A 1 36  ? -0.192  -5.244  13.883  1.00 24.72 ? 246  GLN A O   1 
ATOM   144  C CB  . GLN A 1 36  ? 0.368   -5.480  10.768  1.00 22.88 ? 246  GLN A CB  1 
ATOM   145  C CG  . GLN A 1 36  ? 1.510   -4.560  10.328  1.00 23.71 ? 246  GLN A CG  1 
ATOM   146  C CD  . GLN A 1 36  ? 1.053   -3.573  9.262   1.00 23.47 ? 246  GLN A CD  1 
ATOM   147  O OE1 . GLN A 1 36  ? 0.287   -2.617  9.543   1.00 24.34 ? 246  GLN A OE1 1 
ATOM   148  N NE2 . GLN A 1 36  ? 1.490   -3.778  8.047   1.00 23.37 ? 246  GLN A NE2 1 
ATOM   149  N N   . SER A 1 37  ? 2.030   -5.160  13.670  1.00 24.60 ? 247  SER A N   1 
ATOM   150  C CA  . SER A 1 37  ? 2.247   -4.444  14.922  1.00 25.86 ? 247  SER A CA  1 
ATOM   151  C C   . SER A 1 37  ? 3.074   -3.182  14.668  1.00 27.11 ? 247  SER A C   1 
ATOM   152  O O   . SER A 1 37  ? 4.126   -2.978  15.296  1.00 29.85 ? 247  SER A O   1 
ATOM   153  C CB  . SER A 1 37  ? 2.917   -5.394  15.889  1.00 26.16 ? 247  SER A CB  1 
ATOM   154  O OG  . SER A 1 37  ? 4.189   -5.771  15.448  1.00 30.92 ? 247  SER A OG  1 
ATOM   155  N N   . ARG A 1 38  ? 2.575   -2.331  13.777  1.00 24.73 ? 248  ARG A N   1 
ATOM   156  C CA  . ARG A 1 38  ? 3.233   -1.075  13.411  1.00 25.16 ? 248  ARG A CA  1 
ATOM   157  C C   . ARG A 1 38  ? 2.260   0.048   13.531  1.00 24.84 ? 248  ARG A C   1 
ATOM   158  O O   . ARG A 1 38  ? 1.093   -0.096  13.216  1.00 27.10 ? 248  ARG A O   1 
ATOM   159  C CB  . ARG A 1 38  ? 3.731   -1.139  11.984  1.00 26.14 ? 248  ARG A CB  1 
ATOM   160  C CG  . ARG A 1 38  ? 4.815   -2.187  11.795  1.00 28.84 ? 248  ARG A CG  1 
ATOM   161  C CD  . ARG A 1 38  ? 5.442   -2.020  10.482  1.00 31.48 ? 248  ARG A CD  1 
ATOM   162  N NE  . ARG A 1 38  ? 6.269   -3.147  10.084  1.00 31.04 ? 248  ARG A NE  1 
ATOM   163  C CZ  . ARG A 1 38  ? 7.592   -3.161  10.103  1.00 32.15 ? 248  ARG A CZ  1 
ATOM   164  N NH1 . ARG A 1 38  ? 8.284   -2.147  10.589  1.00 34.43 ? 248  ARG A NH1 1 
ATOM   165  N NH2 . ARG A 1 38  ? 8.224   -4.226  9.632   1.00 35.18 ? 248  ARG A NH2 1 
ATOM   166  N N   . ASN A 1 39  ? 2.738   1.191   13.967  1.00 22.95 ? 249  ASN A N   1 
ATOM   167  C CA  . ASN A 1 39  ? 1.921   2.379   14.031  1.00 23.23 ? 249  ASN A CA  1 
ATOM   168  C C   . ASN A 1 39  ? 1.909   3.079   12.667  1.00 22.07 ? 249  ASN A C   1 
ATOM   169  O O   . ASN A 1 39  ? 2.663   2.734   11.755  1.00 21.62 ? 249  ASN A O   1 
ATOM   170  C CB  . ASN A 1 39  ? 2.375   3.305   15.174  1.00 23.99 ? 249  ASN A CB  1 
ATOM   171  C CG  . ASN A 1 39  ? 3.772   3.814   14.987  1.00 25.60 ? 249  ASN A CG  1 
ATOM   172  O OD1 . ASN A 1 39  ? 4.067   4.564   14.065  1.00 25.67 ? 249  ASN A OD1 1 
ATOM   173  N ND2 . ASN A 1 39  ? 4.671   3.424   15.904  1.00 33.57 ? 249  ASN A ND2 1 
ATOM   174  N N   . MET A 1 40  ? 1.059   4.092   12.539  1.00 20.80 ? 250  MET A N   1 
ATOM   175  C CA  . MET A 1 40  ? 0.837   4.716   11.259  1.00 21.01 ? 250  MET A CA  1 
ATOM   176  C C   . MET A 1 40  ? 2.076   5.417   10.738  1.00 20.49 ? 250  MET A C   1 
ATOM   177  O O   . MET A 1 40  ? 2.439   5.261   9.576   1.00 20.30 ? 250  MET A O   1 
ATOM   178  C CB  . MET A 1 40  ? -0.352  5.658   11.343  1.00 21.87 ? 250  MET A CB  1 
ATOM   179  C CG  . MET A 1 40  ? -0.659  6.331   10.005  1.00 20.74 ? 250  MET A CG  1 
ATOM   180  S SD  . MET A 1 40  ? -1.984  7.541   10.132  1.00 22.41 ? 250  MET A SD  1 
ATOM   181  C CE  . MET A 1 40  ? -3.396  6.454   10.215  1.00 24.84 ? 250  MET A CE  1 
ATOM   182  N N   . ARG A 1 41  ? 2.762   6.176   11.603  1.00 19.55 ? 251  ARG A N   1 
ATOM   183  C CA  . ARG A 1 41  ? 3.975   6.859   11.158  1.00 20.42 ? 251  ARG A CA  1 
ATOM   184  C C   . ARG A 1 41  ? 5.067   5.900   10.672  1.00 19.89 ? 251  ARG A C   1 
ATOM   185  O O   . ARG A 1 41  ? 5.738   6.112   9.659   1.00 19.91 ? 251  ARG A O   1 
ATOM   186  C CB  . ARG A 1 41  ? 4.514   7.767   12.279  1.00 21.47 ? 251  ARG A CB  1 
ATOM   187  C CG  . ARG A 1 41  ? 5.712   8.580   11.844  1.00 22.00 ? 251  ARG A CG  1 
ATOM   188  C CD  . ARG A 1 41  ? 6.154   9.539   12.914  1.00 23.97 ? 251  ARG A CD  1 
ATOM   189  N NE  . ARG A 1 41  ? 5.092   10.514  13.137  1.00 25.91 ? 251  ARG A NE  1 
ATOM   190  C CZ  . ARG A 1 41  ? 4.905   11.633  12.418  1.00 25.29 ? 251  ARG A CZ  1 
ATOM   191  N NH1 . ARG A 1 41  ? 5.697   11.955  11.396  1.00 24.24 ? 251  ARG A NH1 1 
ATOM   192  N NH2 . ARG A 1 41  ? 3.902   12.441  12.740  1.00 25.56 ? 251  ARG A NH2 1 
ATOM   193  N N   . GLU A 1 42  ? 5.226   4.821   11.414  1.00 20.32 ? 252  GLU A N   1 
ATOM   194  C CA  A GLU A 1 42  ? 6.183   3.786   11.061  0.50 20.99 ? 252  GLU A CA  1 
ATOM   195  C CA  B GLU A 1 42  ? 6.172   3.750   11.083  0.50 20.96 ? 252  GLU A CA  1 
ATOM   196  C C   . GLU A 1 42  ? 5.820   3.181   9.699   1.00 20.80 ? 252  GLU A C   1 
ATOM   197  O O   . GLU A 1 42  ? 6.689   2.969   8.861   1.00 21.09 ? 252  GLU A O   1 
ATOM   198  C CB  A GLU A 1 42  ? 6.157   2.697   12.118  0.50 21.79 ? 252  GLU A CB  1 
ATOM   199  C CB  B GLU A 1 42  ? 6.118   2.619   12.144  0.50 21.69 ? 252  GLU A CB  1 
ATOM   200  C CG  A GLU A 1 42  ? 7.126   1.578   11.899  0.50 22.64 ? 252  GLU A CG  1 
ATOM   201  C CG  B GLU A 1 42  ? 6.864   2.944   13.462  0.50 22.24 ? 252  GLU A CG  1 
ATOM   202  C CD  A GLU A 1 42  ? 6.967   0.536   12.964  0.50 23.58 ? 252  GLU A CD  1 
ATOM   203  C CD  B GLU A 1 42  ? 6.541   2.029   14.629  0.50 24.49 ? 252  GLU A CD  1 
ATOM   204  O OE1 A GLU A 1 42  ? 6.037   0.688   13.783  0.50 24.49 ? 252  GLU A OE1 1 
ATOM   205  O OE1 B GLU A 1 42  ? 5.532   1.300   14.617  0.50 24.08 ? 252  GLU A OE1 1 
ATOM   206  O OE2 A GLU A 1 42  ? 7.720   -0.454  12.957  0.50 25.62 ? 252  GLU A OE2 1 
ATOM   207  O OE2 B GLU A 1 42  ? 7.308   2.086   15.629  0.50 26.80 ? 252  GLU A OE2 1 
ATOM   208  N N   . ASN A 1 43  ? 4.531   2.924   9.494   1.00 20.58 ? 253  ASN A N   1 
ATOM   209  C CA  . ASN A 1 43  ? 4.056   2.384   8.205   1.00 19.45 ? 253  ASN A CA  1 
ATOM   210  C C   . ASN A 1 43  ? 4.287   3.340   7.045   1.00 18.95 ? 253  ASN A C   1 
ATOM   211  O O   . ASN A 1 43  ? 4.704   2.934   5.972   1.00 19.68 ? 253  ASN A O   1 
ATOM   212  C CB  . ASN A 1 43  ? 2.600   1.976   8.289   1.00 19.33 ? 253  ASN A CB  1 
ATOM   213  C CG  . ASN A 1 43  ? 2.412   0.501   8.697   1.00 20.06 ? 253  ASN A CG  1 
ATOM   214  O OD1 . ASN A 1 43  ? 3.292   -0.354  8.502   1.00 20.55 ? 253  ASN A OD1 1 
ATOM   215  N ND2 . ASN A 1 43  ? 1.223   0.201   9.238   1.00 21.07 ? 253  ASN A ND2 1 
ATOM   216  N N   . VAL A 1 44  ? 4.042   4.631   7.253   1.00 19.17 ? 254  VAL A N   1 
ATOM   217  C CA  . VAL A 1 44  ? 4.222   5.597   6.188   1.00 19.97 ? 254  VAL A CA  1 
ATOM   218  C C   . VAL A 1 44  ? 5.720   5.739   5.905   1.00 21.08 ? 254  VAL A C   1 
ATOM   219  O O   . VAL A 1 44  ? 6.181   5.747   4.757   1.00 21.25 ? 254  VAL A O   1 
ATOM   220  C CB  . VAL A 1 44  ? 3.546   6.967   6.524   1.00 20.49 ? 254  VAL A CB  1 
ATOM   221  C CG1 . VAL A 1 44  ? 3.925   7.988   5.465   1.00 22.37 ? 254  VAL A CG1 1 
ATOM   222  C CG2 . VAL A 1 44  ? 2.085   6.809   6.650   1.00 21.13 ? 254  VAL A CG2 1 
ATOM   223  N N   . LYS A 1 45  ? 6.502   5.898   6.977   1.00 21.15 ? 255  LYS A N   1 
ATOM   224  C CA  . LYS A 1 45  ? 7.936   6.130   6.830   1.00 23.06 ? 255  LYS A CA  1 
ATOM   225  C C   . LYS A 1 45  ? 8.676   5.033   6.074   1.00 23.09 ? 255  LYS A C   1 
ATOM   226  O O   . LYS A 1 45  ? 9.631   5.282   5.309   1.00 23.16 ? 255  LYS A O   1 
ATOM   227  C CB  . LYS A 1 45  ? 8.553   6.316   8.233   1.00 24.56 ? 255  LYS A CB  1 
ATOM   228  C CG  . LYS A 1 45  ? 10.008  6.705   8.282   1.00 30.28 ? 255  LYS A CG  1 
ATOM   229  C CD  . LYS A 1 45  ? 10.382  7.219   9.685   1.00 34.52 ? 255  LYS A CD  1 
ATOM   230  C CE  . LYS A 1 45  ? 11.804  7.762   9.754   1.00 38.05 ? 255  LYS A CE  1 
ATOM   231  N NZ  . LYS A 1 45  ? 12.840  6.671   9.754   1.00 40.81 ? 255  LYS A NZ  1 
ATOM   232  N N   . ARG A 1 46  ? 8.210   3.790   6.226   1.00 21.51 ? 256  ARG A N   1 
ATOM   233  C CA  . ARG A 1 46  ? 8.880   2.650   5.610   1.00 21.62 ? 256  ARG A CA  1 
ATOM   234  C C   . ARG A 1 46  ? 8.398   2.402   4.186   1.00 20.67 ? 256  ARG A C   1 
ATOM   235  O O   . ARG A 1 46  ? 8.892   1.480   3.530   1.00 22.50 ? 256  ARG A O   1 
ATOM   236  C CB  . ARG A 1 46  ? 8.709   1.401   6.467   1.00 21.44 ? 256  ARG A CB  1 
ATOM   237  C CG  . ARG A 1 46  ? 7.366   0.675   6.314   1.00 20.79 ? 256  ARG A CG  1 
ATOM   238  C CD  . ARG A 1 46  ? 7.110   -0.234  7.529   1.00 20.86 ? 256  ARG A CD  1 
ATOM   239  N NE  . ARG A 1 46  ? 5.859   -0.988  7.385   1.00 21.59 ? 256  ARG A NE  1 
ATOM   240  C CZ  . ARG A 1 46  ? 5.748   -2.236  6.932   1.00 21.69 ? 256  ARG A CZ  1 
ATOM   241  N NH1 . ARG A 1 46  ? 6.790   -2.945  6.546   1.00 23.54 ? 256  ARG A NH1 1 
ATOM   242  N NH2 . ARG A 1 46  ? 4.556   -2.788  6.908   1.00 22.01 ? 256  ARG A NH2 1 
ATOM   243  N N   . SER A 1 47  ? 7.413   3.164   3.738   1.00 19.74 ? 257  SER A N   1 
ATOM   244  C CA  . SER A 1 47  ? 6.905   3.047   2.395   1.00 19.18 ? 257  SER A CA  1 
ATOM   245  C C   . SER A 1 47  ? 7.679   3.899   1.396   1.00 19.15 ? 257  SER A C   1 
ATOM   246  O O   . SER A 1 47  ? 8.304   4.900   1.745   1.00 20.51 ? 257  SER A O   1 
ATOM   247  C CB  . SER A 1 47  ? 5.444   3.421   2.350   1.00 18.52 ? 257  SER A CB  1 
ATOM   248  O OG  . SER A 1 47  ? 4.710   2.621   3.271   1.00 20.14 ? 257  SER A OG  1 
ATOM   249  N N   . SER A 1 48  ? 7.621   3.513   0.141   1.00 19.07 ? 258  SER A N   1 
ATOM   250  C CA  A SER A 1 48  ? 8.193   4.259   -0.982  0.50 17.90 ? 258  SER A CA  1 
ATOM   251  C CA  B SER A 1 48  ? 8.217   4.304   -0.922  0.50 19.57 ? 258  SER A CA  1 
ATOM   252  C C   . SER A 1 48  ? 7.221   5.278   -1.553  1.00 19.01 ? 258  SER A C   1 
ATOM   253  O O   . SER A 1 48  ? 7.615   6.365   -2.015  1.00 18.94 ? 258  SER A O   1 
ATOM   254  C CB  A SER A 1 48  ? 8.562   3.292   -2.120  0.50 17.73 ? 258  SER A CB  1 
ATOM   255  C CB  B SER A 1 48  ? 8.797   3.390   -1.995  0.50 20.17 ? 258  SER A CB  1 
ATOM   256  O OG  A SER A 1 48  ? 9.449   2.280   -1.663  0.50 15.58 ? 258  SER A OG  1 
ATOM   257  O OG  B SER A 1 48  ? 7.808   3.066   -2.928  0.50 26.61 ? 258  SER A OG  1 
ATOM   258  N N   . VAL A 1 49  ? 5.942   4.922   -1.556  1.00 18.25 ? 259  VAL A N   1 
ATOM   259  C CA  . VAL A 1 49  ? 4.910   5.748   -2.122  1.00 18.81 ? 259  VAL A CA  1 
ATOM   260  C C   . VAL A 1 49  ? 3.586   5.324   -1.497  1.00 19.27 ? 259  VAL A C   1 
ATOM   261  O O   . VAL A 1 49  ? 3.416   4.170   -1.081  1.00 19.06 ? 259  VAL A O   1 
ATOM   262  C CB  . VAL A 1 49  ? 4.898   5.617   -3.661  1.00 19.47 ? 259  VAL A CB  1 
ATOM   263  C CG1 . VAL A 1 49  ? 4.594   4.169   -4.100  1.00 20.43 ? 259  VAL A CG1 1 
ATOM   264  C CG2 . VAL A 1 49  ? 3.953   6.586   -4.310  1.00 21.03 ? 259  VAL A CG2 1 
ATOM   265  N N   . VAL A 1 50  ? 2.646   6.252   -1.457  1.00 19.11 ? 260  VAL A N   1 
ATOM   266  C CA  . VAL A 1 50  ? 1.274   5.972   -1.016  1.00 19.89 ? 260  VAL A CA  1 
ATOM   267  C C   . VAL A 1 50  ? 0.342   6.153   -2.196  1.00 18.80 ? 260  VAL A C   1 
ATOM   268  O O   . VAL A 1 50  ? 0.431   7.190   -2.900  1.00 19.71 ? 260  VAL A O   1 
ATOM   269  C CB  . VAL A 1 50  ? 0.849   6.905   0.112   1.00 19.27 ? 260  VAL A CB  1 
ATOM   270  C CG1 . VAL A 1 50  ? -0.566  6.548   0.569   1.00 20.49 ? 260  VAL A CG1 1 
ATOM   271  C CG2 . VAL A 1 50  ? 1.857   6.751   1.220   1.00 20.05 ? 260  VAL A CG2 1 
ATOM   272  N N   . VAL A 1 51  ? -0.507  5.164   -2.470  1.00 19.87 ? 261  VAL A N   1 
ATOM   273  C CA  . VAL A 1 51  ? -1.501  5.210   -3.525  1.00 20.97 ? 261  VAL A CA  1 
ATOM   274  C C   . VAL A 1 51  ? -2.846  5.451   -2.833  1.00 19.86 ? 261  VAL A C   1 
ATOM   275  O O   . VAL A 1 51  ? -3.209  4.682   -1.924  1.00 20.25 ? 261  VAL A O   1 
ATOM   276  C CB  . VAL A 1 51  ? -1.529  3.838   -4.282  1.00 22.91 ? 261  VAL A CB  1 
ATOM   277  C CG1 . VAL A 1 51  ? -2.580  3.817   -5.333  1.00 27.25 ? 261  VAL A CG1 1 
ATOM   278  C CG2 . VAL A 1 51  ? -0.144  3.490   -4.889  1.00 26.93 ? 261  VAL A CG2 1 
ATOM   279  N N   . ALA A 1 52  ? -3.557  6.489   -3.222  1.00 20.48 ? 262  ALA A N   1 
ATOM   280  C CA  . ALA A 1 52  ? -4.746  6.922   -2.501  1.00 20.61 ? 262  ALA A CA  1 
ATOM   281  C C   . ALA A 1 52  ? -5.963  7.080   -3.362  1.00 22.24 ? 262  ALA A C   1 
ATOM   282  O O   . ALA A 1 52  ? -5.861  7.330   -4.587  1.00 21.65 ? 262  ALA A O   1 
ATOM   283  C CB  . ALA A 1 52  ? -4.455  8.248   -1.766  1.00 22.94 ? 262  ALA A CB  1 
ATOM   284  N N   . ALA A 1 53  ? -7.113  6.977   -2.720  1.00 21.86 ? 263  ALA A N   1 
ATOM   285  C CA  . ALA A 1 53  ? -8.387  7.477   -3.247  1.00 23.92 ? 263  ALA A CA  1 
ATOM   286  C C   . ALA A 1 53  ? -8.822  8.494   -2.175  1.00 24.42 ? 263  ALA A C   1 
ATOM   287  O O   . ALA A 1 53  ? -9.258  8.139   -1.073  1.00 26.19 ? 263  ALA A O   1 
ATOM   288  C CB  . ALA A 1 53  ? -9.357  6.372   -3.370  1.00 24.89 ? 263  ALA A CB  1 
ATOM   289  N N   . ALA A 1 54  ? -8.646  9.799   -2.428  1.00 26.42 ? 264  ALA A N   1 
ATOM   290  C CA  . ALA A 1 54  ? -8.861  10.828  -1.341  1.00 26.83 ? 264  ALA A CA  1 
ATOM   291  C C   . ALA A 1 54  ? -10.147 10.715  -0.493  1.00 24.34 ? 264  ALA A C   1 
ATOM   292  O O   . ALA A 1 54  ? -11.213 10.435  -0.968  1.00 26.85 ? 264  ALA A O   1 
ATOM   293  C CB  . ALA A 1 54  ? -8.700  12.279  -1.887  1.00 27.71 ? 264  ALA A CB  1 
ATOM   294  N N   . THR A 1 55  ? -9.984  10.885  0.794   1.00 25.44 ? 265  THR A N   1 
ATOM   295  C CA  . THR A 1 55  ? -10.983 10.676  1.773   1.00 23.29 ? 265  THR A CA  1 
ATOM   296  C C   . THR A 1 55  ? -11.462 9.237   1.987   1.00 21.81 ? 265  THR A C   1 
ATOM   297  O O   . THR A 1 55  ? -12.273 9.028   2.848   1.00 22.41 ? 265  THR A O   1 
ATOM   298  C CB  . THR A 1 55  ? -12.141 11.678  1.724   1.00 24.05 ? 265  THR A CB  1 
ATOM   299  O OG1 . THR A 1 55  ? -13.134 11.271  0.794   1.00 24.19 ? 265  THR A OG1 1 
ATOM   300  C CG2 . THR A 1 55  ? -11.632 13.053  1.379   1.00 24.42 ? 265  THR A CG2 1 
ATOM   301  N N   . HIS A 1 56  ? -10.997 8.280   1.188   1.00 20.98 ? 266  HIS A N   1 
ATOM   302  C CA  . HIS A 1 56  ? -11.482 6.908   1.285   1.00 19.95 ? 266  HIS A CA  1 
ATOM   303  C C   . HIS A 1 56  ? -10.390 5.907   1.620   1.00 18.43 ? 266  HIS A C   1 
ATOM   304  O O   . HIS A 1 56  ? -10.559 5.131   2.515   1.00 19.40 ? 266  HIS A O   1 
ATOM   305  C CB  . HIS A 1 56  ? -12.238 6.465   0.016   1.00 20.99 ? 266  HIS A CB  1 
ATOM   306  C CG  . HIS A 1 56  ? -13.469 7.265   -0.249  1.00 22.48 ? 266  HIS A CG  1 
ATOM   307  N ND1 . HIS A 1 56  ? -14.608 7.171   0.524   1.00 22.43 ? 266  HIS A ND1 1 
ATOM   308  C CD2 . HIS A 1 56  ? -13.722 8.208   -1.182  1.00 28.47 ? 266  HIS A CD2 1 
ATOM   309  C CE1 . HIS A 1 56  ? -15.530 7.996   0.049   1.00 26.00 ? 266  HIS A CE1 1 
ATOM   310  N NE2 . HIS A 1 56  ? -15.007 8.661   -0.965  1.00 27.21 ? 266  HIS A NE2 1 
ATOM   311  N N   . ILE A 1 57  ? -9.317  5.864   0.822   1.00 19.79 ? 267  ILE A N   1 
ATOM   312  C CA  . ILE A 1 57  ? -8.297  4.816   0.913   1.00 19.91 ? 267  ILE A CA  1 
ATOM   313  C C   . ILE A 1 57  ? -6.900  5.371   0.825   1.00 19.12 ? 267  ILE A C   1 
ATOM   314  O O   . ILE A 1 57  ? -6.642  6.241   0.001   1.00 19.36 ? 267  ILE A O   1 
ATOM   315  C CB  . ILE A 1 57  ? -8.439  3.818   -0.300  1.00 19.81 ? 267  ILE A CB  1 
ATOM   316  C CG1 . ILE A 1 57  ? -9.832  3.243   -0.400  1.00 22.88 ? 267  ILE A CG1 1 
ATOM   317  C CG2 . ILE A 1 57  ? -7.420  2.671   -0.211  1.00 22.78 ? 267  ILE A CG2 1 
ATOM   318  C CD1 . ILE A 1 57  ? -10.035 2.471   -1.700  1.00 23.95 ? 267  ILE A CD1 1 
ATOM   319  N N   . ALA A 1 58  ? -5.972  4.800   1.587   1.00 18.60 ? 268  ALA A N   1 
ATOM   320  C CA  . ALA A 1 58  ? -4.531  4.968   1.389   1.00 18.76 ? 268  ALA A CA  1 
ATOM   321  C C   . ALA A 1 58  ? -3.870  3.622   1.499   1.00 17.78 ? 268  ALA A C   1 
ATOM   322  O O   . ALA A 1 58  ? -4.084  2.909   2.486   1.00 18.76 ? 268  ALA A O   1 
ATOM   323  C CB  . ALA A 1 58  ? -3.942  5.947   2.417   1.00 19.95 ? 268  ALA A CB  1 
ATOM   324  N N   . ILE A 1 59  ? -3.069  3.278   0.507   1.00 18.66 ? 269  ILE A N   1 
ATOM   325  C CA  . ILE A 1 59  ? -2.329  2.031   0.489   1.00 19.17 ? 269  ILE A CA  1 
ATOM   326  C C   . ILE A 1 59  ? -0.834  2.353   0.396   1.00 18.13 ? 269  ILE A C   1 
ATOM   327  O O   . ILE A 1 59  ? -0.425  3.094   -0.506  1.00 19.58 ? 269  ILE A O   1 
ATOM   328  C CB  . ILE A 1 59  ? -2.678  1.174   -0.746  1.00 19.19 ? 269  ILE A CB  1 
ATOM   329  C CG1 . ILE A 1 59  ? -4.185  0.975   -1.003  1.00 20.85 ? 269  ILE A CG1 1 
ATOM   330  C CG2 . ILE A 1 59  ? -1.946  -0.182  -0.619  1.00 19.58 ? 269  ILE A CG2 1 
ATOM   331  C CD1 . ILE A 1 59  ? -4.889  0.181   0.114   1.00 21.31 ? 269  ILE A CD1 1 
ATOM   332  N N   . GLY A 1 60  ? -0.014  1.808   1.255   1.00 17.66 ? 270  GLY A N   1 
ATOM   333  C CA  . GLY A 1 60  ? 1.407   1.958   1.188   1.00 17.57 ? 270  GLY A CA  1 
ATOM   334  C C   . GLY A 1 60  ? 2.060   0.898   0.336   1.00 17.25 ? 270  GLY A C   1 
ATOM   335  O O   . GLY A 1 60  ? 1.661   -0.262  0.374   1.00 17.71 ? 270  GLY A O   1 
ATOM   336  N N   . ILE A 1 61  ? 3.007   1.318   -0.466  1.00 17.32 ? 271  ILE A N   1 
ATOM   337  C CA  A ILE A 1 61  ? 3.805   0.412   -1.319  0.50 17.98 ? 271  ILE A CA  1 
ATOM   338  C CA  B ILE A 1 61  ? 3.791   0.390   -1.291  0.50 18.14 ? 271  ILE A CA  1 
ATOM   339  C C   . ILE A 1 61  ? 5.290   0.618   -1.021  1.00 18.20 ? 271  ILE A C   1 
ATOM   340  O O   . ILE A 1 61  ? 5.765   1.785   -1.022  1.00 18.43 ? 271  ILE A O   1 
ATOM   341  C CB  A ILE A 1 61  ? 3.574   0.706   -2.825  0.50 18.65 ? 271  ILE A CB  1 
ATOM   342  C CB  B ILE A 1 61  ? 3.463   0.541   -2.813  0.50 18.51 ? 271  ILE A CB  1 
ATOM   343  C CG1 A ILE A 1 61  ? 2.132   0.412   -3.200  0.50 20.48 ? 271  ILE A CG1 1 
ATOM   344  C CG1 B ILE A 1 61  ? 1.974   0.330   -3.066  0.50 21.52 ? 271  ILE A CG1 1 
ATOM   345  C CG2 A ILE A 1 61  ? 4.607   -0.067  -3.692  0.50 19.57 ? 271  ILE A CG2 1 
ATOM   346  C CG2 B ILE A 1 61  ? 4.342   -0.424  -3.625  0.50 20.70 ? 271  ILE A CG2 1 
ATOM   347  C CD1 A ILE A 1 61  ? 1.733   -1.083  -3.101  0.50 20.83 ? 271  ILE A CD1 1 
ATOM   348  C CD1 B ILE A 1 61  ? 1.536   0.645   -4.492  0.50 23.56 ? 271  ILE A CD1 1 
ATOM   349  N N   . LEU A 1 62  ? 6.029   -0.466  -0.805  1.00 18.70 ? 272  LEU A N   1 
ATOM   350  C CA  . LEU A 1 62  ? 7.464   -0.440  -0.674  1.00 19.27 ? 272  LEU A CA  1 
ATOM   351  C C   . LEU A 1 62  ? 8.100   -1.143  -1.864  1.00 19.85 ? 272  LEU A C   1 
ATOM   352  O O   . LEU A 1 62  ? 7.755   -2.283  -2.156  1.00 19.80 ? 272  LEU A O   1 
ATOM   353  C CB  . LEU A 1 62  ? 7.882   -1.148  0.610   1.00 19.43 ? 272  LEU A CB  1 
ATOM   354  C CG  . LEU A 1 62  ? 9.375   -1.454  0.793   1.00 21.79 ? 272  LEU A CG  1 
ATOM   355  C CD1 . LEU A 1 62  ? 10.263  -0.218  0.828   1.00 22.06 ? 272  LEU A CD1 1 
ATOM   356  C CD2 . LEU A 1 62  ? 9.613   -2.352  2.037   1.00 25.55 ? 272  LEU A CD2 1 
ATOM   357  N N   . TYR A 1 63  ? 9.010   -0.463  -2.547  1.00 19.96 ? 273  TYR A N   1 
ATOM   358  C CA  . TYR A 1 63  ? 9.800   -1.134  -3.590  1.00 20.83 ? 273  TYR A CA  1 
ATOM   359  C C   . TYR A 1 63  ? 11.220  -0.560  -3.565  1.00 22.76 ? 273  TYR A C   1 
ATOM   360  O O   . TYR A 1 63  ? 11.346  0.607   -3.823  1.00 24.80 ? 273  TYR A O   1 
ATOM   361  C CB  . TYR A 1 63  ? 9.131   -0.930  -4.972  1.00 21.30 ? 273  TYR A CB  1 
ATOM   362  C CG  . TYR A 1 63  ? 10.001  -1.483  -6.048  1.00 22.42 ? 273  TYR A CG  1 
ATOM   363  C CD1 . TYR A 1 63  ? 10.298  -2.818  -6.045  1.00 21.15 ? 273  TYR A CD1 1 
ATOM   364  C CD2 . TYR A 1 63  ? 10.674  -0.642  -6.934  1.00 24.51 ? 273  TYR A CD2 1 
ATOM   365  C CE1 . TYR A 1 63  ? 11.210  -3.348  -7.019  1.00 23.02 ? 273  TYR A CE1 1 
ATOM   366  C CE2 . TYR A 1 63  ? 11.554  -1.148  -7.876  1.00 25.85 ? 273  TYR A CE2 1 
ATOM   367  C CZ  . TYR A 1 63  ? 11.824  -2.473  -7.870  1.00 21.19 ? 273  TYR A CZ  1 
ATOM   368  O OH  . TYR A 1 63  ? 12.694  -2.946  -8.855  1.00 26.78 ? 273  TYR A OH  1 
ATOM   369  N N   . LYS A 1 64  ? 12.187  -1.442  -3.277  1.00 25.25 ? 274  LYS A N   1 
ATOM   370  C CA  . LYS A 1 64  ? 13.643  -1.195  -3.220  1.00 27.53 ? 274  LYS A CA  1 
ATOM   371  C C   . LYS A 1 64  ? 14.356  -2.278  -4.062  1.00 26.32 ? 274  LYS A C   1 
ATOM   372  O O   . LYS A 1 64  ? 14.412  -3.490  -3.676  1.00 27.77 ? 274  LYS A O   1 
ATOM   373  C CB  . LYS A 1 64  ? 14.172  -1.239  -1.780  1.00 28.58 ? 274  LYS A CB  1 
ATOM   374  C CG  . LYS A 1 64  ? 13.767  -0.047  -0.925  1.00 31.28 ? 274  LYS A CG  1 
ATOM   375  C CD  . LYS A 1 64  ? 14.373  -0.111  0.496   1.00 34.66 ? 274  LYS A CD  1 
ATOM   376  C CE  . LYS A 1 64  ? 13.613  0.783   1.457   1.00 36.84 ? 274  LYS A CE  1 
ATOM   377  N NZ  . LYS A 1 64  ? 13.551  2.173   0.957   1.00 39.71 ? 274  LYS A NZ  1 
ATOM   378  N N   . ARG A 1 65  ? 14.873  -1.871  -5.198  1.00 28.52 ? 275  ARG A N   1 
ATOM   379  C CA  . ARG A 1 65  ? 15.625  -2.782  -6.089  1.00 29.45 ? 275  ARG A CA  1 
ATOM   380  C C   . ARG A 1 65  ? 16.690  -3.615  -5.376  1.00 30.49 ? 275  ARG A C   1 
ATOM   381  O O   . ARG A 1 65  ? 17.525  -3.075  -4.679  1.00 30.20 ? 275  ARG A O   1 
ATOM   382  C CB  . ARG A 1 65  ? 16.325  -1.995  -7.198  1.00 30.13 ? 275  ARG A CB  1 
ATOM   383  N N   . GLY A 1 66  ? 16.662  -4.935  -5.564  1.00 31.27 ? 276  GLY A N   1 
ATOM   384  C CA  . GLY A 1 66  ? 17.666  -5.824  -4.973  1.00 32.05 ? 276  GLY A CA  1 
ATOM   385  C C   . GLY A 1 66  ? 17.457  -6.139  -3.501  1.00 32.69 ? 276  GLY A C   1 
ATOM   386  O O   . GLY A 1 66  ? 18.257  -6.913  -2.911  1.00 34.90 ? 276  GLY A O   1 
ATOM   387  N N   . GLU A 1 67  ? 16.419  -5.526  -2.906  1.00 32.58 ? 277  GLU A N   1 
ATOM   388  C CA  . GLU A 1 67  ? 15.964  -5.850  -1.578  1.00 32.37 ? 277  GLU A CA  1 
ATOM   389  C C   . GLU A 1 67  ? 14.629  -6.566  -1.641  1.00 31.77 ? 277  GLU A C   1 
ATOM   390  O O   . GLU A 1 67  ? 14.490  -7.650  -1.057  1.00 34.68 ? 277  GLU A O   1 
ATOM   391  C CB  . GLU A 1 67  ? 15.848  -4.581  -0.719  1.00 32.40 ? 277  GLU A CB  1 
ATOM   392  N N   . THR A 1 68  ? 13.643  -5.951  -2.311  1.00 29.21 ? 278  THR A N   1 
ATOM   393  C CA  . THR A 1 68  ? 12.315  -6.498  -2.454  1.00 26.96 ? 278  THR A CA  1 
ATOM   394  C C   . THR A 1 68  ? 12.274  -7.067  -3.889  1.00 24.74 ? 278  THR A C   1 
ATOM   395  O O   . THR A 1 68  ? 12.469  -6.296  -4.802  1.00 24.60 ? 278  THR A O   1 
ATOM   396  C CB  . THR A 1 68  ? 11.219  -5.413  -2.271  1.00 27.20 ? 278  THR A CB  1 
ATOM   397  O OG1 . THR A 1 68  ? 11.489  -4.320  -3.138  1.00 23.07 ? 278  THR A OG1 1 
ATOM   398  C CG2 . THR A 1 68  ? 11.203  -4.882  -0.828  1.00 27.48 ? 278  THR A CG2 1 
ATOM   399  N N   . PRO A 1 69  ? 12.035  -8.361  -4.028  1.00 25.02 ? 279  PRO A N   1 
ATOM   400  C CA  . PRO A 1 69  ? 11.932  -8.837  -5.433  1.00 23.74 ? 279  PRO A CA  1 
ATOM   401  C C   . PRO A 1 69  ? 10.726  -8.231  -6.212  1.00 23.01 ? 279  PRO A C   1 
ATOM   402  O O   . PRO A 1 69  ? 10.748  -8.179  -7.448  1.00 20.54 ? 279  PRO A O   1 
ATOM   403  C CB  . PRO A 1 69  ? 11.751  -10.337 -5.266  1.00 25.60 ? 279  PRO A CB  1 
ATOM   404  C CG  . PRO A 1 69  ? 11.137  -10.498 -3.972  1.00 28.62 ? 279  PRO A CG  1 
ATOM   405  C CD  . PRO A 1 69  ? 11.819  -9.468  -3.099  1.00 26.56 ? 279  PRO A CD  1 
ATOM   406  N N   . LEU A 1 70  ? 9.691   -7.810  -5.495  1.00 20.62 ? 280  LEU A N   1 
ATOM   407  C CA  . LEU A 1 70  ? 8.468   -7.220  -6.023  1.00 19.15 ? 280  LEU A CA  1 
ATOM   408  C C   . LEU A 1 70  ? 8.019   -6.119  -5.091  1.00 18.44 ? 280  LEU A C   1 
ATOM   409  O O   . LEU A 1 70  ? 8.408   -6.166  -3.930  1.00 20.40 ? 280  LEU A O   1 
ATOM   410  C CB  . LEU A 1 70  ? 7.358   -8.254  -6.075  1.00 18.54 ? 280  LEU A CB  1 
ATOM   411  C CG  . LEU A 1 70  ? 7.525   -9.330  -7.146  1.00 18.96 ? 280  LEU A CG  1 
ATOM   412  C CD1 . LEU A 1 70  ? 6.546   -10.459 -6.848  1.00 21.00 ? 280  LEU A CD1 1 
ATOM   413  C CD2 . LEU A 1 70  ? 7.313   -8.766  -8.585  1.00 20.03 ? 280  LEU A CD2 1 
ATOM   414  N N   . PRO A 1 71  ? 7.154   -5.218  -5.547  1.00 17.69 ? 281  PRO A N   1 
ATOM   415  C CA  . PRO A 1 71  ? 6.554   -4.249  -4.617  1.00 17.47 ? 281  PRO A CA  1 
ATOM   416  C C   . PRO A 1 71  ? 5.754   -4.959  -3.565  1.00 18.26 ? 281  PRO A C   1 
ATOM   417  O O   . PRO A 1 71  ? 5.068   -5.931  -3.833  1.00 18.81 ? 281  PRO A O   1 
ATOM   418  C CB  . PRO A 1 71  ? 5.649   -3.423  -5.527  1.00 18.26 ? 281  PRO A CB  1 
ATOM   419  C CG  . PRO A 1 71  ? 6.257   -3.522  -6.931  1.00 18.48 ? 281  PRO A CG  1 
ATOM   420  C CD  . PRO A 1 71  ? 6.734   -4.968  -6.936  1.00 19.12 ? 281  PRO A CD  1 
ATOM   421  N N   . LEU A 1 72  ? 5.843   -4.428  -2.355  1.00 18.62 ? 282  LEU A N   1 
ATOM   422  C CA  . LEU A 1 72  ? 5.203   -4.954  -1.174  1.00 19.09 ? 282  LEU A CA  1 
ATOM   423  C C   . LEU A 1 72  ? 4.143   -3.977  -0.689  1.00 18.31 ? 282  LEU A C   1 
ATOM   424  O O   . LEU A 1 72  ? 4.411   -2.767  -0.613  1.00 19.43 ? 282  LEU A O   1 
ATOM   425  C CB  . LEU A 1 72  ? 6.272   -5.102  -0.096  1.00 23.11 ? 282  LEU A CB  1 
ATOM   426  C CG  . LEU A 1 72  ? 5.759   -5.752  1.176   1.00 24.43 ? 282  LEU A CG  1 
ATOM   427  C CD1 . LEU A 1 72  ? 6.292   -7.178  1.247   1.00 27.43 ? 282  LEU A CD1 1 
ATOM   428  C CD2 . LEU A 1 72  ? 5.997   -4.881  2.367   1.00 30.29 ? 282  LEU A CD2 1 
ATOM   429  N N   . VAL A 1 73  ? 3.007   -4.458  -0.267  1.00 19.17 ? 283  VAL A N   1 
ATOM   430  C CA  . VAL A 1 73  ? 1.988   -3.627  0.348   1.00 19.63 ? 283  VAL A CA  1 
ATOM   431  C C   . VAL A 1 73  ? 2.290   -3.473  1.833   1.00 19.00 ? 283  VAL A C   1 
ATOM   432  O O   . VAL A 1 73  ? 2.382   -4.488  2.560   1.00 20.76 ? 283  VAL A O   1 
ATOM   433  C CB  . VAL A 1 73  ? 0.591   -4.227  0.136   1.00 20.92 ? 283  VAL A CB  1 
ATOM   434  C CG1 . VAL A 1 73  ? -0.513  -3.417  0.836   1.00 21.74 ? 283  VAL A CG1 1 
ATOM   435  C CG2 . VAL A 1 73  ? 0.295   -4.348  -1.363  1.00 24.06 ? 283  VAL A CG2 1 
ATOM   436  N N   . THR A 1 74  ? 2.504   -2.253  2.312   1.00 18.22 ? 284  THR A N   1 
ATOM   437  C CA  . THR A 1 74  ? 2.885   -2.015  3.702   1.00 18.82 ? 284  THR A CA  1 
ATOM   438  C C   . THR A 1 74  ? 1.719   -1.696  4.617   1.00 18.56 ? 284  THR A C   1 
ATOM   439  O O   . THR A 1 74  ? 1.836   -1.939  5.829   1.00 19.88 ? 284  THR A O   1 
ATOM   440  C CB  . THR A 1 74  ? 3.898   -0.886  3.807   1.00 18.92 ? 284  THR A CB  1 
ATOM   441  O OG1 . THR A 1 74  ? 3.367   0.231   3.119   1.00 19.14 ? 284  THR A OG1 1 
ATOM   442  C CG2 . THR A 1 74  ? 5.255   -1.295  3.239   1.00 20.17 ? 284  THR A CG2 1 
ATOM   443  N N   . PHE A 1 75  ? 0.640   -1.131  4.116   1.00 17.98 ? 285  PHE A N   1 
ATOM   444  C CA  . PHE A 1 75  ? -0.448  -0.738  4.984   1.00 17.88 ? 285  PHE A CA  1 
ATOM   445  C C   . PHE A 1 75  ? -1.688  -0.450  4.181   1.00 19.28 ? 285  PHE A C   1 
ATOM   446  O O   . PHE A 1 75  ? -1.617  -0.177  2.963   1.00 18.26 ? 285  PHE A O   1 
ATOM   447  C CB  . PHE A 1 75  ? -0.102  0.523   5.817   1.00 18.94 ? 285  PHE A CB  1 
ATOM   448  C CG  . PHE A 1 75  ? 0.058   1.811   5.044   1.00 17.73 ? 285  PHE A CG  1 
ATOM   449  C CD1 . PHE A 1 75  ? 1.306   2.360   4.807   1.00 18.18 ? 285  PHE A CD1 1 
ATOM   450  C CD2 . PHE A 1 75  ? -1.039  2.506   4.617   1.00 18.69 ? 285  PHE A CD2 1 
ATOM   451  C CE1 . PHE A 1 75  ? 1.442   3.604   4.167   1.00 18.27 ? 285  PHE A CE1 1 
ATOM   452  C CE2 . PHE A 1 75  ? -0.907  3.741   3.980   1.00 19.85 ? 285  PHE A CE2 1 
ATOM   453  C CZ  . PHE A 1 75  ? 0.353   4.260   3.773   1.00 18.62 ? 285  PHE A CZ  1 
ATOM   454  N N   . LYS A 1 76  ? -2.835  -0.469  4.855   1.00 18.66 ? 286  LYS A N   1 
ATOM   455  C CA  . LYS A 1 76  ? -4.096  -0.004  4.343   1.00 19.35 ? 286  LYS A CA  1 
ATOM   456  C C   . LYS A 1 76  ? -4.806  0.846   5.421   1.00 19.64 ? 286  LYS A C   1 
ATOM   457  O O   . LYS A 1 76  ? -4.957  0.399   6.535   1.00 21.83 ? 286  LYS A O   1 
ATOM   458  C CB  . LYS A 1 76  ? -5.048  -1.148  3.999   1.00 20.20 ? 286  LYS A CB  1 
ATOM   459  C CG  . LYS A 1 76  ? -4.505  -2.187  3.051   1.00 19.84 ? 286  LYS A CG  1 
ATOM   460  C CD  . LYS A 1 76  ? -5.529  -3.261  2.784   1.00 19.76 ? 286  LYS A CD  1 
ATOM   461  C CE  . LYS A 1 76  ? -5.000  -4.346  1.911   1.00 20.13 ? 286  LYS A CE  1 
ATOM   462  N NZ  . LYS A 1 76  ? -6.072  -5.399  1.749   1.00 20.02 ? 286  LYS A NZ  1 
ATOM   463  N N   . TYR A 1 77  ? -5.174  2.066   5.076   1.00 18.70 ? 287  TYR A N   1 
ATOM   464  C CA  . TYR A 1 77  ? -5.965  2.930   5.963   1.00 19.00 ? 287  TYR A CA  1 
ATOM   465  C C   . TYR A 1 77  ? -7.155  3.492   5.226   1.00 19.98 ? 287  TYR A C   1 
ATOM   466  O O   . TYR A 1 77  ? -7.138  3.539   3.977   1.00 19.78 ? 287  TYR A O   1 
ATOM   467  C CB  . TYR A 1 77  ? -5.085  4.057   6.549   1.00 18.63 ? 287  TYR A CB  1 
ATOM   468  C CG  . TYR A 1 77  ? -3.967  3.618   7.449   1.00 18.63 ? 287  TYR A CG  1 
ATOM   469  C CD1 . TYR A 1 77  ? -4.249  2.991   8.658   1.00 22.06 ? 287  TYR A CD1 1 
ATOM   470  C CD2 . TYR A 1 77  ? -2.643  3.759   7.123   1.00 19.64 ? 287  TYR A CD2 1 
ATOM   471  C CE1 . TYR A 1 77  ? -3.218  2.512   9.504   1.00 21.86 ? 287  TYR A CE1 1 
ATOM   472  C CE2 . TYR A 1 77  ? -1.624  3.274   7.929   1.00 19.28 ? 287  TYR A CE2 1 
ATOM   473  C CZ  . TYR A 1 77  ? -1.920  2.683   9.115   1.00 20.38 ? 287  TYR A CZ  1 
ATOM   474  O OH  . TYR A 1 77  ? -0.882  2.165   9.872   1.00 22.30 ? 287  TYR A OH  1 
ATOM   475  N N   . THR A 1 78  ? -8.186  3.924   5.958   1.00 19.38 ? 288  THR A N   1 
ATOM   476  C CA  . THR A 1 78  ? -9.404  4.360   5.329   1.00 19.79 ? 288  THR A CA  1 
ATOM   477  C C   . THR A 1 78  ? -10.019 5.576   5.985   1.00 18.67 ? 288  THR A C   1 
ATOM   478  O O   . THR A 1 78  ? -9.703  5.905   7.140   1.00 18.72 ? 288  THR A O   1 
ATOM   479  C CB  . THR A 1 78  ? -10.481 3.294   5.275   1.00 21.56 ? 288  THR A CB  1 
ATOM   480  O OG1 . THR A 1 78  ? -10.835 2.892   6.580   1.00 24.29 ? 288  THR A OG1 1 
ATOM   481  C CG2 . THR A 1 78  ? -10.019 2.046   4.519   1.00 25.22 ? 288  THR A CG2 1 
ATOM   482  N N   . ASP A 1 79  ? -10.922 6.216   5.285   1.00 18.71 ? 289  ASP A N   1 
ATOM   483  C CA  . ASP A 1 79  ? -11.691 7.321   5.804   1.00 19.25 ? 289  ASP A CA  1 
ATOM   484  C C   . ASP A 1 79  ? -10.750 8.356   6.385   1.00 19.19 ? 289  ASP A C   1 
ATOM   485  O O   . ASP A 1 79  ? -9.820  8.810   5.713   1.00 19.68 ? 289  ASP A O   1 
ATOM   486  C CB  . ASP A 1 79  ? -12.792 6.827   6.737   1.00 18.40 ? 289  ASP A CB  1 
ATOM   487  C CG  . ASP A 1 79  ? -13.946 6.211   5.959   1.00 25.30 ? 289  ASP A CG  1 
ATOM   488  O OD1 . ASP A 1 79  ? -14.208 6.719   4.855   1.00 29.89 ? 289  ASP A OD1 1 
ATOM   489  O OD2 . ASP A 1 79  ? -14.592 5.280   6.472   1.00 29.82 ? 289  ASP A OD2 1 
ATOM   490  N N   . ALA A 1 80  ? -11.008 8.871   7.587   1.00 18.79 ? 290  ALA A N   1 
ATOM   491  C CA  . ALA A 1 80  ? -10.241 10.007  8.102   1.00 18.55 ? 290  ALA A CA  1 
ATOM   492  C C   . ALA A 1 80  ? -8.801  9.682   8.382   1.00 18.60 ? 290  ALA A C   1 
ATOM   493  O O   . ALA A 1 80  ? -7.977  10.586  8.456   1.00 18.78 ? 290  ALA A O   1 
ATOM   494  C CB  . ALA A 1 80  ? -10.909 10.609  9.322   1.00 20.18 ? 290  ALA A CB  1 
ATOM   495  N N   . GLN A 1 81  ? -8.479  8.406   8.485   1.00 18.19 ? 291  GLN A N   1 
ATOM   496  C CA  . GLN A 1 81  ? -7.110  8.046   8.623   1.00 18.11 ? 291  GLN A CA  1 
ATOM   497  C C   . GLN A 1 81  ? -6.283  8.480   7.409   1.00 19.96 ? 291  GLN A C   1 
ATOM   498  O O   . GLN A 1 81  ? -5.059  8.694   7.550   1.00 20.31 ? 291  GLN A O   1 
ATOM   499  C CB  . GLN A 1 81  ? -6.970  6.517   8.762   1.00 19.08 ? 291  GLN A CB  1 
ATOM   500  C CG  . GLN A 1 81  ? -7.621  5.914   9.950   1.00 20.93 ? 291  GLN A CG  1 
ATOM   501  C CD  . GLN A 1 81  ? -7.520  4.404   9.949   1.00 22.61 ? 291  GLN A CD  1 
ATOM   502  O OE1 . GLN A 1 81  ? -7.693  3.724   8.922   1.00 22.29 ? 291  GLN A OE1 1 
ATOM   503  N NE2 . GLN A 1 81  ? -7.204  3.863   11.099  1.00 26.14 ? 291  GLN A NE2 1 
ATOM   504  N N   . VAL A 1 82  ? -6.905  8.590   6.236   1.00 19.21 ? 292  VAL A N   1 
ATOM   505  C CA  . VAL A 1 82  ? -6.206  9.026   5.027   1.00 19.45 ? 292  VAL A CA  1 
ATOM   506  C C   . VAL A 1 82  ? -5.693  10.463  5.216   1.00 20.37 ? 292  VAL A C   1 
ATOM   507  O O   . VAL A 1 82  ? -4.613  10.814  4.756   1.00 20.58 ? 292  VAL A O   1 
ATOM   508  C CB  . VAL A 1 82  ? -7.133  8.891   3.803   1.00 19.89 ? 292  VAL A CB  1 
ATOM   509  C CG1 . VAL A 1 82  ? -6.431  9.408   2.529   1.00 22.76 ? 292  VAL A CG1 1 
ATOM   510  C CG2 . VAL A 1 82  ? -7.549  7.468   3.609   1.00 20.49 ? 292  VAL A CG2 1 
ATOM   511  N N   . GLN A 1 83  ? -6.457  11.282  5.913   1.00 20.24 ? 293  GLN A N   1 
ATOM   512  C CA  . GLN A 1 83  ? -5.996  12.637  6.239   1.00 21.21 ? 293  GLN A CA  1 
ATOM   513  C C   . GLN A 1 83  ? -4.701  12.603  7.022   1.00 20.25 ? 293  GLN A C   1 
ATOM   514  O O   . GLN A 1 83  ? -3.758  13.366  6.740   1.00 21.14 ? 293  GLN A O   1 
ATOM   515  C CB  . GLN A 1 83  ? -7.061  13.379  7.048   1.00 21.99 ? 293  GLN A CB  1 
ATOM   516  C CG  . GLN A 1 83  ? -8.272  13.648  6.205   1.00 27.29 ? 293  GLN A CG  1 
ATOM   517  C CD  . GLN A 1 83  ? -9.483  14.047  6.975   1.00 32.00 ? 293  GLN A CD  1 
ATOM   518  O OE1 . GLN A 1 83  ? -9.438  15.000  7.786   1.00 30.19 ? 293  GLN A OE1 1 
ATOM   519  N NE2 . GLN A 1 83  ? -10.622 13.362  6.683   1.00 30.23 ? 293  GLN A NE2 1 
ATOM   520  N N   . THR A 1 84  ? -4.663  11.746  8.043   1.00 18.77 ? 294  THR A N   1 
ATOM   521  C CA  . THR A 1 84  ? -3.470  11.638  8.862   1.00 18.28 ? 294  THR A CA  1 
ATOM   522  C C   . THR A 1 84  ? -2.312  11.061  8.040   1.00 19.16 ? 294  THR A C   1 
ATOM   523  O O   . THR A 1 84  ? -1.176  11.538  8.162   1.00 19.97 ? 294  THR A O   1 
ATOM   524  C CB  . THR A 1 84  ? -3.732  10.777  10.082  1.00 19.67 ? 294  THR A CB  1 
ATOM   525  O OG1 . THR A 1 84  ? -4.967  11.223  10.719  1.00 20.42 ? 294  THR A OG1 1 
ATOM   526  C CG2 . THR A 1 84  ? -2.530  10.881  11.042  1.00 22.35 ? 294  THR A CG2 1 
ATOM   527  N N   . VAL A 1 85  ? -2.575  10.077  7.192   1.00 18.06 ? 295  VAL A N   1 
ATOM   528  C CA  . VAL A 1 85  ? -1.515  9.567   6.330   1.00 19.19 ? 295  VAL A CA  1 
ATOM   529  C C   . VAL A 1 85  ? -0.933  10.695  5.471   1.00 19.52 ? 295  VAL A C   1 
ATOM   530  O O   . VAL A 1 85  ? 0.286   10.762  5.303   1.00 20.25 ? 295  VAL A O   1 
ATOM   531  C CB  . VAL A 1 85  ? -2.061  8.420   5.443   1.00 17.45 ? 295  VAL A CB  1 
ATOM   532  C CG1 . VAL A 1 85  ? -1.083  8.089   4.296   1.00 19.33 ? 295  VAL A CG1 1 
ATOM   533  C CG2 . VAL A 1 85  ? -2.320  7.212   6.269   1.00 18.97 ? 295  VAL A CG2 1 
ATOM   534  N N   . ARG A 1 86  ? -1.791  11.521  4.887   1.00 20.74 ? 296  ARG A N   1 
ATOM   535  C CA  . ARG A 1 86  ? -1.332  12.667  4.071   1.00 21.27 ? 296  ARG A CA  1 
ATOM   536  C C   . ARG A 1 86  ? -0.464  13.627  4.886   1.00 21.96 ? 296  ARG A C   1 
ATOM   537  O O   . ARG A 1 86  ? 0.589   14.026  4.394   1.00 22.47 ? 296  ARG A O   1 
ATOM   538  C CB  . ARG A 1 86  ? -2.515  13.409  3.460   1.00 22.08 ? 296  ARG A CB  1 
ATOM   539  C CG  . ARG A 1 86  ? -3.326  12.633  2.461   1.00 23.24 ? 296  ARG A CG  1 
ATOM   540  C CD  . ARG A 1 86  ? -4.510  13.464  1.949   1.00 27.59 ? 296  ARG A CD  1 
ATOM   541  N NE  . ARG A 1 86  ? -5.342  12.698  1.048   1.00 33.54 ? 296  ARG A NE  1 
ATOM   542  C CZ  . ARG A 1 86  ? -5.030  12.471  -0.225  1.00 32.42 ? 296  ARG A CZ  1 
ATOM   543  N NH1 . ARG A 1 86  ? -3.915  12.983  -0.757  1.00 35.19 ? 296  ARG A NH1 1 
ATOM   544  N NH2 . ARG A 1 86  ? -5.826  11.709  -0.958  1.00 34.93 ? 296  ARG A NH2 1 
ATOM   545  N N   . LYS A 1 87  ? -0.875  13.908  6.121   1.00 20.77 ? 297  LYS A N   1 
ATOM   546  C CA  . LYS A 1 87  ? -0.097  14.788  7.025   1.00 20.64 ? 297  LYS A CA  1 
ATOM   547  C C   . LYS A 1 87  ? 1.285   14.181  7.295   1.00 21.44 ? 297  LYS A C   1 
ATOM   548  O O   . LYS A 1 87  ? 2.331   14.827  7.133   1.00 21.56 ? 297  LYS A O   1 
ATOM   549  C CB  . LYS A 1 87  ? -0.855  15.011  8.334   1.00 20.39 ? 297  LYS A CB  1 
ATOM   550  C CG  . LYS A 1 87  ? -0.108  15.860  9.355   1.00 23.83 ? 297  LYS A CG  1 
ATOM   551  C CD  . LYS A 1 87  ? -0.940  16.080  10.636  1.00 27.71 ? 297  LYS A CD  1 
ATOM   552  C CE  . LYS A 1 87  ? -1.077  14.838  11.528  1.00 27.48 ? 297  LYS A CE  1 
ATOM   553  N NZ  . LYS A 1 87  ? -1.918  15.073  12.770  1.00 34.38 ? 297  LYS A NZ  1 
ATOM   554  N N   . ILE A 1 88  ? 1.310   12.897  7.665   1.00 19.69 ? 298  ILE A N   1 
ATOM   555  C CA  . ILE A 1 88  ? 2.567   12.229  7.960   1.00 20.24 ? 298  ILE A CA  1 
ATOM   556  C C   . ILE A 1 88  ? 3.462   12.078  6.705   1.00 20.09 ? 298  ILE A C   1 
ATOM   557  O O   . ILE A 1 88  ? 4.695   12.275  6.762   1.00 20.99 ? 298  ILE A O   1 
ATOM   558  C CB  . ILE A 1 88  ? 2.307   10.859  8.639   1.00 19.72 ? 298  ILE A CB  1 
ATOM   559  C CG1 . ILE A 1 88  ? 1.635   11.016  10.020  1.00 21.87 ? 298  ILE A CG1 1 
ATOM   560  C CG2 . ILE A 1 88  ? 3.622   10.023  8.653   1.00 21.08 ? 298  ILE A CG2 1 
ATOM   561  C CD1 . ILE A 1 88  ? 1.085   9.695   10.581  1.00 27.17 ? 298  ILE A CD1 1 
ATOM   562  N N   . ALA A 1 89  ? 2.875   11.715  5.563   1.00 20.31 ? 299  ALA A N   1 
ATOM   563  C CA  . ALA A 1 89  ? 3.637   11.597  4.327   1.00 21.40 ? 299  ALA A CA  1 
ATOM   564  C C   . ALA A 1 89  ? 4.369   12.903  3.963   1.00 22.37 ? 299  ALA A C   1 
ATOM   565  O O   . ALA A 1 89  ? 5.519   12.887  3.510   1.00 22.80 ? 299  ALA A O   1 
ATOM   566  C CB  . ALA A 1 89  ? 2.716   11.103  3.164   1.00 22.13 ? 299  ALA A CB  1 
ATOM   567  N N   . GLU A 1 90  ? 3.691   14.015  4.146   1.00 23.64 ? 300  GLU A N   1 
ATOM   568  C CA  . GLU A 1 90  ? 4.307   15.327  3.906   1.00 23.84 ? 300  GLU A CA  1 
ATOM   569  C C   . GLU A 1 90  ? 5.494   15.555  4.838   1.00 25.49 ? 300  GLU A C   1 
ATOM   570  O O   . GLU A 1 90  ? 6.574   16.003  4.405   1.00 26.55 ? 300  GLU A O   1 
ATOM   571  C CB  . GLU A 1 90  ? 3.259   16.426  4.061   1.00 24.27 ? 300  GLU A CB  1 
ATOM   572  N N   . GLU A 1 91  ? 5.317   15.255  6.119   1.00 25.29 ? 301  GLU A N   1 
ATOM   573  C CA  . GLU A 1 91  ? 6.404   15.373  7.103   1.00 25.38 ? 301  GLU A CA  1 
ATOM   574  C C   . GLU A 1 91  ? 7.609   14.489  6.794   1.00 26.47 ? 301  GLU A C   1 
ATOM   575  O O   . GLU A 1 91  ? 8.763   14.899  6.986   1.00 27.23 ? 301  GLU A O   1 
ATOM   576  C CB  . GLU A 1 91  ? 5.866   15.014  8.488   1.00 25.72 ? 301  GLU A CB  1 
ATOM   577  C CG  . GLU A 1 91  ? 4.868   16.041  9.026   1.00 27.07 ? 301  GLU A CG  1 
ATOM   578  C CD  . GLU A 1 91  ? 4.170   15.589  10.288  1.00 29.29 ? 301  GLU A CD  1 
ATOM   579  O OE1 . GLU A 1 91  ? 4.354   14.432  10.683  1.00 34.35 ? 301  GLU A OE1 1 
ATOM   580  O OE2 . GLU A 1 91  ? 3.421   16.379  10.904  1.00 31.29 ? 301  GLU A OE2 1 
ATOM   581  N N   . GLU A 1 92  ? 7.343   13.280  6.319   1.00 25.47 ? 302  GLU A N   1 
ATOM   582  C CA  . GLU A 1 92  ? 8.393   12.270  6.109   1.00 25.79 ? 302  GLU A CA  1 
ATOM   583  C C   . GLU A 1 92  ? 8.962   12.218  4.677   1.00 25.41 ? 302  GLU A C   1 
ATOM   584  O O   . GLU A 1 92  ? 9.841   11.399  4.394   1.00 27.70 ? 302  GLU A O   1 
ATOM   585  C CB  . GLU A 1 92  ? 7.853   10.900  6.544   1.00 25.67 ? 302  GLU A CB  1 
ATOM   586  C CG  . GLU A 1 92  ? 7.378   10.882  8.021   1.00 26.80 ? 302  GLU A CG  1 
ATOM   587  C CD  . GLU A 1 92  ? 8.505   10.880  9.044   1.00 29.82 ? 302  GLU A CD  1 
ATOM   588  O OE1 . GLU A 1 92  ? 9.685   10.792  8.644   1.00 32.60 ? 302  GLU A OE1 1 
ATOM   589  O OE2 . GLU A 1 92  ? 8.210   11.002  10.258  1.00 31.13 ? 302  GLU A OE2 1 
ATOM   590  N N   . GLY A 1 93  ? 8.423   13.018  3.757   1.00 24.39 ? 303  GLY A N   1 
ATOM   591  C CA  . GLY A 1 93  ? 8.891   13.038  2.379   1.00 24.54 ? 303  GLY A CA  1 
ATOM   592  C C   . GLY A 1 93  ? 8.546   11.801  1.573   1.00 24.24 ? 303  GLY A C   1 
ATOM   593  O O   . GLY A 1 93  ? 9.333   11.351  0.734   1.00 26.12 ? 303  GLY A O   1 
ATOM   594  N N   . VAL A 1 94  ? 7.362   11.241  1.826   1.00 23.40 ? 304  VAL A N   1 
ATOM   595  C CA  . VAL A 1 94  ? 6.862   10.103  1.066   1.00 23.12 ? 304  VAL A CA  1 
ATOM   596  C C   . VAL A 1 94  ? 5.794   10.599  0.102   1.00 22.09 ? 304  VAL A C   1 
ATOM   597  O O   . VAL A 1 94  ? 4.794   11.170  0.515   1.00 22.21 ? 304  VAL A O   1 
ATOM   598  C CB  . VAL A 1 94  ? 6.275   9.005   1.994   1.00 23.72 ? 304  VAL A CB  1 
ATOM   599  C CG1 . VAL A 1 94  ? 5.679   7.866   1.188   1.00 23.12 ? 304  VAL A CG1 1 
ATOM   600  C CG2 . VAL A 1 94  ? 7.345   8.484   2.941   1.00 24.16 ? 304  VAL A CG2 1 
ATOM   601  N N   . PRO A 1 95  ? 6.009   10.415  -1.188  1.00 21.73 ? 305  PRO A N   1 
ATOM   602  C CA  . PRO A 1 95  ? 5.014   10.956  -2.080  1.00 23.35 ? 305  PRO A CA  1 
ATOM   603  C C   . PRO A 1 95  ? 3.705   10.198  -2.047  1.00 22.29 ? 305  PRO A C   1 
ATOM   604  O O   . PRO A 1 95  ? 3.660   8.980   -1.762  1.00 21.08 ? 305  PRO A O   1 
ATOM   605  C CB  . PRO A 1 95  ? 5.671   10.865  -3.445  1.00 23.83 ? 305  PRO A CB  1 
ATOM   606  C CG  . PRO A 1 95  ? 6.697   9.862   -3.282  1.00 25.83 ? 305  PRO A CG  1 
ATOM   607  C CD  . PRO A 1 95  ? 7.177   9.890   -1.901  1.00 22.78 ? 305  PRO A CD  1 
ATOM   608  N N   . ILE A 1 96  ? 2.629   10.878  -2.389  1.00 22.66 ? 306  ILE A N   1 
ATOM   609  C CA  . ILE A 1 96  ? 1.300   10.322  -2.384  1.00 24.53 ? 306  ILE A CA  1 
ATOM   610  C C   . ILE A 1 96  ? 0.675   10.669  -3.725  1.00 24.29 ? 306  ILE A C   1 
ATOM   611  O O   . ILE A 1 96  ? 0.782   11.812  -4.201  1.00 24.66 ? 306  ILE A O   1 
ATOM   612  C CB  . ILE A 1 96  ? 0.461   10.842  -1.185  1.00 25.56 ? 306  ILE A CB  1 
ATOM   613  C CG1 . ILE A 1 96  ? -0.914  10.170  -1.173  1.00 27.44 ? 306  ILE A CG1 1 
ATOM   614  C CG2 . ILE A 1 96  ? 0.435   12.384  -1.176  1.00 28.79 ? 306  ILE A CG2 1 
ATOM   615  C CD1 . ILE A 1 96  ? -1.595  10.263  0.205   1.00 30.81 ? 306  ILE A CD1 1 
ATOM   616  N N   . LEU A 1 97  ? 0.043   9.693   -4.335  1.00 24.03 ? 307  LEU A N   1 
ATOM   617  C CA  . LEU A 1 97  ? -0.524  9.835   -5.671  1.00 25.59 ? 307  LEU A CA  1 
ATOM   618  C C   . LEU A 1 97  ? -1.953  9.362   -5.614  1.00 24.79 ? 307  LEU A C   1 
ATOM   619  O O   . LEU A 1 97  ? -2.246  8.374   -4.923  1.00 25.47 ? 307  LEU A O   1 
ATOM   620  C CB  . LEU A 1 97  ? 0.366   9.033   -6.652  1.00 26.70 ? 307  LEU A CB  1 
ATOM   621  C CG  . LEU A 1 97  ? -0.117  8.149   -7.759  1.00 31.63 ? 307  LEU A CG  1 
ATOM   622  C CD1 . LEU A 1 97  ? 0.920   8.153   -8.889  1.00 31.32 ? 307  LEU A CD1 1 
ATOM   623  C CD2 . LEU A 1 97  ? -0.289  6.724   -7.231  1.00 36.66 ? 307  LEU A CD2 1 
ATOM   624  N N   . GLN A 1 98  ? -2.849  10.026  -6.334  1.00 23.99 ? 308  GLN A N   1 
ATOM   625  C CA  . GLN A 1 98  ? -4.236  9.642   -6.481  1.00 25.57 ? 308  GLN A CA  1 
ATOM   626  C C   . GLN A 1 98  ? -4.264  8.630   -7.621  1.00 25.77 ? 308  GLN A C   1 
ATOM   627  O O   . GLN A 1 98  ? -3.953  8.960   -8.768  1.00 24.50 ? 308  GLN A O   1 
ATOM   628  C CB  . GLN A 1 98  ? -5.105  10.863  -6.812  1.00 28.06 ? 308  GLN A CB  1 
ATOM   629  C CG  . GLN A 1 98  ? -6.647  10.648  -6.966  1.00 31.61 ? 308  GLN A CG  1 
ATOM   630  C CD  . GLN A 1 98  ? -7.430  10.655  -5.639  1.00 32.60 ? 308  GLN A CD  1 
ATOM   631  O OE1 . GLN A 1 98  ? -6.849  10.648  -4.545  1.00 35.68 ? 308  GLN A OE1 1 
ATOM   632  N NE2 . GLN A 1 98  ? -8.751  10.649  -5.741  1.00 34.76 ? 308  GLN A NE2 1 
ATOM   633  N N   . ARG A 1 99  ? -4.586  7.384   -7.308  1.00 23.84 ? 309  ARG A N   1 
ATOM   634  C CA  . ARG A 1 99  ? -4.824  6.324   -8.293  1.00 23.94 ? 309  ARG A CA  1 
ATOM   635  C C   . ARG A 1 99  ? -6.043  5.519   -7.810  1.00 24.04 ? 309  ARG A C   1 
ATOM   636  O O   . ARG A 1 99  ? -5.861  4.498   -7.106  1.00 22.00 ? 309  ARG A O   1 
ATOM   637  C CB  . ARG A 1 99  ? -3.588  5.409   -8.486  1.00 25.47 ? 309  ARG A CB  1 
ATOM   638  C CG  . ARG A 1 99  ? -2.361  5.966   -9.248  1.00 28.24 ? 309  ARG A CG  1 
ATOM   639  C CD  . ARG A 1 99  ? -2.677  6.312   -10.728 1.00 30.96 ? 309  ARG A CD  1 
ATOM   640  N NE  . ARG A 1 99  ? -1.532  6.868   -11.475 1.00 34.21 ? 309  ARG A NE  1 
ATOM   641  C CZ  . ARG A 1 99  ? -1.077  8.117   -11.364 1.00 34.24 ? 309  ARG A CZ  1 
ATOM   642  N NH1 . ARG A 1 99  ? -1.643  8.972   -10.525 1.00 35.35 ? 309  ARG A NH1 1 
ATOM   643  N NH2 . ARG A 1 99  ? -0.038  8.516   -12.089 1.00 36.54 ? 309  ARG A NH2 1 
ATOM   644  N N   . ILE A 1 100 ? -7.266  5.954   -8.102  1.00 22.85 ? 310  ILE A N   1 
ATOM   645  C CA  . ILE A 1 100 ? -8.458  5.355   -7.471  1.00 23.53 ? 310  ILE A CA  1 
ATOM   646  C C   . ILE A 1 100 ? -8.630  3.864   -7.811  1.00 23.32 ? 310  ILE A C   1 
ATOM   647  O O   . ILE A 1 100 ? -8.792  3.040   -6.906  1.00 21.46 ? 310  ILE A O   1 
ATOM   648  C CB  . ILE A 1 100 ? -9.736  6.207   -7.759  1.00 23.84 ? 310  ILE A CB  1 
ATOM   649  C CG1 . ILE A 1 100 ? -9.576  7.609   -7.116  1.00 24.48 ? 310  ILE A CG1 1 
ATOM   650  C CG2 . ILE A 1 100 ? -10.970 5.450   -7.273  1.00 25.53 ? 310  ILE A CG2 1 
ATOM   651  C CD1 . ILE A 1 100 ? -10.465 8.696   -7.765  1.00 28.79 ? 310  ILE A CD1 1 
ATOM   652  N N   . PRO A 1 101 ? -8.534  3.472   -9.072  1.00 22.57 ? 311  PRO A N   1 
ATOM   653  C CA  . PRO A 1 101 ? -8.740  2.055   -9.329  1.00 23.22 ? 311  PRO A CA  1 
ATOM   654  C C   . PRO A 1 101 ? -7.691  1.157   -8.666  1.00 21.92 ? 311  PRO A C   1 
ATOM   655  O O   . PRO A 1 101 ? -8.053  0.085   -8.191  1.00 22.09 ? 311  PRO A O   1 
ATOM   656  C CB  . PRO A 1 101 ? -8.643  1.941   -10.858 1.00 25.29 ? 311  PRO A CB  1 
ATOM   657  C CG  . PRO A 1 101 ? -8.952  3.262   -11.335 1.00 25.72 ? 311  PRO A CG  1 
ATOM   658  C CD  . PRO A 1 101 ? -8.560  4.265   -10.325 1.00 23.80 ? 311  PRO A CD  1 
ATOM   659  N N   . LEU A 1 102 ? -6.414  1.530   -8.691  1.00 21.32 ? 312  LEU A N   1 
ATOM   660  C CA  . LEU A 1 102 ? -5.353  0.750   -8.050  1.00 21.55 ? 312  LEU A CA  1 
ATOM   661  C C   . LEU A 1 102 ? -5.537  0.711   -6.540  1.00 20.55 ? 312  LEU A C   1 
ATOM   662  O O   . LEU A 1 102 ? -5.397  -0.334  -5.953  1.00 20.25 ? 312  LEU A O   1 
ATOM   663  C CB  . LEU A 1 102 ? -3.971  1.310   -8.407  1.00 21.46 ? 312  LEU A CB  1 
ATOM   664  C CG  . LEU A 1 102 ? -2.771  0.647   -7.767  1.00 21.74 ? 312  LEU A CG  1 
ATOM   665  C CD1 . LEU A 1 102 ? -2.680  -0.902  -8.132  1.00 24.68 ? 312  LEU A CD1 1 
ATOM   666  C CD2 . LEU A 1 102 ? -1.474  1.327   -8.134  1.00 23.10 ? 312  LEU A CD2 1 
ATOM   667  N N   . ALA A 1 103 ? -5.886  1.843   -5.951  1.00 20.09 ? 313  ALA A N   1 
ATOM   668  C CA  . ALA A 1 103 ? -6.108  1.902   -4.502  1.00 20.04 ? 313  ALA A CA  1 
ATOM   669  C C   . ALA A 1 103 ? -7.224  0.950   -4.112  1.00 19.87 ? 313  ALA A C   1 
ATOM   670  O O   . ALA A 1 103 ? -7.127  0.188   -3.158  1.00 20.00 ? 313  ALA A O   1 
ATOM   671  C CB  . ALA A 1 103 ? -6.425  3.342   -4.068  1.00 21.26 ? 313  ALA A CB  1 
ATOM   672  N N   . ARG A 1 104 ? -8.314  0.976   -4.877  1.00 19.84 ? 314  ARG A N   1 
ATOM   673  C CA  . ARG A 1 104 ? -9.410  0.056   -4.601  1.00 20.66 ? 314  ARG A CA  1 
ATOM   674  C C   . ARG A 1 104 ? -9.055  -1.414  -4.764  1.00 20.17 ? 314  ARG A C   1 
ATOM   675  O O   . ARG A 1 104 ? -9.427  -2.227  -3.949  1.00 20.65 ? 314  ARG A O   1 
ATOM   676  C CB  . ARG A 1 104 ? -10.612 0.413   -5.489  1.00 22.04 ? 314  ARG A CB  1 
ATOM   677  C CG  . ARG A 1 104 ? -11.303 1.726   -5.092  1.00 24.29 ? 314  ARG A CG  1 
ATOM   678  C CD  . ARG A 1 104 ? -12.337 2.116   -6.135  1.00 28.19 ? 314  ARG A CD  1 
ATOM   679  N NE  . ARG A 1 104 ? -13.162 3.225   -5.659  1.00 31.52 ? 314  ARG A NE  1 
ATOM   680  C CZ  . ARG A 1 104 ? -14.174 3.727   -6.356  1.00 35.32 ? 314  ARG A CZ  1 
ATOM   681  N NH1 . ARG A 1 104 ? -14.473 3.225   -7.549  1.00 36.88 ? 314  ARG A NH1 1 
ATOM   682  N NH2 . ARG A 1 104 ? -14.883 4.732   -5.857  1.00 38.72 ? 314  ARG A NH2 1 
ATOM   683  N N   . ALA A 1 105 ? -8.356  -1.731  -5.850  1.00 19.97 ? 315  ALA A N   1 
ATOM   684  C CA  . ALA A 1 105 ? -8.000  -3.097  -6.101  1.00 20.74 ? 315  ALA A CA  1 
ATOM   685  C C   . ALA A 1 105 ? -7.078  -3.647  -5.033  1.00 19.81 ? 315  ALA A C   1 
ATOM   686  O O   . ALA A 1 105 ? -7.242  -4.773  -4.552  1.00 19.77 ? 315  ALA A O   1 
ATOM   687  C CB  . ALA A 1 105 ? -7.349  -3.232  -7.497  1.00 22.22 ? 315  ALA A CB  1 
ATOM   688  N N   . LEU A 1 106 ? -6.099  -2.852  -4.625  1.00 19.33 ? 316  LEU A N   1 
ATOM   689  C CA  . LEU A 1 106 ? -5.199  -3.274  -3.557  1.00 19.60 ? 316  LEU A CA  1 
ATOM   690  C C   . LEU A 1 106 ? -5.951  -3.388  -2.240  1.00 19.22 ? 316  LEU A C   1 
ATOM   691  O O   . LEU A 1 106 ? -5.743  -4.279  -1.449  1.00 19.22 ? 316  LEU A O   1 
ATOM   692  C CB  . LEU A 1 106 ? -4.021  -2.313  -3.420  1.00 19.88 ? 316  LEU A CB  1 
ATOM   693  C CG  . LEU A 1 106 ? -3.054  -2.311  -4.616  1.00 19.82 ? 316  LEU A CG  1 
ATOM   694  C CD1 . LEU A 1 106 ? -2.049  -1.205  -4.446  1.00 20.94 ? 316  LEU A CD1 1 
ATOM   695  C CD2 . LEU A 1 106 ? -2.364  -3.701  -4.767  1.00 21.69 ? 316  LEU A CD2 1 
ATOM   696  N N   . TYR A 1 107 ? -6.863  -2.441  -1.997  1.00 19.62 ? 317  TYR A N   1 
ATOM   697  C CA  . TYR A 1 107 ? -7.671  -2.508  -0.759  1.00 19.01 ? 317  TYR A CA  1 
ATOM   698  C C   . TYR A 1 107 ? -8.386  -3.816  -0.632  1.00 18.95 ? 317  TYR A C   1 
ATOM   699  O O   . TYR A 1 107 ? -8.369  -4.492  0.414   1.00 19.72 ? 317  TYR A O   1 
ATOM   700  C CB  . TYR A 1 107 ? -8.685  -1.358  -0.684  1.00 19.77 ? 317  TYR A CB  1 
ATOM   701  C CG  . TYR A 1 107 ? -9.394  -1.318  0.646   1.00 21.02 ? 317  TYR A CG  1 
ATOM   702  C CD1 . TYR A 1 107 ? -8.760  -0.848  1.766   1.00 22.11 ? 317  TYR A CD1 1 
ATOM   703  C CD2 . TYR A 1 107 ? -10.687 -1.844  0.789   1.00 21.99 ? 317  TYR A CD2 1 
ATOM   704  C CE1 . TYR A 1 107 ? -9.426  -0.857  3.047   1.00 23.78 ? 317  TYR A CE1 1 
ATOM   705  C CE2 . TYR A 1 107 ? -11.337 -1.843  2.002   1.00 23.20 ? 317  TYR A CE2 1 
ATOM   706  C CZ  . TYR A 1 107 ? -10.688 -1.381  3.107   1.00 23.34 ? 317  TYR A CZ  1 
ATOM   707  O OH  . TYR A 1 107 ? -11.350 -1.442  4.336   1.00 25.88 ? 317  TYR A OH  1 
ATOM   708  N N   . TRP A 1 108 ? -9.084  -4.238  -1.660  1.00 19.12 ? 318  TRP A N   1 
ATOM   709  C CA  . TRP A 1 108 ? -9.864  -5.465  -1.604  1.00 19.89 ? 318  TRP A CA  1 
ATOM   710  C C   . TRP A 1 108 ? -9.041  -6.734  -1.721  1.00 19.92 ? 318  TRP A C   1 
ATOM   711  O O   . TRP A 1 108 ? -9.386  -7.722  -1.087  1.00 21.13 ? 318  TRP A O   1 
ATOM   712  C CB  . TRP A 1 108 ? -11.014 -5.475  -2.631  1.00 20.66 ? 318  TRP A CB  1 
ATOM   713  C CG  . TRP A 1 108 ? -12.016 -4.333  -2.388  1.00 22.79 ? 318  TRP A CG  1 
ATOM   714  C CD1 . TRP A 1 108 ? -12.289 -3.346  -3.224  1.00 24.77 ? 318  TRP A CD1 1 
ATOM   715  C CD2 . TRP A 1 108 ? -12.817 -4.157  -1.217  1.00 23.08 ? 318  TRP A CD2 1 
ATOM   716  N NE1 . TRP A 1 108 ? -13.237 -2.518  -2.635  1.00 24.41 ? 318  TRP A NE1 1 
ATOM   717  C CE2 . TRP A 1 108 ? -13.546 -2.969  -1.395  1.00 24.01 ? 318  TRP A CE2 1 
ATOM   718  C CE3 . TRP A 1 108 ? -12.961 -4.863  -0.040  1.00 23.10 ? 318  TRP A CE3 1 
ATOM   719  C CZ2 . TRP A 1 108 ? -14.433 -2.478  -0.427  1.00 24.63 ? 318  TRP A CZ2 1 
ATOM   720  C CZ3 . TRP A 1 108 ? -13.861 -4.328  0.949   1.00 23.62 ? 318  TRP A CZ3 1 
ATOM   721  C CH2 . TRP A 1 108 ? -14.585 -3.170  0.703   1.00 25.67 ? 318  TRP A CH2 1 
ATOM   722  N N   . ASP A 1 109 ? -8.018  -6.744  -2.537  1.00 19.96 ? 319  ASP A N   1 
ATOM   723  C CA  . ASP A 1 109 ? -7.346  -7.971  -2.929  1.00 21.04 ? 319  ASP A CA  1 
ATOM   724  C C   . ASP A 1 109 ? -5.987  -8.164  -2.352  1.00 22.50 ? 319  ASP A C   1 
ATOM   725  O O   . ASP A 1 109 ? -5.573  -9.328  -2.194  1.00 23.18 ? 319  ASP A O   1 
ATOM   726  C CB  . ASP A 1 109 ? -7.229  -8.065  -4.445  1.00 22.47 ? 319  ASP A CB  1 
ATOM   727  C CG  . ASP A 1 109 ? -8.558  -8.068  -5.153  1.00 28.41 ? 319  ASP A CG  1 
ATOM   728  O OD1 . ASP A 1 109 ? -9.590  -8.454  -4.582  1.00 31.32 ? 319  ASP A OD1 1 
ATOM   729  O OD2 . ASP A 1 109 ? -8.522  -7.724  -6.348  1.00 33.95 ? 319  ASP A OD2 1 
ATOM   730  N N   . ALA A 1 110 ? -5.256  -7.144  -1.957  1.00 19.74 ? 320  ALA A N   1 
ATOM   731  C CA  . ALA A 1 110 ? -3.854  -7.351  -1.534  1.00 20.42 ? 320  ALA A CA  1 
ATOM   732  C C   . ALA A 1 110 ? -3.819  -7.844  -0.114  1.00 20.39 ? 320  ALA A C   1 
ATOM   733  O O   . ALA A 1 110 ? -4.723  -7.597  0.709   1.00 19.84 ? 320  ALA A O   1 
ATOM   734  C CB  . ALA A 1 110 ? -3.048  -6.065  -1.643  1.00 22.29 ? 320  ALA A CB  1 
ATOM   735  N N   . LEU A 1 111 ? -2.733  -8.507  0.214   1.00 20.09 ? 321  LEU A N   1 
ATOM   736  C CA  . LEU A 1 111 ? -2.427  -8.868  1.621   1.00 20.25 ? 321  LEU A CA  1 
ATOM   737  C C   . LEU A 1 111 ? -1.364  -7.922  2.138   1.00 18.72 ? 321  LEU A C   1 
ATOM   738  O O   . LEU A 1 111 ? -0.305  -7.780  1.460   1.00 20.00 ? 321  LEU A O   1 
ATOM   739  C CB  . LEU A 1 111 ? -1.857  -10.306 1.665   1.00 22.07 ? 321  LEU A CB  1 
ATOM   740  C CG  . LEU A 1 111 ? -2.848  -11.472 1.619   1.00 23.81 ? 321  LEU A CG  1 
ATOM   741  C CD1 . LEU A 1 111 ? -3.615  -11.467 0.332   1.00 26.92 ? 321  LEU A CD1 1 
ATOM   742  C CD2 . LEU A 1 111 ? -2.013  -12.776 1.861   1.00 26.12 ? 321  LEU A CD2 1 
ATOM   743  N N   . VAL A 1 112 ? -1.576  -7.300  3.269   1.00 19.29 ? 322  VAL A N   1 
ATOM   744  C CA  A VAL A 1 112 ? -0.508  -6.484  3.781   0.50 19.55 ? 322  VAL A CA  1 
ATOM   745  C CA  B VAL A 1 112 ? -0.582  -6.495  3.836   0.50 19.79 ? 322  VAL A CA  1 
ATOM   746  C C   . VAL A 1 112 ? 0.692   -7.358  4.112   1.00 19.77 ? 322  VAL A C   1 
ATOM   747  O O   . VAL A 1 112 ? 0.607   -8.569  4.483   1.00 19.35 ? 322  VAL A O   1 
ATOM   748  C CB  A VAL A 1 112 ? -0.825  -5.635  5.033   0.50 21.19 ? 322  VAL A CB  1 
ATOM   749  C CB  B VAL A 1 112 ? -1.171  -5.882  5.106   0.50 20.42 ? 322  VAL A CB  1 
ATOM   750  C CG1 A VAL A 1 112 ? -1.770  -4.510  4.718   0.50 21.16 ? 322  VAL A CG1 1 
ATOM   751  C CG1 B VAL A 1 112 ? -0.130  -5.097  5.808   0.50 23.30 ? 322  VAL A CG1 1 
ATOM   752  C CG2 A VAL A 1 112 ? -1.255  -6.500  6.231   0.50 19.11 ? 322  VAL A CG2 1 
ATOM   753  C CG2 B VAL A 1 112 ? -2.386  -5.012  4.802   0.50 21.15 ? 322  VAL A CG2 1 
ATOM   754  N N   . ASP A 1 113 ? 1.860   -6.742  3.994   1.00 18.98 ? 323  ASP A N   1 
ATOM   755  C CA  . ASP A 1 113 ? 3.142   -7.346  4.212   1.00 19.31 ? 323  ASP A CA  1 
ATOM   756  C C   . ASP A 1 113 ? 3.466   -8.511  3.270   1.00 19.27 ? 323  ASP A C   1 
ATOM   757  O O   . ASP A 1 113 ? 4.262   -9.382  3.564   1.00 20.05 ? 323  ASP A O   1 
ATOM   758  C CB  . ASP A 1 113 ? 3.352   -7.668  5.702   1.00 20.30 ? 323  ASP A CB  1 
ATOM   759  C CG  . ASP A 1 113 ? 3.429   -6.424  6.520   1.00 21.83 ? 323  ASP A CG  1 
ATOM   760  O OD1 . ASP A 1 113 ? 4.069   -5.450  6.063   1.00 23.89 ? 323  ASP A OD1 1 
ATOM   761  O OD2 . ASP A 1 113 ? 2.761   -6.337  7.579   1.00 23.58 ? 323  ASP A OD2 1 
ATOM   762  N N   . HIS A 1 114 ? 2.828   -8.482  2.115   1.00 18.71 ? 324  HIS A N   1 
ATOM   763  C CA  . HIS A 1 114 ? 3.054   -9.449  1.030   1.00 18.72 ? 324  HIS A CA  1 
ATOM   764  C C   . HIS A 1 114 ? 3.225   -8.687  -0.265  1.00 18.37 ? 324  HIS A C   1 
ATOM   765  O O   . HIS A 1 114 ? 2.797   -7.543  -0.390  1.00 18.80 ? 324  HIS A O   1 
ATOM   766  C CB  . HIS A 1 114 ? 1.911   -10.461 0.892   1.00 19.24 ? 324  HIS A CB  1 
ATOM   767  C CG  . HIS A 1 114 ? 1.792   -11.390 2.058   1.00 20.39 ? 324  HIS A CG  1 
ATOM   768  N ND1 . HIS A 1 114 ? 1.391   -10.984 3.305   1.00 19.96 ? 324  HIS A ND1 1 
ATOM   769  C CD2 . HIS A 1 114 ? 2.064   -12.712 2.174   1.00 20.72 ? 324  HIS A CD2 1 
ATOM   770  C CE1 . HIS A 1 114 ? 1.402   -12.019 4.135   1.00 21.25 ? 324  HIS A CE1 1 
ATOM   771  N NE2 . HIS A 1 114 ? 1.813   -13.085 3.475   1.00 21.92 ? 324  HIS A NE2 1 
ATOM   772  N N   . TYR A 1 115 ? 3.808   -9.348  -1.240  1.00 18.79 ? 325  TYR A N   1 
ATOM   773  C CA  . TYR A 1 115 ? 3.945   -8.736  -2.556  1.00 18.39 ? 325  TYR A CA  1 
ATOM   774  C C   . TYR A 1 115 ? 2.609   -8.525  -3.196  1.00 19.44 ? 325  TYR A C   1 
ATOM   775  O O   . TYR A 1 115 ? 1.642   -9.232  -2.957  1.00 19.15 ? 325  TYR A O   1 
ATOM   776  C CB  . TYR A 1 115 ? 4.869   -9.588  -3.469  1.00 19.26 ? 325  TYR A CB  1 
ATOM   777  C CG  . TYR A 1 115 ? 6.237   -9.826  -2.851  1.00 20.13 ? 325  TYR A CG  1 
ATOM   778  C CD1 . TYR A 1 115 ? 7.031   -8.779  -2.467  1.00 20.85 ? 325  TYR A CD1 1 
ATOM   779  C CD2 . TYR A 1 115 ? 6.715   -11.089 -2.690  1.00 21.87 ? 325  TYR A CD2 1 
ATOM   780  C CE1 . TYR A 1 115 ? 8.237   -8.989  -1.866  1.00 23.50 ? 325  TYR A CE1 1 
ATOM   781  C CE2 . TYR A 1 115 ? 7.953   -11.323 -2.069  1.00 21.98 ? 325  TYR A CE2 1 
ATOM   782  C CZ  . TYR A 1 115 ? 8.677   -10.255 -1.671  1.00 23.25 ? 325  TYR A CZ  1 
ATOM   783  O OH  . TYR A 1 115 ? 9.916   -10.436 -1.013  1.00 25.11 ? 325  TYR A OH  1 
ATOM   784  N N   . ILE A 1 116 ? 2.557   -7.547  -4.100  1.00 18.65 ? 326  ILE A N   1 
ATOM   785  C CA  . ILE A 1 116 ? 1.338   -7.207  -4.774  1.00 19.40 ? 326  ILE A CA  1 
ATOM   786  C C   . ILE A 1 116 ? 0.736   -8.361  -5.534  1.00 19.99 ? 326  ILE A C   1 
ATOM   787  O O   . ILE A 1 116 ? 1.471   -9.194  -6.079  1.00 19.14 ? 326  ILE A O   1 
ATOM   788  C CB  . ILE A 1 116 ? 1.544   -5.988  -5.732  1.00 19.45 ? 326  ILE A CB  1 
ATOM   789  C CG1 . ILE A 1 116 ? 2.679   -6.230  -6.720  1.00 19.92 ? 326  ILE A CG1 1 
ATOM   790  C CG2 . ILE A 1 116 ? 1.718   -4.644  -4.937  1.00 20.54 ? 326  ILE A CG2 1 
ATOM   791  C CD1 . ILE A 1 116 ? 2.671   -5.273  -7.918  1.00 20.74 ? 326  ILE A CD1 1 
ATOM   792  N N   . PRO A 1 117 ? -0.600  -8.366  -5.687  1.00 20.61 ? 327  PRO A N   1 
ATOM   793  C CA  . PRO A 1 117 ? -1.220  -9.364  -6.555  1.00 21.25 ? 327  PRO A CA  1 
ATOM   794  C C   . PRO A 1 117 ? -0.766  -9.235  -8.017  1.00 21.05 ? 327  PRO A C   1 
ATOM   795  O O   . PRO A 1 117 ? -0.551  -8.116  -8.484  1.00 21.12 ? 327  PRO A O   1 
ATOM   796  C CB  . PRO A 1 117 ? -2.727  -9.033  -6.423  1.00 23.53 ? 327  PRO A CB  1 
ATOM   797  C CG  . PRO A 1 117 ? -2.904  -8.276  -5.190  1.00 25.70 ? 327  PRO A CG  1 
ATOM   798  C CD  . PRO A 1 117 ? -1.592  -7.507  -5.025  1.00 21.99 ? 327  PRO A CD  1 
ATOM   799  N N   . ALA A 1 118 ? -0.706  -10.338 -8.724  1.00 20.54 ? 328  ALA A N   1 
ATOM   800  C CA  . ALA A 1 118 ? -0.343  -10.295 -10.151 1.00 20.83 ? 328  ALA A CA  1 
ATOM   801  C C   . ALA A 1 118 ? -1.159  -9.306  -10.959 1.00 21.29 ? 328  ALA A C   1 
ATOM   802  O O   . ALA A 1 118 ? -0.609  -8.583  -11.788 1.00 20.56 ? 328  ALA A O   1 
ATOM   803  C CB  . ALA A 1 118 ? -0.530  -11.683 -10.756 1.00 21.91 ? 328  ALA A CB  1 
ATOM   804  N N   . GLU A 1 119 ? -2.469  -9.233  -10.728 1.00 21.40 ? 329  GLU A N   1 
ATOM   805  C CA  . GLU A 1 119 ? -3.319  -8.381  -11.547 1.00 23.44 ? 329  GLU A CA  1 
ATOM   806  C C   . GLU A 1 119 ? -2.923  -6.913  -11.427 1.00 22.40 ? 329  GLU A C   1 
ATOM   807  O O   . GLU A 1 119 ? -3.199  -6.133  -12.326 1.00 23.71 ? 329  GLU A O   1 
ATOM   808  C CB  . GLU A 1 119 ? -4.780  -8.546  -11.108 1.00 24.72 ? 329  GLU A CB  1 
ATOM   809  C CG  . GLU A 1 119 ? -5.763  -8.029  -12.153 1.00 27.38 ? 329  GLU A CG  1 
ATOM   810  C CD  . GLU A 1 119 ? -7.175  -8.628  -12.064 1.00 33.65 ? 329  GLU A CD  1 
ATOM   811  O OE1 . GLU A 1 119 ? -7.909  -8.542  -13.085 1.00 37.42 ? 329  GLU A OE1 1 
ATOM   812  O OE2 . GLU A 1 119 ? -7.532  -9.207  -11.012 1.00 38.66 ? 329  GLU A OE2 1 
ATOM   813  N N   . GLN A 1 120 ? -2.245  -6.528  -10.338 1.00 21.04 ? 330  GLN A N   1 
ATOM   814  C CA  A GLN A 1 120 ? -1.865  -5.136  -10.099 0.50 20.93 ? 330  GLN A CA  1 
ATOM   815  C CA  B GLN A 1 120 ? -1.864  -5.134  -10.114 0.50 20.62 ? 330  GLN A CA  1 
ATOM   816  C C   . GLN A 1 120 ? -0.440  -4.786  -10.531 1.00 19.56 ? 330  GLN A C   1 
ATOM   817  O O   . GLN A 1 120 ? 0.022   -3.695  -10.296 1.00 19.92 ? 330  GLN A O   1 
ATOM   818  C CB  A GLN A 1 120 ? -2.116  -4.803  -8.626  0.50 21.79 ? 330  GLN A CB  1 
ATOM   819  C CB  B GLN A 1 120 ? -2.126  -4.757  -8.657  0.50 21.38 ? 330  GLN A CB  1 
ATOM   820  C CG  A GLN A 1 120 ? -3.619  -4.970  -8.245  0.50 23.13 ? 330  GLN A CG  1 
ATOM   821  C CG  B GLN A 1 120 ? -3.611  -4.402  -8.405  0.50 20.86 ? 330  GLN A CG  1 
ATOM   822  C CD  A GLN A 1 120 ? -4.561  -4.349  -9.267  0.50 23.53 ? 330  GLN A CD  1 
ATOM   823  C CD  B GLN A 1 120 ? -4.552  -5.600  -8.471  0.50 22.10 ? 330  GLN A CD  1 
ATOM   824  O OE1 A GLN A 1 120 ? -4.330  -3.238  -9.707  0.50 25.47 ? 330  GLN A OE1 1 
ATOM   825  O OE1 B GLN A 1 120 ? -4.408  -6.559  -7.720  0.50 23.98 ? 330  GLN A OE1 1 
ATOM   826  N NE2 A GLN A 1 120 ? -5.602  -5.052  -9.655  0.50 24.02 ? 330  GLN A NE2 1 
ATOM   827  N NE2 B GLN A 1 120 ? -5.518  -5.545  -9.365  0.50 24.81 ? 330  GLN A NE2 1 
ATOM   828  N N   . ILE A 1 121 ? 0.231   -5.710  -11.203 1.00 19.34 ? 331  ILE A N   1 
ATOM   829  C CA  . ILE A 1 121 ? 1.602   -5.442  -11.635 1.00 18.85 ? 331  ILE A CA  1 
ATOM   830  C C   . ILE A 1 121 ? 1.724   -4.274  -12.586 1.00 19.23 ? 331  ILE A C   1 
ATOM   831  O O   . ILE A 1 121 ? 2.571   -3.409  -12.378 1.00 18.55 ? 331  ILE A O   1 
ATOM   832  C CB  . ILE A 1 121 ? 2.305   -6.706  -12.194 1.00 19.01 ? 331  ILE A CB  1 
ATOM   833  C CG1 . ILE A 1 121 ? 2.596   -7.662  -11.064 1.00 18.58 ? 331  ILE A CG1 1 
ATOM   834  C CG2 . ILE A 1 121 ? 3.605   -6.307  -12.933 1.00 21.58 ? 331  ILE A CG2 1 
ATOM   835  C CD1 . ILE A 1 121 ? 3.069   -9.014  -11.478 1.00 20.58 ? 331  ILE A CD1 1 
ATOM   836  N N   . GLU A 1 122 ? 0.918   -4.251  -13.634 1.00 19.73 ? 332  GLU A N   1 
ATOM   837  C CA  . GLU A 1 122 ? 1.024   -3.165  -14.598 1.00 19.87 ? 332  GLU A CA  1 
ATOM   838  C C   . GLU A 1 122 ? 0.803   -1.783  -13.949 1.00 20.30 ? 332  GLU A C   1 
ATOM   839  O O   . GLU A 1 122 ? 1.560   -0.850  -14.191 1.00 19.88 ? 332  GLU A O   1 
ATOM   840  C CB  . GLU A 1 122 ? 0.017   -3.390  -15.743 1.00 21.28 ? 332  GLU A CB  1 
ATOM   841  C CG  . GLU A 1 122 ? 0.028   -2.298  -16.818 1.00 24.26 ? 332  GLU A CG  1 
ATOM   842  C CD  . GLU A 1 122 ? -1.054  -2.467  -17.873 1.00 29.37 ? 332  GLU A CD  1 
ATOM   843  O OE1 . GLU A 1 122 ? -2.247  -2.674  -17.541 1.00 34.10 ? 332  GLU A OE1 1 
ATOM   844  O OE2 . GLU A 1 122 ? -0.708  -2.329  -19.050 1.00 35.48 ? 332  GLU A OE2 1 
ATOM   845  N N   . ALA A 1 123 ? -0.254  -1.643  -13.169 1.00 20.94 ? 333  ALA A N   1 
ATOM   846  C CA  . ALA A 1 123 ? -0.592  -0.341  -12.567 1.00 21.22 ? 333  ALA A CA  1 
ATOM   847  C C   . ALA A 1 123 ? 0.412   0.069   -11.505 1.00 20.81 ? 333  ALA A C   1 
ATOM   848  O O   . ALA A 1 123 ? 0.744   1.227   -11.374 1.00 20.74 ? 333  ALA A O   1 
ATOM   849  C CB  . ALA A 1 123 ? -1.998  -0.389  -11.964 1.00 22.36 ? 333  ALA A CB  1 
ATOM   850  N N   . THR A 1 124 ? 0.927   -0.883  -10.738 1.00 19.63 ? 334  THR A N   1 
ATOM   851  C CA  . THR A 1 124 ? 1.928   -0.590  -9.748  1.00 19.53 ? 334  THR A CA  1 
ATOM   852  C C   . THR A 1 124 ? 3.246   -0.197  -10.399 1.00 19.54 ? 334  THR A C   1 
ATOM   853  O O   . THR A 1 124 ? 3.875   0.773   -9.953  1.00 19.54 ? 334  THR A O   1 
ATOM   854  C CB  . THR A 1 124 ? 2.105   -1.740  -8.735  1.00 20.06 ? 334  THR A CB  1 
ATOM   855  O OG1 . THR A 1 124 ? 0.838   -2.063  -8.135  1.00 20.95 ? 334  THR A OG1 1 
ATOM   856  C CG2 . THR A 1 124 ? 3.087   -1.360  -7.627  1.00 20.91 ? 334  THR A CG2 1 
ATOM   857  N N   . ALA A 1 125 ? 3.650   -0.885  -11.464 1.00 19.94 ? 335  ALA A N   1 
ATOM   858  C CA  . ALA A 1 125 ? 4.828   -0.462  -12.179 1.00 20.21 ? 335  ALA A CA  1 
ATOM   859  C C   . ALA A 1 125 ? 4.693   0.950   -12.742 1.00 20.14 ? 335  ALA A C   1 
ATOM   860  O O   . ALA A 1 125 ? 5.645   1.708   -12.750 1.00 19.29 ? 335  ALA A O   1 
ATOM   861  C CB  . ALA A 1 125 ? 5.098   -1.429  -13.325 1.00 19.99 ? 335  ALA A CB  1 
ATOM   862  N N   . GLU A 1 126 ? 3.496   1.329   -13.192 1.00 20.17 ? 336  GLU A N   1 
ATOM   863  C CA  . GLU A 1 126 ? 3.296   2.710   -13.695 1.00 21.42 ? 336  GLU A CA  1 
ATOM   864  C C   . GLU A 1 126 ? 3.520   3.744   -12.576 1.00 21.42 ? 336  GLU A C   1 
ATOM   865  O O   . GLU A 1 126 ? 4.183   4.768   -12.747 1.00 20.70 ? 336  GLU A O   1 
ATOM   866  C CB  . GLU A 1 126 ? 1.892   2.853   -14.266 1.00 22.95 ? 336  GLU A CB  1 
ATOM   867  C CG  . GLU A 1 126 ? 1.666   4.148   -15.014 1.00 26.19 ? 336  GLU A CG  1 
ATOM   868  C CD  . GLU A 1 126 ? 0.271   4.286   -15.606 1.00 33.38 ? 336  GLU A CD  1 
ATOM   869  O OE1 . GLU A 1 126 ? -0.675  3.627   -15.103 1.00 40.38 ? 336  GLU A OE1 1 
ATOM   870  O OE2 . GLU A 1 126 ? 0.128   5.080   -16.572 1.00 42.18 ? 336  GLU A OE2 1 
ATOM   871  N N   . VAL A 1 127 ? 2.994   3.460   -11.402 1.00 20.37 ? 337  VAL A N   1 
ATOM   872  C CA  . VAL A 1 127 ? 3.250   4.304   -10.254 1.00 21.45 ? 337  VAL A CA  1 
ATOM   873  C C   . VAL A 1 127 ? 4.733   4.391   -9.917  1.00 20.30 ? 337  VAL A C   1 
ATOM   874  O O   . VAL A 1 127 ? 5.259   5.457   -9.606  1.00 21.07 ? 337  VAL A O   1 
ATOM   875  C CB  . VAL A 1 127 ? 2.474   3.805   -9.011  1.00 22.40 ? 337  VAL A CB  1 
ATOM   876  C CG1 . VAL A 1 127 ? 2.983   4.498   -7.713  1.00 23.40 ? 337  VAL A CG1 1 
ATOM   877  C CG2 . VAL A 1 127 ? 0.991   4.030   -9.193  1.00 24.20 ? 337  VAL A CG2 1 
ATOM   878  N N   . LEU A 1 128 ? 5.444   3.270   -9.984  1.00 20.14 ? 338  LEU A N   1 
ATOM   879  C CA  . LEU A 1 128 ? 6.841   3.270   -9.635  1.00 19.21 ? 338  LEU A CA  1 
ATOM   880  C C   . LEU A 1 128 ? 7.724   3.901   -10.722 1.00 18.32 ? 338  LEU A C   1 
ATOM   881  O O   . LEU A 1 128 ? 8.779   4.431   -10.400 1.00 19.08 ? 338  LEU A O   1 
ATOM   882  C CB  . LEU A 1 128 ? 7.278   1.857   -9.229  1.00 19.62 ? 338  LEU A CB  1 
ATOM   883  C CG  . LEU A 1 128 ? 6.582   1.344   -7.959  1.00 18.78 ? 338  LEU A CG  1 
ATOM   884  C CD1 . LEU A 1 128 ? 6.841   -0.160  -7.808  1.00 22.56 ? 338  LEU A CD1 1 
ATOM   885  C CD2 . LEU A 1 128 ? 7.092   2.100   -6.698  1.00 20.61 ? 338  LEU A CD2 1 
ATOM   886  N N   . ARG A 1 129 ? 7.307   3.867   -11.985 1.00 18.43 ? 339  ARG A N   1 
ATOM   887  C CA  . ARG A 1 129 ? 8.023   4.643   -12.985 1.00 19.21 ? 339  ARG A CA  1 
ATOM   888  C C   . ARG A 1 129 ? 7.887   6.133   -12.671 1.00 20.17 ? 339  ARG A C   1 
ATOM   889  O O   . ARG A 1 129 ? 8.861   6.881   -12.760 1.00 20.47 ? 339  ARG A O   1 
ATOM   890  C CB  . ARG A 1 129 ? 7.510   4.336   -14.387 1.00 18.72 ? 339  ARG A CB  1 
ATOM   891  C CG  . ARG A 1 129 ? 7.928   2.931   -14.904 1.00 19.58 ? 339  ARG A CG  1 
ATOM   892  C CD  . ARG A 1 129 ? 7.732   2.836   -16.418 1.00 21.49 ? 339  ARG A CD  1 
ATOM   893  N NE  . ARG A 1 129 ? 6.396   3.284   -16.855 1.00 21.60 ? 339  ARG A NE  1 
ATOM   894  C CZ  . ARG A 1 129 ? 5.301   2.530   -16.898 1.00 22.89 ? 339  ARG A CZ  1 
ATOM   895  N NH1 . ARG A 1 129 ? 5.326   1.251   -16.533 1.00 21.01 ? 339  ARG A NH1 1 
ATOM   896  N NH2 . ARG A 1 129 ? 4.125   3.060   -17.281 1.00 23.71 ? 339  ARG A NH2 1 
ATOM   897  N N   . TRP A 1 130 ? 6.685   6.545   -12.303 1.00 21.45 ? 340  TRP A N   1 
ATOM   898  C CA  . TRP A 1 130 ? 6.445   7.934   -11.855 1.00 22.72 ? 340  TRP A CA  1 
ATOM   899  C C   . TRP A 1 130 ? 7.349   8.256   -10.672 1.00 22.52 ? 340  TRP A C   1 
ATOM   900  O O   . TRP A 1 130 ? 8.012   9.306   -10.645 1.00 24.38 ? 340  TRP A O   1 
ATOM   901  C CB  . TRP A 1 130 ? 4.995   8.134   -11.443 1.00 23.52 ? 340  TRP A CB  1 
ATOM   902  C CG  . TRP A 1 130 ? 4.701   9.529   -10.851 1.00 27.35 ? 340  TRP A CG  1 
ATOM   903  C CD1 . TRP A 1 130 ? 4.446   10.685  -11.547 1.00 31.89 ? 340  TRP A CD1 1 
ATOM   904  C CD2 . TRP A 1 130 ? 4.641   9.879   -9.458  1.00 30.19 ? 340  TRP A CD2 1 
ATOM   905  N NE1 . TRP A 1 130 ? 4.231   11.731  -10.664 1.00 33.07 ? 340  TRP A NE1 1 
ATOM   906  C CE2 . TRP A 1 130 ? 4.340   11.263  -9.382  1.00 34.28 ? 340  TRP A CE2 1 
ATOM   907  C CE3 . TRP A 1 130 ? 4.806   9.154   -8.270  1.00 33.91 ? 340  TRP A CE3 1 
ATOM   908  C CZ2 . TRP A 1 130 ? 4.198   11.930  -8.159  1.00 36.11 ? 340  TRP A CZ2 1 
ATOM   909  C CZ3 . TRP A 1 130 ? 4.663   9.811   -7.063  1.00 36.07 ? 340  TRP A CZ3 1 
ATOM   910  C CH2 . TRP A 1 130 ? 4.361   11.189  -7.011  1.00 36.84 ? 340  TRP A CH2 1 
ATOM   911  N N   . LEU A 1 131 ? 7.402   7.343   -9.705  1.00 22.01 ? 341  LEU A N   1 
ATOM   912  C CA  . LEU A 1 131 ? 8.213   7.596   -8.516  1.00 22.54 ? 341  LEU A CA  1 
ATOM   913  C C   . LEU A 1 131 ? 9.697   7.779   -8.862  1.00 23.22 ? 341  LEU A C   1 
ATOM   914  O O   . LEU A 1 131 ? 10.384  8.695   -8.349  1.00 23.62 ? 341  LEU A O   1 
ATOM   915  C CB  . LEU A 1 131 ? 8.018   6.473   -7.508  1.00 22.31 ? 341  LEU A CB  1 
ATOM   916  C CG  . LEU A 1 131 ? 8.821   6.625   -6.221  1.00 21.62 ? 341  LEU A CG  1 
ATOM   917  C CD1 . LEU A 1 131 ? 8.358   7.859   -5.435  1.00 25.12 ? 341  LEU A CD1 1 
ATOM   918  C CD2 . LEU A 1 131 ? 8.731   5.366   -5.368  1.00 23.01 ? 341  LEU A CD2 1 
ATOM   919  N N   . GLU A 1 132 ? 10.216  6.946   -9.759  1.00 23.98 ? 342  GLU A N   1 
ATOM   920  C CA  . GLU A 1 132 ? 11.588  7.067   -10.198 1.00 25.82 ? 342  GLU A CA  1 
ATOM   921  C C   . GLU A 1 132 ? 11.834  8.449   -10.834 1.00 26.86 ? 342  GLU A C   1 
ATOM   922  O O   . GLU A 1 132 ? 12.877  9.062   -10.592 1.00 28.18 ? 342  GLU A O   1 
ATOM   923  C CB  . GLU A 1 132 ? 11.924  5.917   -11.156 1.00 26.37 ? 342  GLU A CB  1 
ATOM   924  N N   . ARG A 1 133 ? 10.866  8.951   -11.594 1.00 28.23 ? 343  ARG A N   1 
ATOM   925  C CA  . ARG A 1 133 ? 10.968  10.297  -12.197 1.00 29.94 ? 343  ARG A CA  1 
ATOM   926  C C   . ARG A 1 133 ? 10.964  11.398  -11.136 1.00 31.08 ? 343  ARG A C   1 
ATOM   927  O O   . ARG A 1 133 ? 11.708  12.381  -11.265 1.00 31.79 ? 343  ARG A O   1 
ATOM   928  C CB  . ARG A 1 133 ? 9.814   10.554  -13.167 1.00 29.82 ? 343  ARG A CB  1 
ATOM   929  C CG  . ARG A 1 133 ? 9.833   9.678   -14.384 1.00 30.26 ? 343  ARG A CG  1 
ATOM   930  C CD  . ARG A 1 133 ? 8.951   10.212  -15.492 1.00 29.79 ? 343  ARG A CD  1 
ATOM   931  N NE  . ARG A 1 133 ? 7.530   10.262  -15.153 1.00 28.34 ? 343  ARG A NE  1 
ATOM   932  C CZ  . ARG A 1 133 ? 6.670   9.246   -15.289 1.00 31.28 ? 343  ARG A CZ  1 
ATOM   933  N NH1 . ARG A 1 133 ? 7.074   8.069   -15.750 1.00 32.25 ? 343  ARG A NH1 1 
ATOM   934  N NH2 . ARG A 1 133 ? 5.397   9.399   -14.964 1.00 30.92 ? 343  ARG A NH2 1 
ATOM   935  N N   . GLN A 1 134 ? 10.102  11.253  -10.126 1.00 32.79 ? 344  GLN A N   1 
ATOM   936  C CA  . GLN A 1 134 ? 10.050  12.182  -8.984  1.00 33.69 ? 344  GLN A CA  1 
ATOM   937  C C   . GLN A 1 134 ? 11.395  12.235  -8.283  1.00 33.91 ? 344  GLN A C   1 
ATOM   938  O O   . GLN A 1 134 ? 11.782  13.265  -7.728  1.00 34.29 ? 344  GLN A O   1 
ATOM   939  C CB  . GLN A 1 134 ? 8.994   11.737  -7.966  1.00 34.50 ? 344  GLN A CB  1 
ATOM   940  C CG  . GLN A 1 134 ? 7.558   12.010  -8.339  1.00 35.71 ? 344  GLN A CG  1 
ATOM   941  C CD  . GLN A 1 134 ? 7.200   13.485  -8.242  1.00 39.36 ? 344  GLN A CD  1 
ATOM   942  O OE1 . GLN A 1 134 ? 7.502   14.268  -9.142  1.00 41.47 ? 344  GLN A OE1 1 
ATOM   943  N NE2 . GLN A 1 134 ? 6.547   13.866  -7.149  1.00 39.98 ? 344  GLN A NE2 1 
HETATM 944  O O   . HOH B 2 .   ? 15.372  12.428  -10.451 1.00 44.65 ? 2001 HOH A O   1 
HETATM 945  O O   . HOH B 2 .   ? 12.270  -15.793 3.289   1.00 42.14 ? 2002 HOH A O   1 
HETATM 946  O O   . HOH B 2 .   ? 16.279  -13.753 -0.591  1.00 39.62 ? 2003 HOH A O   1 
HETATM 947  O O   . HOH B 2 .   ? 13.068  -17.234 -1.134  1.00 53.21 ? 2004 HOH A O   1 
HETATM 948  O O   . HOH B 2 .   ? 16.947  -15.651 -1.596  1.00 39.74 ? 2005 HOH A O   1 
HETATM 949  O O   . HOH B 2 .   ? 10.498  -8.974  5.760   1.00 57.81 ? 2006 HOH A O   1 
HETATM 950  O O   . HOH B 2 .   ? -6.184  -19.766 -5.930  1.00 51.32 ? 2007 HOH A O   1 
HETATM 951  O O   . HOH B 2 .   ? -8.593  -23.076 -0.200  1.00 32.62 ? 2008 HOH A O   1 
HETATM 952  O O   . HOH B 2 .   ? -11.179 -22.652 1.727   1.00 28.53 ? 2009 HOH A O   1 
HETATM 953  O O   . HOH B 2 .   ? -15.449 -21.258 -2.448  1.00 38.73 ? 2010 HOH A O   1 
HETATM 954  O O   . HOH B 2 .   ? -10.409 -15.759 -5.496  1.00 47.48 ? 2011 HOH A O   1 
HETATM 955  O O   . HOH B 2 .   ? -5.790  -16.265 -7.484  1.00 41.24 ? 2012 HOH A O   1 
HETATM 956  O O   . HOH B 2 .   ? -7.233  -12.354 -5.445  1.00 45.09 ? 2013 HOH A O   1 
HETATM 957  O O   . HOH B 2 .   ? -9.183  -21.907 6.313   1.00 15.95 ? 2014 HOH A O   1 
HETATM 958  O O   . HOH B 2 .   ? -4.594  -18.442 -0.001  1.00 33.80 ? 2015 HOH A O   1 
HETATM 959  O O   . HOH B 2 .   ? -6.755  -11.686 -1.763  1.00 38.11 ? 2016 HOH A O   1 
HETATM 960  O O   . HOH B 2 .   ? -4.064  -7.967  4.556   1.00 23.43 ? 2017 HOH A O   1 
HETATM 961  O O   . HOH B 2 .   ? -8.965  -11.757 -3.446  1.00 42.26 ? 2018 HOH A O   1 
HETATM 962  O O   . HOH B 2 .   ? -12.971 -12.841 11.490  1.00 27.87 ? 2019 HOH A O   1 
HETATM 963  O O   . HOH B 2 .   ? -11.950 -10.335 8.517   1.00 37.41 ? 2020 HOH A O   1 
HETATM 964  O O   . HOH B 2 .   ? -13.067 -9.805  13.784  1.00 31.17 ? 2021 HOH A O   1 
HETATM 965  O O   . HOH B 2 .   ? 2.410   -10.877 7.906   1.00 21.52 ? 2022 HOH A O   1 
HETATM 966  O O   . HOH B 2 .   ? -3.056  -3.733  11.589  1.00 45.31 ? 2023 HOH A O   1 
HETATM 967  O O   . HOH B 2 .   ? -7.952  -2.987  5.800   1.00 41.53 ? 2024 HOH A O   1 
HETATM 968  O O   . HOH B 2 .   ? -2.008  -1.657  7.705   1.00 29.49 ? 2025 HOH A O   1 
HETATM 969  O O   . HOH B 2 .   ? -6.157  -6.190  4.508   1.00 23.96 ? 2026 HOH A O   1 
HETATM 970  O O   . HOH B 2 .   ? -2.804  -5.235  14.661  1.00 42.29 ? 2027 HOH A O   1 
HETATM 971  O O   . HOH B 2 .   ? -5.970  -8.895  16.922  1.00 22.67 ? 2028 HOH A O   1 
HETATM 972  O O   . HOH B 2 .   ? -10.481 -7.876  12.793  1.00 50.86 ? 2029 HOH A O   1 
HETATM 973  O O   . HOH B 2 .   ? -5.493  -5.052  14.761  1.00 59.97 ? 2030 HOH A O   1 
HETATM 974  O O   . HOH B 2 .   ? -8.584  -6.107  10.520  1.00 38.41 ? 2031 HOH A O   1 
HETATM 975  O O   . HOH B 2 .   ? -6.565  -4.047  11.834  1.00 44.31 ? 2032 HOH A O   1 
HETATM 976  O O   . HOH B 2 .   ? 3.392   -9.403  15.054  1.00 35.89 ? 2033 HOH A O   1 
HETATM 977  O O   . HOH B 2 .   ? -0.910  -4.187  16.288  1.00 49.02 ? 2034 HOH A O   1 
HETATM 978  O O   . HOH B 2 .   ? -2.694  -1.019  10.358  1.00 40.50 ? 2035 HOH A O   1 
HETATM 979  O O   . HOH B 2 .   ? -1.801  -3.342  13.752  1.00 32.91 ? 2036 HOH A O   1 
HETATM 980  O O   . HOH B 2 .   ? 4.475   -6.091  12.110  1.00 30.03 ? 2037 HOH A O   1 
HETATM 981  O O   . HOH B 2 .   ? 6.875   -5.164  13.244  1.00 42.81 ? 2038 HOH A O   1 
HETATM 982  O O   . HOH B 2 .   ? 6.253   -2.554  16.423  1.00 37.78 ? 2039 HOH A O   1 
HETATM 983  O O   . HOH B 2 .   ? 7.377   -6.930  8.469   1.00 45.36 ? 2040 HOH A O   1 
HETATM 984  O O   . HOH B 2 .   ? 11.066  -1.586  8.459   1.00 43.48 ? 2041 HOH A O   1 
HETATM 985  O O   . HOH B 2 .   ? -0.449  -1.990  15.480  1.00 47.14 ? 2042 HOH A O   1 
HETATM 986  O O   . HOH B 2 .   ? -0.101  -2.302  12.306  1.00 29.60 ? 2043 HOH A O   1 
HETATM 987  O O   . HOH B 2 .   ? 3.986   0.786   17.248  1.00 48.01 ? 2044 HOH A O   1 
HETATM 988  O O   . HOH B 2 .   ? 6.668   6.182   15.052  1.00 45.51 ? 2045 HOH A O   1 
HETATM 989  O O   . HOH B 2 .   ? -1.085  4.188   14.649  1.00 33.64 ? 2046 HOH A O   1 
HETATM 990  O O   . HOH B 2 .   ? 2.391   10.101  14.530  1.00 44.54 ? 2047 HOH A O   1 
HETATM 991  O O   . HOH B 2 .   ? 1.610   7.150   14.314  1.00 26.66 ? 2048 HOH A O   1 
HETATM 992  O O   . HOH B 2 .   ? 9.393   2.942   9.710   1.00 24.00 ? 2049 HOH A O   1 
HETATM 993  O O   . HOH B 2 .   ? 10.430  -0.080  12.556  1.00 45.90 ? 2050 HOH A O   1 
HETATM 994  O O   . HOH B 2 .   ? 10.853  7.593   4.516   1.00 42.39 ? 2051 HOH A O   1 
HETATM 995  O O   . HOH B 2 .   ? 11.091  -0.028  4.421   1.00 30.32 ? 2052 HOH A O   1 
HETATM 996  O O   . HOH B 2 .   ? 9.823   -2.205  6.063   1.00 30.94 ? 2053 HOH A O   1 
HETATM 997  O O   . HOH B 2 .   ? 9.954   6.864   1.383   1.00 36.68 ? 2054 HOH A O   1 
HETATM 998  O O   . HOH B 2 .   ? 10.030  7.415   -1.861  1.00 29.20 ? 2055 HOH A O   1 
HETATM 999  O O   . HOH B 2 .   ? 11.648  3.406   -0.567  1.00 36.38 ? 2056 HOH A O   1 
HETATM 1000 O O   . HOH B 2 .   ? -11.284 10.340  -3.511  1.00 38.23 ? 2057 HOH A O   1 
HETATM 1001 O O   . HOH B 2 .   ? -14.340 11.989  -1.589  1.00 46.19 ? 2058 HOH A O   1 
HETATM 1002 O O   . HOH B 2 .   ? -15.638 11.384  1.989   1.00 26.78 ? 2059 HOH A O   1 
HETATM 1003 O O   . HOH B 2 .   ? 11.645  3.120   2.653   1.00 55.33 ? 2060 HOH A O   1 
HETATM 1004 O O   . HOH B 2 .   ? 14.526  0.414   -6.152  1.00 48.04 ? 2061 HOH A O   1 
HETATM 1005 O O   . HOH B 2 .   ? 20.709  -0.841  -5.350  1.00 51.52 ? 2062 HOH A O   1 
HETATM 1006 O O   . HOH B 2 .   ? 19.345  -6.578  -0.625  1.00 57.35 ? 2063 HOH A O   1 
HETATM 1007 O O   . HOH B 2 .   ? 21.010  -8.859  -4.587  1.00 36.72 ? 2064 HOH A O   1 
HETATM 1008 O O   . HOH B 2 .   ? 14.121  -5.910  -7.280  1.00 30.97 ? 2065 HOH A O   1 
HETATM 1009 O O   . HOH B 2 .   ? 15.487  -8.771  -4.385  1.00 25.69 ? 2066 HOH A O   1 
HETATM 1010 O O   . HOH B 2 .   ? -7.843  -0.475  6.537   1.00 43.20 ? 2067 HOH A O   1 
HETATM 1011 O O   . HOH B 2 .   ? -5.063  -0.322  9.224   1.00 38.83 ? 2068 HOH A O   1 
HETATM 1012 O O   . HOH B 2 .   ? -1.428  0.904   12.200  1.00 31.27 ? 2069 HOH A O   1 
HETATM 1013 O O   . HOH B 2 .   ? -13.591 1.958   6.211   1.00 55.95 ? 2070 HOH A O   1 
HETATM 1014 O O   . HOH B 2 .   ? -11.124 4.423   9.333   1.00 28.90 ? 2071 HOH A O   1 
HETATM 1015 O O   . HOH B 2 .   ? -15.562 4.477   8.670   1.00 27.55 ? 2072 HOH A O   1 
HETATM 1016 O O   . HOH B 2 .   ? -15.060 5.725   2.669   1.00 25.94 ? 2073 HOH A O   1 
HETATM 1017 O O   . HOH B 2 .   ? -16.533 4.005   5.333   1.00 35.66 ? 2074 HOH A O   1 
HETATM 1018 O O   . HOH B 2 .   ? -5.053  4.757   13.283  1.00 43.97 ? 2075 HOH A O   1 
HETATM 1019 O O   . HOH B 2 .   ? -6.373  0.983   11.353  1.00 37.22 ? 2076 HOH A O   1 
HETATM 1020 O O   . HOH B 2 .   ? -10.542 2.737   11.464  1.00 42.08 ? 2077 HOH A O   1 
HETATM 1021 O O   . HOH B 2 .   ? -8.965  1.468   8.294   1.00 35.51 ? 2078 HOH A O   1 
HETATM 1022 O O   . HOH B 2 .   ? -10.187 17.791  7.769   1.00 32.55 ? 2079 HOH A O   1 
HETATM 1023 O O   . HOH B 2 .   ? -9.963  11.500  4.581   1.00 31.85 ? 2080 HOH A O   1 
HETATM 1024 O O   . HOH B 2 .   ? -4.546  16.220  5.257   1.00 37.96 ? 2081 HOH A O   1 
HETATM 1025 O O   . HOH B 2 .   ? -5.029  14.211  11.293  1.00 32.96 ? 2082 HOH A O   1 
HETATM 1026 O O   . HOH B 2 .   ? -3.611  11.925  -3.716  1.00 50.40 ? 2083 HOH A O   1 
HETATM 1027 O O   . HOH B 2 .   ? -7.952  12.622  2.506   1.00 24.21 ? 2084 HOH A O   1 
HETATM 1028 O O   . HOH B 2 .   ? -1.458  14.840  0.131   1.00 31.54 ? 2085 HOH A O   1 
HETATM 1029 O O   . HOH B 2 .   ? 0.891   14.547  1.769   1.00 31.29 ? 2086 HOH A O   1 
HETATM 1030 O O   . HOH B 2 .   ? -4.741  16.119  -0.305  1.00 48.68 ? 2087 HOH A O   1 
HETATM 1031 O O   . HOH B 2 .   ? 7.203   16.339  1.897   1.00 41.37 ? 2088 HOH A O   1 
HETATM 1032 O O   . HOH B 2 .   ? 11.629  14.624  4.858   1.00 45.19 ? 2089 HOH A O   1 
HETATM 1033 O O   . HOH B 2 .   ? 9.195   17.577  8.082   1.00 41.98 ? 2090 HOH A O   1 
HETATM 1034 O O   . HOH B 2 .   ? 2.718   18.752  9.990   1.00 30.82 ? 2091 HOH A O   1 
HETATM 1035 O O   . HOH B 2 .   ? 7.652   13.581  -1.158  1.00 46.93 ? 2092 HOH A O   1 
HETATM 1036 O O   . HOH B 2 .   ? 3.396   13.568  0.543   1.00 32.78 ? 2093 HOH A O   1 
HETATM 1037 O O   . HOH B 2 .   ? 2.889   13.914  -2.096  1.00 30.70 ? 2094 HOH A O   1 
HETATM 1038 O O   . HOH B 2 .   ? 2.071   14.339  -6.053  1.00 47.08 ? 2095 HOH A O   1 
HETATM 1039 O O   . HOH B 2 .   ? -2.037  12.388  -7.920  1.00 28.00 ? 2096 HOH A O   1 
HETATM 1040 O O   . HOH B 2 .   ? -0.823  11.946  -11.759 1.00 58.93 ? 2097 HOH A O   1 
HETATM 1041 O O   . HOH B 2 .   ? 0.927   6.582   -13.874 1.00 41.38 ? 2098 HOH A O   1 
HETATM 1042 O O   . HOH B 2 .   ? -11.142 -13.496 -3.897  1.00 39.66 ? 2099 HOH A O   1 
HETATM 1043 O O   . HOH B 2 .   ? -7.589  8.151   -10.247 1.00 27.56 ? 2100 HOH A O   1 
HETATM 1044 O O   . HOH B 2 .   ? -10.203 -1.380  -9.074  1.00 30.15 ? 2101 HOH A O   1 
HETATM 1045 O O   . HOH B 2 .   ? -4.902  3.234   -11.211 1.00 34.35 ? 2102 HOH A O   1 
HETATM 1046 O O   . HOH B 2 .   ? 3.445   -8.869  10.609  1.00 28.57 ? 2103 HOH A O   1 
HETATM 1047 O O   . HOH B 2 .   ? -13.054 4.143   -2.731  1.00 34.87 ? 2104 HOH A O   1 
HETATM 1048 O O   . HOH B 2 .   ? -12.136 3.277   -9.702  1.00 56.92 ? 2105 HOH A O   1 
HETATM 1049 O O   . HOH B 2 .   ? -12.693 0.840   -9.412  1.00 38.87 ? 2106 HOH A O   1 
HETATM 1050 O O   . HOH B 2 .   ? -3.179  -4.195  17.210  1.00 43.73 ? 2107 HOH A O   1 
HETATM 1051 O O   . HOH B 2 .   ? -7.510  -2.258  9.643   1.00 56.75 ? 2108 HOH A O   1 
HETATM 1052 O O   . HOH B 2 .   ? -11.303 -3.118  -7.137  1.00 36.21 ? 2109 HOH A O   1 
HETATM 1053 O O   . HOH B 2 .   ? 8.177   6.291   13.226  1.00 35.82 ? 2110 HOH A O   1 
HETATM 1054 O O   . HOH B 2 .   ? 9.923   4.407   11.996  1.00 30.77 ? 2111 HOH A O   1 
HETATM 1055 O O   . HOH B 2 .   ? 11.545  3.334   7.954   1.00 33.86 ? 2112 HOH A O   1 
HETATM 1056 O O   . HOH B 2 .   ? -10.497 -0.509  6.519   1.00 47.90 ? 2113 HOH A O   1 
HETATM 1057 O O   . HOH B 2 .   ? -9.112  -4.096  3.439   1.00 44.52 ? 2114 HOH A O   1 
HETATM 1058 O O   . HOH B 2 .   ? -14.904 -0.611  -4.506  0.50 17.07 ? 2115 HOH A O   1 
HETATM 1059 O O   . HOH B 2 .   ? 12.470  1.458   6.384   1.00 38.89 ? 2116 HOH A O   1 
HETATM 1060 O O   . HOH B 2 .   ? -11.964 -7.486  -5.650  1.00 44.11 ? 2117 HOH A O   1 
HETATM 1061 O O   . HOH B 2 .   ? -9.889  -9.192  -8.158  1.00 45.86 ? 2118 HOH A O   1 
HETATM 1062 O O   . HOH B 2 .   ? -12.801 8.164   -4.817  1.00 51.55 ? 2119 HOH A O   1 
HETATM 1063 O O   . HOH B 2 .   ? 6.821   -5.712  5.665   1.00 33.26 ? 2120 HOH A O   1 
HETATM 1064 O O   . HOH B 2 .   ? 4.452   -10.986 5.924   1.00 28.74 ? 2121 HOH A O   1 
HETATM 1065 O O   . HOH B 2 .   ? 1.495   -8.363  8.818   1.00 24.01 ? 2122 HOH A O   1 
HETATM 1066 O O   . HOH B 2 .   ? 4.961   -5.682  9.339   1.00 29.65 ? 2123 HOH A O   1 
HETATM 1067 O O   . HOH B 2 .   ? 0.967   -15.853 4.266   1.00 29.42 ? 2124 HOH A O   1 
HETATM 1068 O O   . HOH B 2 .   ? 4.381   -13.743 5.117   1.00 35.04 ? 2125 HOH A O   1 
HETATM 1069 O O   . HOH B 2 .   ? 21.312  -8.384  0.326   1.00 57.06 ? 2126 HOH A O   1 
HETATM 1070 O O   . HOH B 2 .   ? 10.019  -13.082 -0.095  1.00 33.90 ? 2127 HOH A O   1 
HETATM 1071 O O   . HOH B 2 .   ? 13.024  -11.839 -0.621  1.00 40.14 ? 2128 HOH A O   1 
HETATM 1072 O O   . HOH B 2 .   ? 11.135  -8.204  0.481   1.00 31.21 ? 2129 HOH A O   1 
HETATM 1073 O O   . HOH B 2 .   ? -0.404  -8.164  -1.416  1.00 22.07 ? 2130 HOH A O   1 
HETATM 1074 O O   . HOH B 2 .   ? -0.473  -12.775 -7.370  1.00 31.79 ? 2131 HOH A O   1 
HETATM 1075 O O   . HOH B 2 .   ? -2.950  -12.613 -6.956  1.00 46.11 ? 2132 HOH A O   1 
HETATM 1076 O O   . HOH B 2 .   ? -2.549  -3.453  -13.199 1.00 26.73 ? 2133 HOH A O   1 
HETATM 1077 O O   . HOH B 2 .   ? -3.960  -10.938 -8.844  1.00 28.88 ? 2134 HOH A O   1 
HETATM 1078 O O   . HOH B 2 .   ? -3.727  -5.696  -14.729 1.00 38.47 ? 2135 HOH A O   1 
HETATM 1079 O O   . HOH B 2 .   ? -7.082  -8.814  -15.618 1.00 41.89 ? 2136 HOH A O   1 
HETATM 1080 O O   . HOH B 2 .   ? -5.927  -8.813  -7.665  1.00 37.71 ? 2137 HOH A O   1 
HETATM 1081 O O   . HOH B 2 .   ? -9.731  19.423  5.635   1.00 48.19 ? 2138 HOH A O   1 
HETATM 1082 O O   . HOH B 2 .   ? -12.524 19.495  7.873   1.00 34.68 ? 2139 HOH A O   1 
HETATM 1083 O O   . HOH B 2 .   ? -1.565  17.220  4.064   1.00 34.28 ? 2140 HOH A O   1 
HETATM 1084 O O   . HOH B 2 .   ? -2.517  18.342  -1.376  1.00 48.68 ? 2141 HOH A O   1 
HETATM 1085 O O   . HOH B 2 .   ? -3.761  -1.345  -19.414 1.00 51.10 ? 2142 HOH A O   1 
HETATM 1086 O O   . HOH B 2 .   ? -3.576  -2.363  -15.484 1.00 41.18 ? 2143 HOH A O   1 
HETATM 1087 O O   . HOH B 2 .   ? -0.872  -6.458  -14.410 1.00 24.67 ? 2144 HOH A O   1 
HETATM 1088 O O   . HOH B 2 .   ? 1.712   -1.886  -20.194 1.00 51.48 ? 2145 HOH A O   1 
HETATM 1089 O O   . HOH B 2 .   ? 5.579   19.775  10.083  1.00 33.97 ? 2146 HOH A O   1 
HETATM 1090 O O   . HOH B 2 .   ? -1.157  3.136   -12.173 1.00 32.84 ? 2147 HOH A O   1 
HETATM 1091 O O   . HOH B 2 .   ? 4.348   6.524   -14.975 1.00 27.19 ? 2148 HOH A O   1 
HETATM 1092 O O   . HOH B 2 .   ? -1.372  1.011   -15.764 1.00 45.68 ? 2149 HOH A O   1 
HETATM 1093 O O   . HOH B 2 .   ? -8.661  -2.448  -11.178 1.00 41.40 ? 2150 HOH A O   1 
HETATM 1094 O O   . HOH B 2 .   ? -5.425  0.796   -12.385 1.00 38.12 ? 2151 HOH A O   1 
HETATM 1095 O O   . HOH B 2 .   ? -12.079 0.986   -12.795 1.00 49.62 ? 2152 HOH A O   1 
HETATM 1096 O O   . HOH B 2 .   ? -12.132 5.677   -10.904 1.00 43.33 ? 2153 HOH A O   1 
HETATM 1097 O O   . HOH B 2 .   ? -3.395  -3.660  19.583  1.00 58.70 ? 2154 HOH A O   1 
HETATM 1098 O O   . HOH B 2 .   ? 10.530  3.175   -8.667  1.00 36.59 ? 2155 HOH A O   1 
HETATM 1099 O O   . HOH B 2 .   ? 1.561   1.347   -18.033 1.00 37.33 ? 2156 HOH A O   1 
HETATM 1100 O O   . HOH B 2 .   ? 10.993  5.862   -14.591 1.00 28.37 ? 2157 HOH A O   1 
HETATM 1101 O O   . HOH B 2 .   ? 5.170   6.093   -17.491 1.00 51.23 ? 2158 HOH A O   1 
HETATM 1102 O O   . HOH B 2 .   ? -12.394 -10.794 -6.776  1.00 58.60 ? 2159 HOH A O   1 
HETATM 1103 O O   . HOH B 2 .   ? 9.088   -5.876  4.324   1.00 51.76 ? 2160 HOH A O   1 
HETATM 1104 O O   . HOH B 2 .   ? 12.427  9.320   -5.559  1.00 47.49 ? 2161 HOH A O   1 
HETATM 1105 O O   . HOH B 2 .   ? 12.703  -12.470 2.015   1.00 36.83 ? 2162 HOH A O   1 
HETATM 1106 O O   . HOH B 2 .   ? 15.655  -12.473 1.691   1.00 38.97 ? 2163 HOH A O   1 
HETATM 1107 O O   . HOH B 2 .   ? 14.349  -14.923 0.729   1.00 32.12 ? 2164 HOH A O   1 
HETATM 1108 O O   . HOH B 2 .   ? 15.601  -11.281 -1.589  1.00 36.98 ? 2165 HOH A O   1 
HETATM 1109 O O   . HOH B 2 .   ? 11.078  -12.545 3.119   1.00 35.71 ? 2166 HOH A O   1 
HETATM 1110 O O   . HOH B 2 .   ? 9.635   6.982   -16.706 1.00 36.63 ? 2167 HOH A O   1 
HETATM 1111 O O   . HOH B 2 .   ? -4.139  -7.958  -15.469 1.00 40.56 ? 2168 HOH A O   1 
HETATM 1112 O O   . HOH B 2 .   ? -5.759  -2.797  -18.566 1.00 54.47 ? 2169 HOH A O   1 
HETATM 1113 O O   . HOH B 2 .   ? 4.604   16.020  -9.510  1.00 48.00 ? 2170 HOH A O   1 
HETATM 1114 O O   . HOH B 2 .   ? 14.083  11.450  -8.783  1.00 34.69 ? 2171 HOH A O   1 
HETATM 1115 O O   . HOH B 2 .   ? 7.367   12.284  -11.497 1.00 50.10 ? 2172 HOH A O   1 
# 
